data_4ADM
#
_entry.id   4ADM
#
_cell.length_a   188.940
_cell.length_b   96.490
_cell.length_c   139.650
_cell.angle_alpha   90.00
_cell.angle_beta   112.44
_cell.angle_gamma   90.00
#
_symmetry.space_group_name_H-M   'C 1 2 1'
#
loop_
_entity.id
_entity.type
_entity.pdbx_description
1 polymer 'FUMARATE HYDRATASE CLASS II'
2 non-polymer GLYCEROL
3 non-polymer 'S,R MESO-TARTARIC ACID'
4 water water
#
_entity_poly.entity_id   1
_entity_poly.type   'polypeptide(L)'
_entity_poly.pdbx_seq_one_letter_code
;MSYYHHHHHHLESTSLYKKAGSMAVDADSANYRIEHDTMGEVRVPAKALWRAQTQRAVENFPISGRGLERTQIRALGLLK
GACAQVNSDLGLLAPEKADAIIAAAAEIADGQHDDQFPIDVFQTGSGTSSNMNTNEVIASIAAKGGVTLHPNDDVNMSQS
SNDTFPTATHIAATEAAVAHLIPALQQLHDALAAKALDWHTVVKSGRTHLMDAVPVTLGQEFSGYARQIEAGIERVRACL
PRLGELAIGGTAVGTGLNAPDDFGVRVVAVLVAQTGLSELRTAANSFEAQAARDGLVEASGALRTIAVSLTKIANDIRWM
GSGPLTGLAEIQLPDLQPGSSIMPGKVNPVLPEAVTQVAAQVIGNDAAIAWGGANGAFELNVYIPMMARNILESFKLLTN
VSRLFAQRCIAGLTANVEHLRRLAESSPSIVTPLNSAIGYEEAAAVAKQALKERKTIRQTVIDRGLIGDRLSIEDLDRRL
DVLAMAKAEQLDSDR
;
_entity_poly.pdbx_strand_id   A,B,C,D
#
# COMPACT_ATOMS: atom_id res chain seq x y z
N ASN A 31 -24.24 -17.78 35.40
CA ASN A 31 -25.55 -18.31 35.05
C ASN A 31 -25.65 -18.47 33.53
N TYR A 32 -26.21 -19.59 33.06
CA TYR A 32 -26.35 -19.88 31.62
C TYR A 32 -27.68 -20.59 31.34
N ARG A 33 -28.12 -20.53 30.08
CA ARG A 33 -29.31 -21.21 29.59
C ARG A 33 -28.94 -21.98 28.32
N ILE A 34 -29.76 -22.97 27.96
CA ILE A 34 -29.50 -23.76 26.75
C ILE A 34 -30.28 -23.19 25.57
N GLU A 35 -29.56 -22.96 24.47
CA GLU A 35 -30.12 -22.55 23.19
C GLU A 35 -29.68 -23.61 22.18
N HIS A 36 -30.31 -23.66 21.01
CA HIS A 36 -29.89 -24.66 20.02
C HIS A 36 -29.95 -24.10 18.62
N ASP A 37 -29.18 -24.70 17.72
CA ASP A 37 -29.20 -24.39 16.31
C ASP A 37 -29.13 -25.72 15.56
N THR A 38 -28.92 -25.71 14.23
CA THR A 38 -28.93 -26.96 13.48
C THR A 38 -27.64 -27.80 13.73
N MET A 39 -26.68 -27.23 14.44
CA MET A 39 -25.46 -27.96 14.80
C MET A 39 -25.51 -28.55 16.21
N GLY A 40 -26.51 -28.14 16.98
CA GLY A 40 -26.68 -28.68 18.33
C GLY A 40 -26.96 -27.66 19.40
N GLU A 41 -26.82 -28.10 20.67
CA GLU A 41 -27.08 -27.28 21.85
C GLU A 41 -25.87 -26.47 22.24
N VAL A 42 -26.12 -25.22 22.69
CA VAL A 42 -25.09 -24.24 23.09
C VAL A 42 -25.49 -23.59 24.41
N ARG A 43 -24.52 -23.42 25.32
CA ARG A 43 -24.68 -22.72 26.59
C ARG A 43 -24.51 -21.24 26.34
N VAL A 44 -25.56 -20.46 26.62
CA VAL A 44 -25.58 -19.01 26.38
C VAL A 44 -25.72 -18.29 27.72
N PRO A 45 -25.00 -17.15 27.99
CA PRO A 45 -25.21 -16.44 29.27
C PRO A 45 -26.68 -16.15 29.52
N ALA A 46 -27.17 -16.45 30.73
CA ALA A 46 -28.57 -16.34 31.13
C ALA A 46 -29.28 -15.03 30.73
N LYS A 47 -28.61 -13.87 30.90
CA LYS A 47 -29.20 -12.55 30.61
C LYS A 47 -29.03 -12.09 29.14
N ALA A 48 -28.16 -12.76 28.36
CA ALA A 48 -27.90 -12.39 26.96
C ALA A 48 -29.15 -12.52 26.07
N LEU A 49 -29.37 -11.56 25.18
CA LEU A 49 -30.49 -11.56 24.24
C LEU A 49 -30.12 -12.33 22.96
N TRP A 50 -28.83 -12.55 22.73
CA TRP A 50 -28.39 -13.34 21.59
C TRP A 50 -28.64 -14.83 21.91
N ARG A 51 -28.48 -15.71 20.90
CA ARG A 51 -28.76 -17.12 21.14
C ARG A 51 -27.59 -18.00 20.69
N ALA A 52 -27.86 -19.27 20.27
CA ALA A 52 -26.83 -20.26 19.98
C ALA A 52 -25.80 -19.84 18.93
N GLN A 53 -26.23 -19.30 17.79
CA GLN A 53 -25.29 -19.01 16.72
C GLN A 53 -24.39 -17.84 17.08
N THR A 54 -24.91 -16.83 17.82
CA THR A 54 -24.05 -15.70 18.24
C THR A 54 -23.03 -16.21 19.25
N GLN A 55 -23.48 -17.07 20.17
CA GLN A 55 -22.56 -17.61 21.17
C GLN A 55 -21.45 -18.45 20.51
N ARG A 56 -21.76 -19.26 19.45
CA ARG A 56 -20.70 -19.99 18.74
C ARG A 56 -19.69 -19.02 18.19
N ALA A 57 -20.18 -17.91 17.59
CA ALA A 57 -19.30 -16.89 16.99
C ALA A 57 -18.45 -16.17 18.02
N VAL A 58 -18.97 -15.95 19.23
CA VAL A 58 -18.19 -15.35 20.32
C VAL A 58 -16.97 -16.26 20.61
N GLU A 59 -17.17 -17.58 20.61
CA GLU A 59 -16.11 -18.54 20.91
C GLU A 59 -15.18 -18.80 19.73
N ASN A 60 -15.69 -18.67 18.50
CA ASN A 60 -14.88 -18.93 17.31
C ASN A 60 -13.97 -17.77 16.92
N PHE A 61 -14.38 -16.54 17.22
CA PHE A 61 -13.60 -15.39 16.71
C PHE A 61 -13.10 -14.39 17.78
N PRO A 62 -12.50 -14.80 18.91
CA PRO A 62 -11.94 -13.78 19.84
C PRO A 62 -10.59 -13.29 19.27
N ILE A 63 -10.65 -12.32 18.36
CA ILE A 63 -9.46 -11.89 17.61
C ILE A 63 -9.06 -10.45 17.88
N SER A 64 -9.94 -9.47 17.61
CA SER A 64 -9.60 -8.07 17.84
C SER A 64 -10.18 -7.54 19.14
N GLY A 65 -11.22 -8.18 19.65
CA GLY A 65 -11.91 -7.74 20.87
C GLY A 65 -12.85 -6.57 20.59
N ARG A 66 -13.08 -6.26 19.31
CA ARG A 66 -13.98 -5.18 18.90
C ARG A 66 -15.06 -5.72 17.97
N GLY A 67 -16.30 -5.29 18.20
CA GLY A 67 -17.44 -5.70 17.40
C GLY A 67 -17.87 -4.61 16.45
N LEU A 68 -19.10 -4.75 15.95
CA LEU A 68 -19.70 -3.76 15.07
C LEU A 68 -19.82 -2.42 15.73
N GLU A 69 -19.69 -1.37 14.93
CA GLU A 69 -19.84 -0.01 15.45
C GLU A 69 -21.31 0.34 15.54
N ARG A 70 -21.62 1.41 16.29
CA ARG A 70 -23.00 1.92 16.44
C ARG A 70 -23.64 2.13 15.08
N THR A 71 -22.90 2.70 14.09
CA THR A 71 -23.51 2.96 12.78
C THR A 71 -23.89 1.68 12.02
N GLN A 72 -23.12 0.60 12.22
CA GLN A 72 -23.38 -0.71 11.61
C GLN A 72 -24.59 -1.38 12.23
N ILE A 73 -24.69 -1.33 13.56
CA ILE A 73 -25.83 -1.91 14.26
C ILE A 73 -27.09 -1.15 13.85
N ARG A 74 -26.99 0.20 13.75
CA ARG A 74 -28.13 1.02 13.31
C ARG A 74 -28.61 0.58 11.92
N ALA A 75 -27.68 0.42 10.95
CA ALA A 75 -28.07 0.01 9.59
C ALA A 75 -28.68 -1.39 9.59
N LEU A 76 -28.14 -2.34 10.38
CA LEU A 76 -28.71 -3.70 10.42
C LEU A 76 -30.12 -3.66 11.01
N GLY A 77 -30.33 -2.84 12.05
CA GLY A 77 -31.64 -2.74 12.67
C GLY A 77 -32.65 -2.09 11.73
N LEU A 78 -32.21 -1.08 10.98
CA LEU A 78 -33.07 -0.39 10.03
C LEU A 78 -33.47 -1.35 8.91
N LEU A 79 -32.50 -2.09 8.39
CA LEU A 79 -32.73 -3.00 7.29
C LEU A 79 -33.63 -4.15 7.73
N LYS A 80 -33.43 -4.71 8.94
CA LYS A 80 -34.33 -5.80 9.43
C LYS A 80 -35.77 -5.33 9.56
N GLY A 81 -35.97 -4.10 10.03
CA GLY A 81 -37.32 -3.53 10.15
C GLY A 81 -37.95 -3.31 8.80
N ALA A 82 -37.15 -2.82 7.80
CA ALA A 82 -37.68 -2.58 6.45
C ALA A 82 -38.09 -3.92 5.78
N CYS A 83 -37.30 -4.99 6.01
CA CYS A 83 -37.61 -6.30 5.45
C CYS A 83 -38.90 -6.82 6.02
N ALA A 84 -39.10 -6.68 7.35
CA ALA A 84 -40.36 -7.13 7.99
C ALA A 84 -41.55 -6.36 7.45
N GLN A 85 -41.38 -5.05 7.21
CA GLN A 85 -42.45 -4.21 6.68
C GLN A 85 -42.87 -4.71 5.28
N VAL A 86 -41.90 -4.97 4.40
CA VAL A 86 -42.18 -5.42 3.03
C VAL A 86 -42.77 -6.84 3.07
N ASN A 87 -42.22 -7.75 3.91
CA ASN A 87 -42.81 -9.10 4.02
C ASN A 87 -44.26 -9.04 4.48
N SER A 88 -44.57 -8.10 5.39
CA SER A 88 -45.93 -7.85 5.88
C SER A 88 -46.85 -7.29 4.75
N ASP A 89 -46.32 -6.32 3.98
CA ASP A 89 -47.04 -5.68 2.87
C ASP A 89 -47.41 -6.68 1.78
N LEU A 90 -46.54 -7.69 1.58
CA LEU A 90 -46.74 -8.71 0.56
C LEU A 90 -47.52 -9.90 1.09
N GLY A 91 -47.96 -9.81 2.34
CA GLY A 91 -48.76 -10.84 3.01
C GLY A 91 -48.03 -12.14 3.29
N LEU A 92 -46.69 -12.09 3.39
CA LEU A 92 -45.88 -13.29 3.62
C LEU A 92 -45.62 -13.51 5.09
N LEU A 93 -45.80 -12.47 5.90
CA LEU A 93 -45.51 -12.53 7.33
C LEU A 93 -46.73 -11.98 8.06
N ALA A 94 -47.26 -12.75 9.04
CA ALA A 94 -48.44 -12.37 9.82
C ALA A 94 -48.24 -11.01 10.51
N PRO A 95 -49.29 -10.16 10.60
CA PRO A 95 -49.10 -8.81 11.17
C PRO A 95 -48.53 -8.78 12.60
N GLU A 96 -48.93 -9.73 13.47
CA GLU A 96 -48.43 -9.83 14.85
C GLU A 96 -46.89 -10.01 14.86
N LYS A 97 -46.40 -10.92 14.00
CA LYS A 97 -44.97 -11.21 13.88
C LYS A 97 -44.23 -10.03 13.26
N ALA A 98 -44.80 -9.40 12.21
CA ALA A 98 -44.18 -8.24 11.56
C ALA A 98 -44.09 -7.06 12.54
N ASP A 99 -45.18 -6.80 13.32
CA ASP A 99 -45.18 -5.74 14.32
C ASP A 99 -44.09 -5.97 15.39
N ALA A 100 -43.94 -7.23 15.85
CA ALA A 100 -42.93 -7.60 16.85
C ALA A 100 -41.52 -7.35 16.31
N ILE A 101 -41.28 -7.73 15.04
CA ILE A 101 -39.97 -7.52 14.43
C ILE A 101 -39.68 -6.04 14.29
N ILE A 102 -40.63 -5.27 13.75
CA ILE A 102 -40.45 -3.84 13.50
C ILE A 102 -40.14 -3.10 14.82
N ALA A 103 -40.87 -3.41 15.90
CA ALA A 103 -40.65 -2.80 17.21
C ALA A 103 -39.25 -3.13 17.74
N ALA A 104 -38.85 -4.43 17.69
CA ALA A 104 -37.52 -4.87 18.14
C ALA A 104 -36.41 -4.26 17.29
N ALA A 105 -36.60 -4.25 15.97
CA ALA A 105 -35.61 -3.68 15.05
C ALA A 105 -35.43 -2.19 15.29
N ALA A 106 -36.51 -1.47 15.65
CA ALA A 106 -36.43 -0.04 15.93
C ALA A 106 -35.59 0.21 17.19
N GLU A 107 -35.78 -0.61 18.24
CA GLU A 107 -35.00 -0.56 19.49
C GLU A 107 -33.51 -0.77 19.21
N ILE A 108 -33.18 -1.78 18.37
CA ILE A 108 -31.80 -2.05 17.96
C ILE A 108 -31.24 -0.85 17.19
N ALA A 109 -31.99 -0.34 16.20
CA ALA A 109 -31.52 0.78 15.38
C ALA A 109 -31.23 2.02 16.23
N ASP A 110 -32.04 2.25 17.27
CA ASP A 110 -31.92 3.40 18.19
C ASP A 110 -30.76 3.27 19.18
N GLY A 111 -30.15 2.09 19.25
CA GLY A 111 -29.00 1.86 20.13
C GLY A 111 -29.31 1.43 21.54
N GLN A 112 -30.46 0.79 21.74
CA GLN A 112 -30.86 0.31 23.06
C GLN A 112 -30.26 -1.06 23.40
N HIS A 113 -29.62 -1.74 22.40
CA HIS A 113 -29.13 -3.09 22.62
C HIS A 113 -27.73 -3.34 22.05
N ASP A 114 -26.88 -2.31 21.96
CA ASP A 114 -25.53 -2.48 21.38
C ASP A 114 -24.68 -3.49 22.16
N ASP A 115 -24.93 -3.64 23.47
CA ASP A 115 -24.18 -4.62 24.28
C ASP A 115 -24.62 -6.07 23.96
N GLN A 116 -25.66 -6.23 23.09
CA GLN A 116 -26.14 -7.55 22.69
C GLN A 116 -25.53 -7.99 21.36
N PHE A 117 -24.50 -7.25 20.88
CA PHE A 117 -23.81 -7.53 19.62
C PHE A 117 -22.31 -7.76 19.93
N PRO A 118 -21.97 -8.93 20.49
CA PRO A 118 -20.60 -9.15 20.97
C PRO A 118 -19.61 -9.72 19.95
N ILE A 119 -20.06 -10.04 18.74
CA ILE A 119 -19.24 -10.73 17.75
C ILE A 119 -18.16 -9.83 17.24
N ASP A 120 -16.94 -10.39 17.13
CA ASP A 120 -15.79 -9.69 16.57
C ASP A 120 -16.01 -9.26 15.13
N VAL A 121 -15.32 -8.19 14.71
CA VAL A 121 -15.28 -7.77 13.31
C VAL A 121 -14.72 -8.90 12.47
N PHE A 122 -13.71 -9.63 12.99
CA PHE A 122 -13.03 -10.66 12.22
C PHE A 122 -13.74 -11.99 12.35
N GLN A 123 -14.92 -12.04 11.76
CA GLN A 123 -15.80 -13.22 11.74
C GLN A 123 -15.88 -13.79 10.33
N THR A 124 -16.77 -14.77 10.10
CA THR A 124 -17.00 -15.29 8.75
C THR A 124 -17.22 -14.10 7.81
N GLY A 125 -16.62 -14.19 6.64
CA GLY A 125 -16.51 -13.10 5.68
C GLY A 125 -17.78 -12.56 5.06
N SER A 126 -18.88 -13.24 5.24
CA SER A 126 -20.16 -12.79 4.73
C SER A 126 -20.89 -11.95 5.76
N GLY A 127 -20.43 -11.96 7.01
CA GLY A 127 -21.21 -11.31 8.06
C GLY A 127 -22.37 -12.17 8.53
N THR A 128 -22.36 -13.51 8.20
CA THR A 128 -23.41 -14.42 8.65
C THR A 128 -23.69 -14.31 10.16
N SER A 129 -22.61 -14.28 10.96
CA SER A 129 -22.71 -14.27 12.40
C SER A 129 -23.38 -12.98 12.91
N SER A 130 -23.03 -11.82 12.37
CA SER A 130 -23.74 -10.58 12.79
C SER A 130 -25.18 -10.56 12.29
N ASN A 131 -25.48 -11.16 11.11
CA ASN A 131 -26.86 -11.21 10.64
C ASN A 131 -27.68 -12.07 11.61
N MET A 132 -27.13 -13.25 12.01
CA MET A 132 -27.83 -14.13 12.95
C MET A 132 -27.89 -13.47 14.33
N ASN A 133 -26.89 -12.64 14.68
CA ASN A 133 -26.93 -11.88 15.93
C ASN A 133 -28.15 -10.96 15.96
N THR A 134 -28.43 -10.28 14.83
CA THR A 134 -29.61 -9.40 14.74
C THR A 134 -30.91 -10.24 14.81
N ASN A 135 -30.94 -11.38 14.09
CA ASN A 135 -32.11 -12.25 14.09
C ASN A 135 -32.42 -12.79 15.47
N GLU A 136 -31.41 -13.27 16.19
CA GLU A 136 -31.57 -13.87 17.51
C GLU A 136 -31.97 -12.86 18.56
N VAL A 137 -31.40 -11.64 18.52
CA VAL A 137 -31.71 -10.58 19.49
C VAL A 137 -33.16 -10.11 19.27
N ILE A 138 -33.57 -9.97 18.00
CA ILE A 138 -34.97 -9.59 17.71
C ILE A 138 -35.91 -10.66 18.29
N ALA A 139 -35.59 -11.98 18.05
CA ALA A 139 -36.45 -13.06 18.57
C ALA A 139 -36.55 -13.01 20.08
N SER A 140 -35.42 -12.71 20.78
CA SER A 140 -35.46 -12.62 22.25
C SER A 140 -36.26 -11.39 22.72
N ILE A 141 -36.12 -10.24 22.04
CA ILE A 141 -36.90 -9.03 22.41
C ILE A 141 -38.39 -9.32 22.24
N ALA A 142 -38.77 -9.95 21.10
CA ALA A 142 -40.17 -10.26 20.80
C ALA A 142 -40.76 -11.25 21.80
N ALA A 143 -39.95 -12.21 22.30
CA ALA A 143 -40.37 -13.21 23.31
C ALA A 143 -40.80 -12.54 24.61
N LYS A 144 -40.15 -11.42 24.98
CA LYS A 144 -40.45 -10.62 26.19
C LYS A 144 -41.81 -9.96 26.05
N GLY A 145 -42.21 -9.71 24.82
CA GLY A 145 -43.50 -9.12 24.47
C GLY A 145 -44.57 -10.16 24.21
N GLY A 146 -44.23 -11.43 24.40
CA GLY A 146 -45.13 -12.56 24.22
C GLY A 146 -45.37 -13.00 22.79
N VAL A 147 -44.38 -12.76 21.88
CA VAL A 147 -44.49 -13.18 20.48
C VAL A 147 -43.33 -14.12 20.17
N THR A 148 -43.63 -15.33 19.66
CA THR A 148 -42.62 -16.32 19.30
C THR A 148 -42.23 -16.16 17.84
N LEU A 149 -40.95 -15.83 17.61
CA LEU A 149 -40.38 -15.69 16.27
C LEU A 149 -39.25 -16.65 16.06
N HIS A 150 -39.20 -17.27 14.89
CA HIS A 150 -38.06 -18.13 14.56
C HIS A 150 -37.00 -17.23 13.91
N PRO A 151 -35.75 -17.21 14.43
CA PRO A 151 -34.73 -16.31 13.87
C PRO A 151 -34.51 -16.48 12.36
N ASN A 152 -34.64 -17.71 11.82
CA ASN A 152 -34.48 -17.94 10.38
C ASN A 152 -35.79 -17.80 9.64
N ASP A 153 -36.80 -18.56 10.04
CA ASP A 153 -38.05 -18.59 9.29
C ASP A 153 -38.82 -17.26 9.32
N ASP A 154 -38.76 -16.48 10.42
CA ASP A 154 -39.55 -15.25 10.51
C ASP A 154 -38.70 -13.99 10.39
N VAL A 155 -37.69 -13.85 11.26
CA VAL A 155 -36.89 -12.62 11.30
C VAL A 155 -36.01 -12.48 10.03
N ASN A 156 -35.62 -13.61 9.42
CA ASN A 156 -34.76 -13.62 8.24
C ASN A 156 -35.56 -13.95 6.97
N MET A 157 -36.91 -13.88 7.02
CA MET A 157 -37.72 -14.22 5.86
C MET A 157 -37.30 -13.38 4.65
N SER A 158 -37.13 -14.03 3.47
CA SER A 158 -36.77 -13.42 2.16
C SER A 158 -35.35 -12.85 2.16
N GLN A 159 -34.50 -13.22 3.15
CA GLN A 159 -33.17 -12.65 3.26
C GLN A 159 -32.05 -13.67 3.33
N SER A 160 -30.83 -13.16 3.11
CA SER A 160 -29.59 -13.90 3.31
C SER A 160 -28.62 -12.91 3.93
N SER A 161 -27.57 -13.39 4.59
CA SER A 161 -26.54 -12.45 5.02
C SER A 161 -25.83 -11.88 3.80
N ASN A 162 -25.81 -12.66 2.69
CA ASN A 162 -25.07 -12.28 1.47
C ASN A 162 -25.60 -11.06 0.83
N ASP A 163 -26.89 -10.75 1.02
CA ASP A 163 -27.40 -9.50 0.50
C ASP A 163 -27.60 -8.48 1.66
N THR A 164 -27.97 -8.94 2.87
CA THR A 164 -28.24 -8.04 4.01
CA THR A 164 -28.24 -8.00 3.96
C THR A 164 -26.96 -7.37 4.57
N PHE A 165 -25.87 -8.15 4.81
CA PHE A 165 -24.67 -7.55 5.43
C PHE A 165 -24.02 -6.49 4.50
N PRO A 166 -23.79 -6.75 3.20
CA PRO A 166 -23.27 -5.67 2.34
C PRO A 166 -24.31 -4.55 2.18
N THR A 167 -25.62 -4.84 2.22
CA THR A 167 -26.61 -3.74 2.13
C THR A 167 -26.43 -2.79 3.32
N ALA A 168 -26.38 -3.38 4.56
CA ALA A 168 -26.20 -2.59 5.78
C ALA A 168 -24.87 -1.85 5.74
N THR A 169 -23.82 -2.48 5.15
CA THR A 169 -22.54 -1.80 5.02
C THR A 169 -22.62 -0.59 4.08
N HIS A 170 -23.25 -0.77 2.89
CA HIS A 170 -23.39 0.32 1.94
C HIS A 170 -24.36 1.40 2.46
N ILE A 171 -25.38 1.02 3.28
CA ILE A 171 -26.25 2.05 3.88
C ILE A 171 -25.40 2.91 4.83
N ALA A 172 -24.62 2.25 5.72
CA ALA A 172 -23.79 3.01 6.67
C ALA A 172 -22.77 3.86 5.94
N ALA A 173 -22.16 3.33 4.87
CA ALA A 173 -21.14 4.09 4.14
C ALA A 173 -21.75 5.30 3.45
N THR A 174 -22.93 5.13 2.82
CA THR A 174 -23.60 6.23 2.11
C THR A 174 -24.02 7.31 3.11
N GLU A 175 -24.59 6.90 4.26
CA GLU A 175 -24.94 7.86 5.30
C GLU A 175 -23.69 8.63 5.77
N ALA A 176 -22.58 7.92 6.00
CA ALA A 176 -21.35 8.58 6.44
C ALA A 176 -20.88 9.61 5.41
N ALA A 177 -20.96 9.27 4.12
CA ALA A 177 -20.54 10.20 3.07
C ALA A 177 -21.44 11.41 2.94
N VAL A 178 -22.75 11.19 2.86
CA VAL A 178 -23.71 12.26 2.57
C VAL A 178 -24.00 13.14 3.76
N ALA A 179 -24.26 12.54 4.93
CA ALA A 179 -24.73 13.30 6.08
C ALA A 179 -23.61 13.75 7.01
N HIS A 180 -22.40 13.22 6.83
CA HIS A 180 -21.32 13.56 7.75
C HIS A 180 -20.06 14.08 7.07
N LEU A 181 -19.48 13.30 6.14
CA LEU A 181 -18.22 13.72 5.52
C LEU A 181 -18.38 14.92 4.60
N ILE A 182 -19.39 14.92 3.71
CA ILE A 182 -19.51 16.07 2.79
C ILE A 182 -19.74 17.38 3.59
N PRO A 183 -20.63 17.42 4.61
CA PRO A 183 -20.77 18.66 5.40
C PRO A 183 -19.49 19.07 6.12
N ALA A 184 -18.72 18.10 6.64
CA ALA A 184 -17.44 18.39 7.33
C ALA A 184 -16.43 19.00 6.35
N LEU A 185 -16.35 18.42 5.15
CA LEU A 185 -15.45 18.96 4.11
C LEU A 185 -15.91 20.33 3.66
N GLN A 186 -17.23 20.55 3.56
CA GLN A 186 -17.75 21.85 3.20
C GLN A 186 -17.34 22.91 4.25
N GLN A 187 -17.40 22.53 5.54
CA GLN A 187 -16.96 23.41 6.63
C GLN A 187 -15.49 23.75 6.49
N LEU A 188 -14.66 22.75 6.14
CA LEU A 188 -13.23 22.99 5.96
C LEU A 188 -12.97 23.83 4.72
N HIS A 189 -13.70 23.54 3.63
CA HIS A 189 -13.59 24.37 2.43
C HIS A 189 -13.89 25.85 2.75
N ASP A 190 -15.00 26.12 3.46
CA ASP A 190 -15.43 27.47 3.79
C ASP A 190 -14.42 28.17 4.68
N ALA A 191 -13.78 27.46 5.62
CA ALA A 191 -12.74 28.06 6.47
C ALA A 191 -11.52 28.46 5.64
N LEU A 192 -11.09 27.57 4.73
CA LEU A 192 -9.96 27.84 3.84
C LEU A 192 -10.28 28.99 2.90
N ALA A 193 -11.49 29.00 2.31
CA ALA A 193 -11.91 30.06 1.38
C ALA A 193 -11.97 31.43 2.07
N ALA A 194 -12.38 31.45 3.35
CA ALA A 194 -12.45 32.70 4.13
C ALA A 194 -11.05 33.29 4.28
N LYS A 195 -10.03 32.42 4.48
CA LYS A 195 -8.63 32.84 4.59
C LYS A 195 -8.11 33.29 3.23
N ALA A 196 -8.50 32.58 2.13
CA ALA A 196 -8.10 32.98 0.77
C ALA A 196 -8.56 34.41 0.50
N LEU A 197 -9.77 34.77 0.98
CA LEU A 197 -10.31 36.12 0.81
C LEU A 197 -9.63 37.13 1.75
N ASP A 198 -9.55 36.82 3.06
CA ASP A 198 -8.93 37.73 4.04
C ASP A 198 -7.47 38.07 3.71
N TRP A 199 -6.74 37.10 3.12
CA TRP A 199 -5.32 37.26 2.85
C TRP A 199 -5.00 37.47 1.37
N HIS A 200 -5.98 37.97 0.61
CA HIS A 200 -5.87 38.19 -0.83
C HIS A 200 -4.65 39.02 -1.22
N THR A 201 -4.25 40.02 -0.42
CA THR A 201 -3.08 40.84 -0.80
C THR A 201 -1.93 40.70 0.21
N VAL A 202 -1.91 39.61 0.98
CA VAL A 202 -0.82 39.38 1.93
C VAL A 202 0.29 38.70 1.12
N VAL A 203 1.18 39.53 0.56
CA VAL A 203 2.25 39.03 -0.29
C VAL A 203 3.31 38.30 0.53
N LYS A 204 3.90 37.26 -0.08
CA LYS A 204 4.95 36.45 0.49
C LYS A 204 5.79 35.86 -0.63
N SER A 205 6.89 35.16 -0.30
CA SER A 205 7.64 34.52 -1.34
C SER A 205 7.06 33.17 -1.61
N GLY A 206 6.86 32.87 -2.89
CA GLY A 206 6.50 31.51 -3.27
C GLY A 206 7.75 30.67 -3.05
N ARG A 207 7.59 29.35 -2.91
CA ARG A 207 8.68 28.41 -2.73
C ARG A 207 8.42 27.23 -3.61
N THR A 208 9.37 26.89 -4.45
CA THR A 208 9.27 25.67 -5.29
C THR A 208 10.55 24.91 -5.04
N HIS A 209 10.41 23.58 -4.82
CA HIS A 209 11.57 22.72 -4.46
C HIS A 209 12.14 23.14 -3.11
N LEU A 210 11.38 23.92 -2.32
CA LEU A 210 11.71 24.48 -0.99
C LEU A 210 12.61 25.70 -1.13
N MET A 211 12.83 26.14 -2.38
CA MET A 211 13.76 27.24 -2.65
C MET A 211 13.02 28.50 -3.02
N ASP A 212 13.61 29.66 -2.76
CA ASP A 212 13.00 30.95 -3.02
C ASP A 212 12.52 31.06 -4.47
N ALA A 213 11.24 31.38 -4.64
CA ALA A 213 10.65 31.54 -5.96
C ALA A 213 10.08 32.95 -6.08
N VAL A 214 9.14 33.13 -7.01
CA VAL A 214 8.57 34.45 -7.24
C VAL A 214 7.40 34.71 -6.23
N PRO A 215 6.94 35.97 -6.07
CA PRO A 215 5.90 36.23 -5.07
C PRO A 215 4.55 35.56 -5.34
N VAL A 216 3.86 35.29 -4.25
CA VAL A 216 2.49 34.78 -4.23
C VAL A 216 1.82 35.48 -3.07
N THR A 217 0.52 35.32 -2.92
CA THR A 217 -0.10 35.83 -1.72
C THR A 217 -0.49 34.65 -0.89
N LEU A 218 -0.60 34.86 0.41
CA LEU A 218 -1.07 33.79 1.32
C LEU A 218 -2.49 33.40 0.92
N GLY A 219 -3.25 34.38 0.41
CA GLY A 219 -4.62 34.14 -0.06
C GLY A 219 -4.66 33.19 -1.25
N GLN A 220 -3.73 33.36 -2.20
CA GLN A 220 -3.64 32.47 -3.36
C GLN A 220 -3.34 31.04 -2.93
N GLU A 221 -2.38 30.86 -2.01
CA GLU A 221 -2.08 29.51 -1.51
C GLU A 221 -3.30 28.87 -0.86
N PHE A 222 -4.04 29.64 -0.04
CA PHE A 222 -5.24 29.11 0.62
C PHE A 222 -6.35 28.88 -0.40
N SER A 223 -6.37 29.62 -1.54
CA SER A 223 -7.34 29.33 -2.59
C SER A 223 -7.02 27.95 -3.19
N GLY A 224 -5.74 27.59 -3.25
CA GLY A 224 -5.34 26.25 -3.71
C GLY A 224 -5.81 25.17 -2.76
N TYR A 225 -5.59 25.39 -1.43
CA TYR A 225 -6.06 24.39 -0.42
C TYR A 225 -7.57 24.25 -0.49
N ALA A 226 -8.29 25.40 -0.61
CA ALA A 226 -9.75 25.35 -0.71
C ALA A 226 -10.19 24.51 -1.92
N ARG A 227 -9.51 24.71 -3.08
CA ARG A 227 -9.88 23.91 -4.27
C ARG A 227 -9.62 22.42 -4.04
N GLN A 228 -8.51 22.09 -3.34
CA GLN A 228 -8.24 20.67 -3.06
C GLN A 228 -9.40 20.04 -2.29
N ILE A 229 -9.96 20.78 -1.33
CA ILE A 229 -11.09 20.26 -0.54
C ILE A 229 -12.35 20.23 -1.40
N GLU A 230 -12.63 21.28 -2.21
CA GLU A 230 -13.80 21.29 -3.12
C GLU A 230 -13.69 20.09 -4.08
N ALA A 231 -12.49 19.82 -4.63
CA ALA A 231 -12.28 18.65 -5.50
C ALA A 231 -12.54 17.35 -4.73
N GLY A 232 -12.19 17.32 -3.44
CA GLY A 232 -12.49 16.16 -2.58
C GLY A 232 -13.97 15.92 -2.48
N ILE A 233 -14.76 16.99 -2.28
CA ILE A 233 -16.22 16.88 -2.23
C ILE A 233 -16.73 16.33 -3.58
N GLU A 234 -16.18 16.82 -4.69
CA GLU A 234 -16.57 16.34 -6.03
C GLU A 234 -16.26 14.86 -6.18
N ARG A 235 -15.09 14.42 -5.65
CA ARG A 235 -14.69 13.00 -5.71
C ARG A 235 -15.64 12.12 -4.91
N VAL A 236 -16.04 12.56 -3.71
CA VAL A 236 -17.03 11.80 -2.91
C VAL A 236 -18.36 11.72 -3.66
N ARG A 237 -18.84 12.86 -4.18
CA ARG A 237 -20.11 12.86 -4.89
C ARG A 237 -20.08 11.94 -6.11
N ALA A 238 -18.93 11.90 -6.83
CA ALA A 238 -18.76 11.08 -8.02
C ALA A 238 -18.88 9.57 -7.71
N CYS A 239 -18.57 9.14 -6.49
CA CYS A 239 -18.65 7.70 -6.18
C CYS A 239 -20.03 7.29 -5.66
N LEU A 240 -20.91 8.26 -5.30
CA LEU A 240 -22.23 7.94 -4.72
C LEU A 240 -23.14 7.07 -5.61
N PRO A 241 -23.10 7.17 -6.96
CA PRO A 241 -24.00 6.30 -7.76
C PRO A 241 -23.69 4.84 -7.58
N ARG A 242 -22.44 4.48 -7.19
CA ARG A 242 -22.11 3.07 -6.99
C ARG A 242 -21.97 2.72 -5.52
N LEU A 243 -21.57 3.69 -4.66
CA LEU A 243 -21.52 3.41 -3.20
C LEU A 243 -22.94 3.16 -2.64
N GLY A 244 -23.95 3.85 -3.17
CA GLY A 244 -25.31 3.73 -2.70
C GLY A 244 -26.04 2.51 -3.25
N GLU A 245 -25.40 1.71 -4.13
CA GLU A 245 -26.05 0.48 -4.67
C GLU A 245 -26.14 -0.56 -3.57
N LEU A 246 -27.33 -1.13 -3.40
CA LEU A 246 -27.60 -2.12 -2.39
C LEU A 246 -27.92 -3.47 -3.02
N ALA A 247 -27.45 -4.55 -2.38
CA ALA A 247 -27.65 -5.93 -2.87
C ALA A 247 -28.99 -6.51 -2.47
N ILE A 248 -29.71 -5.82 -1.55
CA ILE A 248 -30.97 -6.36 -0.98
C ILE A 248 -31.92 -6.88 -2.08
N GLY A 249 -32.36 -8.13 -1.88
CA GLY A 249 -33.24 -8.81 -2.82
C GLY A 249 -32.56 -9.93 -3.59
N GLY A 250 -31.21 -9.93 -3.64
CA GLY A 250 -30.46 -10.95 -4.38
C GLY A 250 -30.33 -12.28 -3.67
N THR A 251 -30.63 -12.29 -2.36
CA THR A 251 -30.56 -13.39 -1.40
C THR A 251 -29.20 -14.12 -1.46
N ALA A 252 -29.20 -15.46 -1.54
CA ALA A 252 -27.97 -16.26 -1.38
C ALA A 252 -26.86 -15.96 -2.41
N VAL A 253 -27.20 -15.85 -3.69
CA VAL A 253 -26.16 -15.76 -4.75
C VAL A 253 -26.41 -14.66 -5.79
N GLY A 254 -27.49 -13.91 -5.65
CA GLY A 254 -27.85 -12.86 -6.58
C GLY A 254 -29.07 -13.18 -7.42
N THR A 255 -29.58 -14.43 -7.35
CA THR A 255 -30.72 -14.83 -8.16
C THR A 255 -32.08 -14.43 -7.56
N GLY A 256 -32.09 -14.04 -6.28
CA GLY A 256 -33.35 -13.67 -5.63
C GLY A 256 -34.17 -14.86 -5.17
N LEU A 257 -33.58 -16.04 -5.16
CA LEU A 257 -34.27 -17.26 -4.71
C LEU A 257 -34.77 -17.08 -3.28
N ASN A 258 -36.05 -17.46 -3.02
CA ASN A 258 -36.73 -17.37 -1.71
C ASN A 258 -37.10 -15.92 -1.32
N ALA A 259 -36.96 -14.98 -2.26
CA ALA A 259 -37.46 -13.63 -2.04
C ALA A 259 -38.50 -13.30 -3.11
N PRO A 260 -39.51 -12.45 -2.81
CA PRO A 260 -40.41 -11.97 -3.89
C PRO A 260 -39.60 -11.21 -4.95
N ASP A 261 -40.03 -11.24 -6.23
CA ASP A 261 -39.26 -10.62 -7.33
C ASP A 261 -39.06 -9.11 -7.18
N ASP A 262 -39.94 -8.44 -6.45
CA ASP A 262 -39.78 -6.99 -6.24
C ASP A 262 -39.34 -6.66 -4.80
N PHE A 263 -38.73 -7.65 -4.09
CA PHE A 263 -38.35 -7.42 -2.70
C PHE A 263 -37.38 -6.28 -2.57
N GLY A 264 -36.33 -6.27 -3.39
CA GLY A 264 -35.29 -5.25 -3.33
C GLY A 264 -35.82 -3.87 -3.55
N VAL A 265 -36.60 -3.70 -4.64
CA VAL A 265 -37.14 -2.38 -4.98
CA VAL A 265 -37.13 -2.36 -4.96
C VAL A 265 -38.03 -1.87 -3.83
N ARG A 266 -38.86 -2.75 -3.26
CA ARG A 266 -39.75 -2.37 -2.16
C ARG A 266 -38.97 -2.01 -0.90
N VAL A 267 -37.92 -2.79 -0.54
CA VAL A 267 -37.15 -2.52 0.67
C VAL A 267 -36.40 -1.20 0.50
N VAL A 268 -35.78 -1.01 -0.67
CA VAL A 268 -35.01 0.23 -0.89
C VAL A 268 -35.95 1.45 -0.76
N ALA A 269 -37.19 1.36 -1.28
CA ALA A 269 -38.15 2.47 -1.14
C ALA A 269 -38.44 2.79 0.33
N VAL A 270 -38.60 1.75 1.16
CA VAL A 270 -38.82 1.94 2.60
C VAL A 270 -37.58 2.63 3.23
N LEU A 271 -36.38 2.17 2.86
CA LEU A 271 -35.14 2.72 3.41
C LEU A 271 -34.94 4.19 3.01
N VAL A 272 -35.26 4.53 1.76
CA VAL A 272 -35.13 5.91 1.27
C VAL A 272 -36.12 6.80 2.04
N ALA A 273 -37.37 6.33 2.21
CA ALA A 273 -38.38 7.10 2.92
C ALA A 273 -37.98 7.32 4.39
N GLN A 274 -37.40 6.31 5.06
CA GLN A 274 -37.07 6.40 6.48
C GLN A 274 -35.81 7.18 6.76
N THR A 275 -34.77 7.05 5.91
CA THR A 275 -33.46 7.68 6.12
C THR A 275 -33.34 9.04 5.43
N GLY A 276 -34.18 9.27 4.40
CA GLY A 276 -34.09 10.46 3.57
C GLY A 276 -32.89 10.42 2.63
N LEU A 277 -32.23 9.26 2.52
CA LEU A 277 -31.03 9.10 1.68
C LEU A 277 -31.43 8.70 0.28
N SER A 278 -31.65 9.69 -0.59
CA SER A 278 -32.08 9.39 -1.97
C SER A 278 -30.95 8.71 -2.79
N GLU A 279 -29.71 8.67 -2.21
CA GLU A 279 -28.59 8.03 -2.90
C GLU A 279 -28.68 6.50 -2.86
N LEU A 280 -29.53 5.96 -2.00
CA LEU A 280 -29.69 4.51 -1.92
C LEU A 280 -30.48 4.01 -3.12
N ARG A 281 -29.97 2.95 -3.74
CA ARG A 281 -30.64 2.36 -4.90
C ARG A 281 -30.40 0.89 -4.99
N THR A 282 -31.22 0.22 -5.79
CA THR A 282 -31.03 -1.20 -6.05
C THR A 282 -29.81 -1.35 -6.96
N ALA A 283 -29.10 -2.46 -6.86
CA ALA A 283 -27.90 -2.62 -7.67
C ALA A 283 -28.23 -2.78 -9.14
N ALA A 284 -27.31 -2.27 -9.99
CA ALA A 284 -27.44 -2.39 -11.45
C ALA A 284 -27.45 -3.86 -11.86
N ASN A 285 -26.60 -4.68 -11.20
CA ASN A 285 -26.52 -6.11 -11.46
C ASN A 285 -26.45 -6.83 -10.12
N SER A 286 -27.37 -7.76 -9.88
CA SER A 286 -27.46 -8.45 -8.59
C SER A 286 -26.32 -9.38 -8.30
N PHE A 287 -25.64 -9.87 -9.35
CA PHE A 287 -24.49 -10.78 -9.16
C PHE A 287 -23.25 -9.98 -8.78
N GLU A 288 -22.97 -8.90 -9.51
CA GLU A 288 -21.85 -8.02 -9.21
C GLU A 288 -21.97 -7.49 -7.77
N ALA A 289 -23.20 -7.19 -7.33
CA ALA A 289 -23.45 -6.60 -6.01
C ALA A 289 -23.10 -7.53 -4.87
N GLN A 290 -22.99 -8.85 -5.11
CA GLN A 290 -22.65 -9.78 -4.04
C GLN A 290 -21.30 -10.43 -4.25
N ALA A 291 -20.90 -10.65 -5.51
CA ALA A 291 -19.59 -11.26 -5.83
C ALA A 291 -18.44 -10.28 -5.59
N ALA A 292 -18.77 -8.99 -5.58
CA ALA A 292 -17.74 -7.98 -5.43
C ALA A 292 -18.19 -6.87 -4.50
N ARG A 293 -17.22 -6.11 -3.99
CA ARG A 293 -17.45 -4.95 -3.14
C ARG A 293 -16.70 -3.79 -3.75
N ASP A 294 -16.77 -3.69 -5.08
CA ASP A 294 -15.99 -2.69 -5.83
C ASP A 294 -16.41 -1.25 -5.50
N GLY A 295 -17.67 -1.07 -5.05
CA GLY A 295 -18.17 0.25 -4.63
C GLY A 295 -17.42 0.76 -3.42
N LEU A 296 -17.06 -0.14 -2.50
CA LEU A 296 -16.28 0.24 -1.32
C LEU A 296 -14.84 0.57 -1.71
N VAL A 297 -14.25 -0.21 -2.63
CA VAL A 297 -12.89 0.06 -3.12
C VAL A 297 -12.87 1.46 -3.78
N GLU A 298 -13.88 1.73 -4.63
CA GLU A 298 -13.96 3.03 -5.32
C GLU A 298 -14.06 4.17 -4.30
N ALA A 299 -14.96 4.02 -3.33
CA ALA A 299 -15.18 5.07 -2.30
C ALA A 299 -13.94 5.26 -1.46
N SER A 300 -13.23 4.17 -1.11
CA SER A 300 -11.99 4.30 -0.34
C SER A 300 -10.94 5.08 -1.16
N GLY A 301 -10.94 4.91 -2.49
CA GLY A 301 -10.03 5.67 -3.35
C GLY A 301 -10.28 7.17 -3.25
N ALA A 302 -11.57 7.56 -3.16
CA ALA A 302 -11.91 8.97 -3.00
C ALA A 302 -11.41 9.44 -1.63
N LEU A 303 -11.60 8.63 -0.56
CA LEU A 303 -11.12 9.00 0.77
C LEU A 303 -9.59 9.12 0.81
N ARG A 304 -8.91 8.19 0.14
CA ARG A 304 -7.46 8.18 0.07
C ARG A 304 -7.00 9.49 -0.62
N THR A 305 -7.70 9.92 -1.68
CA THR A 305 -7.31 11.17 -2.35
C THR A 305 -7.49 12.36 -1.41
N ILE A 306 -8.59 12.36 -0.63
CA ILE A 306 -8.81 13.41 0.37
C ILE A 306 -7.66 13.40 1.40
N ALA A 307 -7.27 12.22 1.87
CA ALA A 307 -6.13 12.09 2.82
C ALA A 307 -4.85 12.69 2.22
N VAL A 308 -4.61 12.42 0.92
CA VAL A 308 -3.45 12.97 0.20
C VAL A 308 -3.52 14.52 0.17
N SER A 309 -4.69 15.10 -0.14
CA SER A 309 -4.82 16.57 -0.14
C SER A 309 -4.60 17.13 1.25
N LEU A 310 -5.23 16.48 2.25
CA LEU A 310 -5.14 16.96 3.64
C LEU A 310 -3.70 16.93 4.14
N THR A 311 -2.93 15.92 3.74
CA THR A 311 -1.51 15.84 4.12
C THR A 311 -0.77 17.06 3.58
N LYS A 312 -1.00 17.45 2.32
CA LYS A 312 -0.34 18.63 1.75
C LYS A 312 -0.73 19.89 2.48
N ILE A 313 -2.03 20.07 2.73
CA ILE A 313 -2.50 21.28 3.41
C ILE A 313 -1.92 21.37 4.84
N ALA A 314 -2.04 20.29 5.61
CA ALA A 314 -1.57 20.23 7.00
C ALA A 314 -0.05 20.41 7.09
N ASN A 315 0.71 19.82 6.15
CA ASN A 315 2.16 19.99 6.12
C ASN A 315 2.54 21.42 5.82
N ASP A 316 1.88 22.07 4.85
CA ASP A 316 2.20 23.46 4.55
C ASP A 316 1.90 24.32 5.76
N ILE A 317 0.78 24.07 6.42
CA ILE A 317 0.38 24.88 7.58
C ILE A 317 1.35 24.70 8.73
N ARG A 318 1.78 23.46 9.08
CA ARG A 318 2.75 23.36 10.19
C ARG A 318 4.11 23.95 9.80
N TRP A 319 4.50 23.86 8.51
CA TRP A 319 5.76 24.49 8.12
C TRP A 319 5.65 26.02 8.12
N MET A 320 4.49 26.57 7.73
CA MET A 320 4.35 28.03 7.79
C MET A 320 4.39 28.52 9.25
N GLY A 321 3.91 27.71 10.20
CA GLY A 321 3.94 28.08 11.61
C GLY A 321 5.22 27.71 12.36
N SER A 322 6.18 27.08 11.66
CA SER A 322 7.41 26.57 12.27
C SER A 322 8.32 27.64 12.88
N GLY A 323 9.10 27.22 13.87
CA GLY A 323 10.06 28.08 14.54
C GLY A 323 9.68 28.42 15.95
N PRO A 324 9.64 29.72 16.29
CA PRO A 324 9.77 30.90 15.40
C PRO A 324 11.18 31.13 14.84
N LEU A 325 12.21 31.09 15.72
CA LEU A 325 13.58 31.41 15.30
C LEU A 325 14.19 30.45 14.28
N THR A 326 13.92 29.15 14.40
CA THR A 326 14.55 28.15 13.52
C THR A 326 13.71 27.80 12.30
N GLY A 327 12.57 28.44 12.13
CA GLY A 327 11.68 28.06 11.03
C GLY A 327 11.28 29.20 10.12
N LEU A 328 10.13 29.06 9.50
CA LEU A 328 9.61 30.01 8.54
C LEU A 328 8.85 31.16 9.21
N ALA A 329 8.15 30.89 10.35
CA ALA A 329 7.46 31.89 11.16
C ALA A 329 6.52 32.79 10.30
N GLU A 330 5.83 32.18 9.33
CA GLU A 330 4.93 32.90 8.42
C GLU A 330 3.59 33.18 9.05
N ILE A 331 3.08 32.22 9.85
CA ILE A 331 1.77 32.32 10.49
C ILE A 331 1.86 31.85 11.92
N GLN A 332 0.83 32.17 12.70
CA GLN A 332 0.73 31.74 14.09
C GLN A 332 -0.50 30.84 14.21
N LEU A 333 -0.32 29.61 14.65
CA LEU A 333 -1.43 28.67 14.85
C LEU A 333 -2.06 28.89 16.23
N PRO A 334 -3.39 28.71 16.38
CA PRO A 334 -3.99 28.83 17.73
C PRO A 334 -3.44 27.77 18.67
N ASP A 335 -3.18 28.20 19.93
CA ASP A 335 -2.68 27.33 20.99
C ASP A 335 -3.83 26.53 21.56
N LEU A 336 -3.62 25.20 21.70
CA LEU A 336 -4.63 24.26 22.22
C LEU A 336 -4.08 23.44 23.39
N LYS A 346 6.30 28.55 20.64
CA LYS A 346 6.17 27.47 21.61
C LYS A 346 4.91 26.61 21.33
N VAL A 347 4.00 27.09 20.45
CA VAL A 347 2.76 26.39 20.10
C VAL A 347 3.05 25.21 19.14
N ASN A 348 2.90 23.95 19.60
CA ASN A 348 3.11 22.84 18.68
C ASN A 348 1.93 22.73 17.72
N PRO A 349 2.19 22.35 16.45
CA PRO A 349 1.10 22.23 15.47
C PRO A 349 0.33 20.92 15.67
N VAL A 350 -0.40 20.83 16.78
CA VAL A 350 -1.07 19.58 17.18
C VAL A 350 -2.18 19.15 16.21
N LEU A 351 -2.96 20.10 15.68
CA LEU A 351 -4.03 19.68 14.75
C LEU A 351 -3.43 19.25 13.39
N PRO A 352 -2.45 19.96 12.79
CA PRO A 352 -1.79 19.38 11.61
C PRO A 352 -1.20 17.97 11.87
N GLU A 353 -0.68 17.71 13.08
CA GLU A 353 -0.17 16.35 13.41
C GLU A 353 -1.31 15.35 13.47
N ALA A 354 -2.48 15.74 14.05
CA ALA A 354 -3.63 14.83 14.08
C ALA A 354 -4.11 14.56 12.64
N VAL A 355 -4.14 15.59 11.80
CA VAL A 355 -4.57 15.47 10.41
C VAL A 355 -3.63 14.50 9.65
N THR A 356 -2.30 14.71 9.75
CA THR A 356 -1.36 13.87 8.95
C THR A 356 -1.38 12.41 9.47
N GLN A 357 -1.61 12.21 10.79
CA GLN A 357 -1.73 10.85 11.33
C GLN A 357 -3.01 10.18 10.84
N VAL A 358 -4.14 10.93 10.82
CA VAL A 358 -5.39 10.39 10.24
C VAL A 358 -5.17 10.03 8.77
N ALA A 359 -4.52 10.92 8.00
CA ALA A 359 -4.28 10.62 6.58
C ALA A 359 -3.50 9.30 6.41
N ALA A 360 -2.48 9.05 7.27
CA ALA A 360 -1.71 7.82 7.21
C ALA A 360 -2.64 6.63 7.47
N GLN A 361 -3.54 6.80 8.45
CA GLN A 361 -4.48 5.71 8.75
C GLN A 361 -5.43 5.44 7.58
N VAL A 362 -5.90 6.49 6.93
CA VAL A 362 -6.79 6.32 5.78
C VAL A 362 -6.06 5.60 4.64
N ILE A 363 -4.80 5.93 4.40
CA ILE A 363 -3.99 5.24 3.38
C ILE A 363 -3.83 3.75 3.74
N GLY A 364 -3.59 3.44 5.01
CA GLY A 364 -3.46 2.04 5.39
C GLY A 364 -4.77 1.31 5.24
N ASN A 365 -5.85 1.93 5.71
CA ASN A 365 -7.19 1.34 5.60
C ASN A 365 -7.53 1.08 4.13
N ASP A 366 -7.17 2.03 3.26
CA ASP A 366 -7.44 1.90 1.83
C ASP A 366 -6.74 0.65 1.26
N ALA A 367 -5.49 0.36 1.69
CA ALA A 367 -4.80 -0.83 1.19
C ALA A 367 -5.50 -2.10 1.66
N ALA A 368 -5.99 -2.11 2.92
CA ALA A 368 -6.72 -3.29 3.40
C ALA A 368 -8.00 -3.49 2.58
N ILE A 369 -8.73 -2.40 2.29
CA ILE A 369 -9.98 -2.51 1.55
C ILE A 369 -9.74 -3.07 0.14
N ALA A 370 -8.74 -2.56 -0.58
CA ALA A 370 -8.48 -3.07 -1.95
C ALA A 370 -8.07 -4.54 -1.93
N TRP A 371 -7.26 -4.95 -0.92
CA TRP A 371 -6.85 -6.34 -0.79
C TRP A 371 -8.08 -7.24 -0.62
N GLY A 372 -8.98 -6.86 0.27
CA GLY A 372 -10.21 -7.64 0.47
C GLY A 372 -11.09 -7.61 -0.77
N GLY A 373 -11.16 -6.46 -1.42
CA GLY A 373 -12.00 -6.30 -2.61
C GLY A 373 -11.61 -7.19 -3.78
N ALA A 374 -10.32 -7.45 -3.94
CA ALA A 374 -9.85 -8.25 -5.08
C ALA A 374 -10.04 -9.72 -4.90
N ASN A 375 -10.26 -10.16 -3.67
CA ASN A 375 -10.18 -11.58 -3.32
C ASN A 375 -11.53 -12.27 -3.13
N GLY A 376 -12.54 -11.82 -3.86
CA GLY A 376 -13.81 -12.51 -3.87
C GLY A 376 -13.67 -13.80 -4.67
N ALA A 377 -14.65 -14.68 -4.56
CA ALA A 377 -14.64 -15.91 -5.36
C ALA A 377 -16.04 -16.24 -5.74
N PHE A 378 -16.25 -16.49 -7.03
CA PHE A 378 -17.55 -16.90 -7.54
C PHE A 378 -18.68 -15.96 -7.05
N GLU A 379 -19.70 -16.47 -6.35
CA GLU A 379 -20.87 -15.66 -6.04
C GLU A 379 -20.74 -14.78 -4.82
N LEU A 380 -19.58 -14.81 -4.11
CA LEU A 380 -19.53 -13.97 -2.92
C LEU A 380 -18.12 -13.48 -2.57
N ASN A 381 -18.01 -12.17 -2.27
CA ASN A 381 -16.78 -11.63 -1.72
C ASN A 381 -16.89 -11.80 -0.20
N VAL A 382 -15.95 -12.55 0.40
CA VAL A 382 -16.00 -12.87 1.84
C VAL A 382 -14.99 -12.06 2.68
N TYR A 383 -14.89 -10.77 2.40
CA TYR A 383 -14.03 -9.86 3.18
C TYR A 383 -14.88 -8.70 3.70
N ILE A 384 -16.22 -8.84 3.72
CA ILE A 384 -17.10 -7.70 4.00
C ILE A 384 -16.91 -7.11 5.41
N PRO A 385 -16.82 -7.89 6.51
CA PRO A 385 -16.70 -7.25 7.84
C PRO A 385 -15.40 -6.46 7.95
N MET A 386 -14.28 -6.99 7.37
CA MET A 386 -13.01 -6.25 7.38
C MET A 386 -13.14 -4.99 6.52
N MET A 387 -13.66 -5.12 5.28
CA MET A 387 -13.79 -3.93 4.42
C MET A 387 -14.67 -2.88 5.06
N ALA A 388 -15.81 -3.31 5.67
CA ALA A 388 -16.73 -2.40 6.36
C ALA A 388 -16.02 -1.69 7.51
N ARG A 389 -15.23 -2.40 8.31
CA ARG A 389 -14.55 -1.74 9.45
C ARG A 389 -13.68 -0.61 8.93
N ASN A 390 -12.91 -0.92 7.90
CA ASN A 390 -11.94 0.06 7.41
C ASN A 390 -12.58 1.23 6.70
N ILE A 391 -13.59 1.02 5.84
CA ILE A 391 -14.17 2.16 5.15
C ILE A 391 -14.94 3.08 6.11
N LEU A 392 -15.66 2.49 7.11
CA LEU A 392 -16.44 3.30 8.04
C LEU A 392 -15.52 4.06 8.94
N GLU A 393 -14.37 3.44 9.28
CA GLU A 393 -13.40 4.15 10.09
C GLU A 393 -12.83 5.33 9.31
N SER A 394 -12.45 5.10 8.04
CA SER A 394 -11.88 6.19 7.23
C SER A 394 -12.90 7.37 7.12
N PHE A 395 -14.21 7.08 6.93
CA PHE A 395 -15.18 8.17 6.87
C PHE A 395 -15.22 8.94 8.19
N LYS A 396 -15.27 8.21 9.33
CA LYS A 396 -15.33 8.85 10.68
C LYS A 396 -14.10 9.70 10.93
N LEU A 397 -12.90 9.15 10.73
CA LEU A 397 -11.67 9.94 10.99
C LEU A 397 -11.62 11.18 10.14
N LEU A 398 -11.94 11.06 8.84
CA LEU A 398 -11.84 12.25 7.99
C LEU A 398 -12.88 13.28 8.37
N THR A 399 -14.09 12.81 8.72
CA THR A 399 -15.15 13.73 9.11
C THR A 399 -14.73 14.52 10.36
N ASN A 400 -14.32 13.79 11.40
CA ASN A 400 -14.01 14.43 12.68
C ASN A 400 -12.78 15.30 12.63
N VAL A 401 -11.70 14.85 11.95
CA VAL A 401 -10.49 15.66 11.92
C VAL A 401 -10.68 16.87 11.01
N SER A 402 -11.52 16.76 9.95
CA SER A 402 -11.74 17.92 9.06
C SER A 402 -12.46 19.04 9.83
N ARG A 403 -13.49 18.68 10.65
CA ARG A 403 -14.21 19.68 11.45
C ARG A 403 -13.30 20.31 12.46
N LEU A 404 -12.51 19.50 13.18
CA LEU A 404 -11.58 20.03 14.17
C LEU A 404 -10.53 20.94 13.54
N PHE A 405 -9.99 20.52 12.39
CA PHE A 405 -8.96 21.31 11.69
C PHE A 405 -9.53 22.65 11.27
N ALA A 406 -10.79 22.65 10.74
CA ALA A 406 -11.43 23.87 10.30
C ALA A 406 -11.64 24.84 11.44
N GLN A 407 -12.23 24.35 12.54
CA GLN A 407 -12.68 25.22 13.62
C GLN A 407 -11.59 25.62 14.60
N ARG A 408 -10.65 24.71 14.88
CA ARG A 408 -9.67 24.91 15.93
C ARG A 408 -8.28 25.21 15.42
N CYS A 409 -8.09 25.22 14.11
CA CYS A 409 -6.79 25.55 13.56
C CYS A 409 -6.95 26.62 12.48
N ILE A 410 -7.63 26.29 11.36
CA ILE A 410 -7.74 27.20 10.23
C ILE A 410 -8.40 28.52 10.60
N ALA A 411 -9.58 28.47 11.25
CA ALA A 411 -10.32 29.70 11.60
C ALA A 411 -9.49 30.74 12.35
N GLY A 412 -8.63 30.28 13.26
CA GLY A 412 -7.84 31.15 14.13
C GLY A 412 -6.45 31.50 13.68
N LEU A 413 -6.01 31.03 12.48
CA LEU A 413 -4.67 31.37 11.98
C LEU A 413 -4.47 32.87 11.84
N THR A 414 -3.27 33.34 12.20
CA THR A 414 -2.97 34.75 11.98
C THR A 414 -1.69 34.84 11.15
N ALA A 415 -1.64 35.77 10.21
CA ALA A 415 -0.47 35.96 9.34
C ALA A 415 0.50 36.99 9.90
N ASN A 416 1.81 36.73 9.73
CA ASN A 416 2.86 37.66 10.13
C ASN A 416 3.18 38.52 8.93
N VAL A 417 2.30 39.51 8.68
CA VAL A 417 2.27 40.30 7.46
C VAL A 417 3.60 40.95 7.10
N GLU A 418 4.24 41.67 8.04
CA GLU A 418 5.50 42.37 7.77
C GLU A 418 6.61 41.37 7.39
N HIS A 419 6.72 40.27 8.14
CA HIS A 419 7.70 39.24 7.88
C HIS A 419 7.49 38.63 6.49
N LEU A 420 6.22 38.33 6.12
CA LEU A 420 5.90 37.75 4.81
C LEU A 420 6.30 38.69 3.65
N ARG A 421 6.01 40.02 3.78
CA ARG A 421 6.40 41.00 2.78
C ARG A 421 7.93 41.01 2.63
N ARG A 422 8.67 41.03 3.76
CA ARG A 422 10.14 41.03 3.72
C ARG A 422 10.67 39.78 3.01
N LEU A 423 10.05 38.63 3.26
CA LEU A 423 10.43 37.39 2.58
C LEU A 423 10.21 37.52 1.08
N ALA A 424 9.06 38.09 0.65
CA ALA A 424 8.76 38.27 -0.78
C ALA A 424 9.85 39.07 -1.47
N GLU A 425 10.23 40.17 -0.83
CA GLU A 425 11.19 41.12 -1.36
C GLU A 425 12.62 40.61 -1.36
N SER A 426 12.93 39.59 -0.54
CA SER A 426 14.31 39.11 -0.39
C SER A 426 14.66 37.95 -1.36
N SER A 427 13.66 37.36 -2.05
CA SER A 427 13.95 36.27 -2.98
C SER A 427 14.73 36.76 -4.18
N PRO A 428 15.87 36.14 -4.52
CA PRO A 428 16.60 36.58 -5.73
C PRO A 428 15.80 36.27 -7.01
N SER A 429 14.78 35.40 -6.91
CA SER A 429 13.96 35.08 -8.06
C SER A 429 13.02 36.20 -8.46
N ILE A 430 12.98 37.31 -7.70
CA ILE A 430 12.18 38.48 -8.14
C ILE A 430 12.83 39.08 -9.42
N VAL A 431 14.02 38.58 -9.86
CA VAL A 431 14.66 39.04 -11.10
C VAL A 431 13.87 38.54 -12.33
N THR A 432 13.08 37.47 -12.16
CA THR A 432 12.31 36.81 -13.23
C THR A 432 11.53 37.78 -14.19
N PRO A 433 10.76 38.78 -13.72
CA PRO A 433 10.05 39.66 -14.67
C PRO A 433 10.95 40.48 -15.59
N LEU A 434 12.27 40.42 -15.39
CA LEU A 434 13.20 41.16 -16.26
C LEU A 434 13.66 40.31 -17.47
N ASN A 435 13.26 39.02 -17.53
CA ASN A 435 13.66 38.11 -18.63
C ASN A 435 13.38 38.69 -20.02
N SER A 436 12.21 39.31 -20.22
CA SER A 436 11.87 39.86 -21.54
C SER A 436 12.72 41.07 -21.90
N ALA A 437 13.32 41.75 -20.90
CA ALA A 437 14.15 42.94 -21.16
C ALA A 437 15.62 42.63 -21.28
N ILE A 438 16.17 41.77 -20.41
CA ILE A 438 17.63 41.54 -20.42
C ILE A 438 18.02 40.10 -20.82
N GLY A 439 17.04 39.22 -20.92
CA GLY A 439 17.27 37.82 -21.26
C GLY A 439 17.58 37.00 -20.04
N TYR A 440 17.26 35.70 -20.09
CA TYR A 440 17.46 34.76 -19.00
C TYR A 440 18.93 34.74 -18.51
N GLU A 441 19.91 34.70 -19.43
CA GLU A 441 21.32 34.57 -19.04
C GLU A 441 21.85 35.75 -18.23
N GLU A 442 21.49 36.96 -18.63
CA GLU A 442 21.88 38.17 -17.92
C GLU A 442 21.12 38.24 -16.62
N ALA A 443 19.84 37.83 -16.59
CA ALA A 443 19.07 37.84 -15.35
C ALA A 443 19.69 36.85 -14.34
N ALA A 444 20.23 35.72 -14.82
CA ALA A 444 20.91 34.75 -13.97
C ALA A 444 22.18 35.35 -13.40
N ALA A 445 22.95 36.10 -14.21
CA ALA A 445 24.15 36.79 -13.74
C ALA A 445 23.80 37.84 -12.67
N VAL A 446 22.65 38.54 -12.82
CA VAL A 446 22.17 39.54 -11.87
C VAL A 446 21.87 38.87 -10.52
N ALA A 447 21.08 37.78 -10.54
CA ALA A 447 20.73 37.09 -9.29
C ALA A 447 21.97 36.58 -8.56
N LYS A 448 22.91 35.98 -9.30
CA LYS A 448 24.17 35.44 -8.76
C LYS A 448 25.02 36.53 -8.11
N GLN A 449 25.15 37.66 -8.79
CA GLN A 449 25.94 38.78 -8.28
C GLN A 449 25.27 39.42 -7.07
N ALA A 450 23.93 39.60 -7.10
CA ALA A 450 23.21 40.21 -5.96
C ALA A 450 23.40 39.37 -4.70
N LEU A 451 23.33 38.02 -4.82
CA LEU A 451 23.53 37.13 -3.68
C LEU A 451 24.96 37.19 -3.17
N LYS A 452 25.94 37.15 -4.09
CA LYS A 452 27.37 37.15 -3.78
C LYS A 452 27.79 38.48 -3.12
N GLU A 453 27.30 39.60 -3.65
CA GLU A 453 27.69 40.92 -3.14
C GLU A 453 26.76 41.44 -2.04
N ARG A 454 25.70 40.67 -1.68
CA ARG A 454 24.69 41.02 -0.66
C ARG A 454 23.99 42.33 -1.04
N LYS A 455 23.64 42.45 -2.31
CA LYS A 455 22.97 43.62 -2.85
C LYS A 455 21.57 43.25 -3.30
N THR A 456 20.71 44.25 -3.45
CA THR A 456 19.36 43.98 -3.96
C THR A 456 19.42 43.67 -5.45
N ILE A 457 18.36 43.05 -6.00
CA ILE A 457 18.29 42.81 -7.44
C ILE A 457 18.28 44.18 -8.17
N ARG A 458 17.47 45.15 -7.65
CA ARG A 458 17.39 46.48 -8.25
C ARG A 458 18.77 47.12 -8.35
N GLN A 459 19.55 47.06 -7.27
CA GLN A 459 20.89 47.67 -7.25
C GLN A 459 21.83 46.96 -8.21
N THR A 460 21.72 45.62 -8.30
CA THR A 460 22.62 44.85 -9.15
C THR A 460 22.35 45.15 -10.62
N VAL A 461 21.06 45.34 -11.00
CA VAL A 461 20.68 45.71 -12.37
C VAL A 461 21.32 47.07 -12.70
N ILE A 462 21.24 48.04 -11.76
CA ILE A 462 21.82 49.36 -11.92
C ILE A 462 23.34 49.24 -12.07
N ASP A 463 23.97 48.52 -11.12
CA ASP A 463 25.44 48.35 -11.04
C ASP A 463 26.03 47.67 -12.29
N ARG A 464 25.30 46.71 -12.90
CA ARG A 464 25.75 46.01 -14.11
C ARG A 464 25.50 46.85 -15.38
N GLY A 465 24.97 48.07 -15.22
CA GLY A 465 24.70 49.00 -16.31
C GLY A 465 23.62 48.54 -17.27
N LEU A 466 22.58 47.89 -16.75
CA LEU A 466 21.51 47.35 -17.58
C LEU A 466 20.41 48.34 -17.89
N ILE A 467 20.39 49.50 -17.20
CA ILE A 467 19.41 50.57 -17.47
C ILE A 467 19.75 51.21 -18.81
N GLY A 468 18.76 51.30 -19.67
CA GLY A 468 18.89 51.87 -21.01
C GLY A 468 17.60 51.76 -21.82
N ASP A 469 17.73 51.68 -23.15
CA ASP A 469 16.61 51.57 -24.09
C ASP A 469 15.71 50.36 -23.84
N ARG A 470 16.29 49.21 -23.42
CA ARG A 470 15.52 47.98 -23.19
C ARG A 470 14.89 47.94 -21.78
N LEU A 471 15.32 48.83 -20.87
CA LEU A 471 14.84 48.85 -19.48
C LEU A 471 15.12 50.19 -18.82
N SER A 472 14.08 50.99 -18.59
CA SER A 472 14.19 52.27 -17.90
C SER A 472 14.09 52.03 -16.39
N ILE A 473 14.55 53.00 -15.56
CA ILE A 473 14.47 52.85 -14.10
C ILE A 473 12.98 52.71 -13.64
N GLU A 474 12.07 53.46 -14.30
CA GLU A 474 10.65 53.42 -14.00
C GLU A 474 10.06 52.03 -14.30
N ASP A 475 10.48 51.41 -15.43
CA ASP A 475 10.04 50.04 -15.79
C ASP A 475 10.59 49.03 -14.79
N LEU A 476 11.88 49.18 -14.42
CA LEU A 476 12.51 48.28 -13.45
C LEU A 476 11.70 48.26 -12.15
N ASP A 477 11.34 49.44 -11.62
CA ASP A 477 10.57 49.57 -10.39
C ASP A 477 9.15 49.01 -10.52
N ARG A 478 8.51 49.14 -11.70
CA ARG A 478 7.18 48.54 -11.91
C ARG A 478 7.29 47.00 -11.91
N ARG A 479 8.32 46.48 -12.58
CA ARG A 479 8.53 45.03 -12.72
C ARG A 479 8.91 44.36 -11.41
N LEU A 480 9.65 45.07 -10.53
CA LEU A 480 10.12 44.49 -9.26
C LEU A 480 9.16 44.66 -8.09
N ASP A 481 7.97 45.29 -8.30
CA ASP A 481 6.98 45.45 -7.22
C ASP A 481 6.42 44.07 -6.91
N VAL A 482 6.71 43.55 -5.71
CA VAL A 482 6.34 42.17 -5.36
C VAL A 482 4.82 41.92 -5.34
N LEU A 483 4.00 42.89 -4.87
CA LEU A 483 2.55 42.62 -4.85
C LEU A 483 2.02 42.53 -6.29
N ALA A 484 2.47 43.43 -7.18
CA ALA A 484 2.08 43.40 -8.59
C ALA A 484 2.60 42.11 -9.25
N MET A 485 3.78 41.63 -8.81
CA MET A 485 4.39 40.41 -9.31
C MET A 485 3.54 39.17 -8.96
N ALA A 486 2.78 39.21 -7.85
CA ALA A 486 1.90 38.10 -7.46
C ALA A 486 0.64 38.04 -8.33
N LYS A 487 0.35 39.12 -9.10
CA LYS A 487 -0.80 39.18 -10.02
C LYS A 487 -2.09 38.74 -9.32
N ALA A 488 -2.35 39.31 -8.11
CA ALA A 488 -3.54 38.96 -7.33
C ALA A 488 -4.81 39.38 -8.07
N GLU A 489 -5.83 38.49 -8.10
CA GLU A 489 -7.11 38.70 -8.82
C GLU A 489 -7.98 39.80 -8.20
N ASN B 31 34.19 13.93 -31.45
CA ASN B 31 33.74 13.14 -30.30
C ASN B 31 32.82 13.96 -29.38
N TYR B 32 33.19 15.20 -29.02
CA TYR B 32 32.39 16.07 -28.16
C TYR B 32 32.50 17.51 -28.62
N ARG B 33 31.53 18.34 -28.23
CA ARG B 33 31.50 19.77 -28.49
C ARG B 33 31.21 20.51 -27.18
N ILE B 34 31.53 21.79 -27.12
CA ILE B 34 31.28 22.57 -25.90
C ILE B 34 29.95 23.31 -26.02
N GLU B 35 29.11 23.13 -25.00
CA GLU B 35 27.85 23.85 -24.83
C GLU B 35 27.94 24.58 -23.50
N HIS B 36 27.09 25.57 -23.24
CA HIS B 36 27.13 26.25 -21.95
C HIS B 36 25.75 26.56 -21.45
N ASP B 37 25.64 26.75 -20.13
CA ASP B 37 24.44 27.19 -19.48
C ASP B 37 24.85 28.23 -18.42
N THR B 38 23.93 28.64 -17.53
CA THR B 38 24.27 29.68 -16.57
C THR B 38 25.22 29.16 -15.45
N MET B 39 25.47 27.85 -15.42
CA MET B 39 26.38 27.26 -14.45
C MET B 39 27.78 27.03 -15.04
N GLY B 40 27.91 27.17 -16.35
CA GLY B 40 29.20 27.01 -17.00
C GLY B 40 29.20 26.15 -18.25
N GLU B 41 30.42 25.79 -18.71
CA GLU B 41 30.66 24.99 -19.91
C GLU B 41 30.51 23.51 -19.63
N VAL B 42 29.94 22.78 -20.60
CA VAL B 42 29.66 21.34 -20.53
C VAL B 42 30.07 20.66 -21.84
N ARG B 43 30.72 19.49 -21.75
CA ARG B 43 31.10 18.66 -22.90
C ARG B 43 29.90 17.82 -23.28
N VAL B 44 29.42 17.99 -24.51
CA VAL B 44 28.22 17.28 -25.00
C VAL B 44 28.64 16.39 -26.19
N PRO B 45 28.14 15.12 -26.32
CA PRO B 45 28.50 14.31 -27.50
C PRO B 45 28.26 15.09 -28.80
N ALA B 46 29.24 15.07 -29.70
CA ALA B 46 29.24 15.83 -30.97
C ALA B 46 27.95 15.72 -31.80
N LYS B 47 27.35 14.53 -31.90
CA LYS B 47 26.14 14.26 -32.71
C LYS B 47 24.83 14.54 -31.96
N ALA B 48 24.86 14.66 -30.63
CA ALA B 48 23.66 14.89 -29.81
C ALA B 48 22.96 16.22 -30.12
N LEU B 49 21.64 16.21 -30.17
CA LEU B 49 20.83 17.41 -30.42
C LEU B 49 20.53 18.14 -29.11
N TRP B 50 20.70 17.45 -27.97
CA TRP B 50 20.51 18.09 -26.67
C TRP B 50 21.74 18.97 -26.39
N ARG B 51 21.69 19.80 -25.33
CA ARG B 51 22.80 20.70 -25.05
C ARG B 51 23.28 20.56 -23.59
N ALA B 52 23.82 21.66 -23.01
CA ALA B 52 24.45 21.62 -21.68
C ALA B 52 23.56 21.10 -20.55
N GLN B 53 22.31 21.59 -20.44
CA GLN B 53 21.48 21.24 -19.29
C GLN B 53 21.04 19.79 -19.38
N THR B 54 20.80 19.26 -20.59
CA THR B 54 20.42 17.83 -20.71
C THR B 54 21.62 16.99 -20.36
N GLN B 55 22.82 17.39 -20.81
CA GLN B 55 24.00 16.62 -20.51
C GLN B 55 24.29 16.61 -18.99
N ARG B 56 24.07 17.73 -18.28
CA ARG B 56 24.24 17.72 -16.81
C ARG B 56 23.30 16.69 -16.21
N ALA B 57 22.04 16.65 -16.68
CA ALA B 57 21.02 15.73 -16.16
C ALA B 57 21.36 14.27 -16.45
N VAL B 58 21.99 13.99 -17.60
CA VAL B 58 22.46 12.64 -17.95
C VAL B 58 23.45 12.17 -16.88
N GLU B 59 24.34 13.08 -16.44
CA GLU B 59 25.39 12.74 -15.46
C GLU B 59 24.85 12.76 -14.02
N ASN B 60 23.81 13.56 -13.74
CA ASN B 60 23.30 13.65 -12.37
C ASN B 60 22.35 12.52 -12.02
N PHE B 61 21.62 11.97 -13.01
CA PHE B 61 20.57 11.00 -12.68
C PHE B 61 20.68 9.62 -13.36
N PRO B 62 21.85 8.94 -13.42
CA PRO B 62 21.86 7.57 -13.99
C PRO B 62 21.33 6.58 -12.94
N ILE B 63 19.99 6.47 -12.85
CA ILE B 63 19.36 5.72 -11.77
C ILE B 63 18.59 4.49 -12.25
N SER B 64 17.58 4.67 -13.13
CA SER B 64 16.79 3.54 -13.62
C SER B 64 17.26 3.06 -15.01
N GLY B 65 17.92 3.94 -15.76
CA GLY B 65 18.36 3.62 -17.10
C GLY B 65 17.24 3.74 -18.11
N ARG B 66 16.09 4.31 -17.69
CA ARG B 66 14.94 4.50 -18.56
C ARG B 66 14.53 5.94 -18.57
N GLY B 67 14.22 6.47 -19.75
CA GLY B 67 13.77 7.85 -19.91
C GLY B 67 12.28 7.94 -20.16
N LEU B 68 11.85 9.09 -20.67
CA LEU B 68 10.45 9.32 -21.01
C LEU B 68 9.97 8.35 -22.06
N GLU B 69 8.70 8.01 -21.98
CA GLU B 69 8.06 7.13 -22.96
C GLU B 69 7.68 7.92 -24.17
N ARG B 70 7.41 7.20 -25.28
CA ARG B 70 6.96 7.81 -26.54
C ARG B 70 5.77 8.73 -26.31
N THR B 71 4.78 8.32 -25.48
CA THR B 71 3.59 9.15 -25.26
C THR B 71 3.91 10.47 -24.54
N GLN B 72 4.91 10.45 -23.64
CA GLN B 72 5.35 11.64 -22.91
C GLN B 72 6.08 12.61 -23.82
N ILE B 73 6.96 12.09 -24.67
CA ILE B 73 7.72 12.92 -25.62
C ILE B 73 6.72 13.54 -26.61
N ARG B 74 5.72 12.76 -27.05
CA ARG B 74 4.68 13.27 -27.95
C ARG B 74 3.93 14.45 -27.31
N ALA B 75 3.50 14.31 -26.04
CA ALA B 75 2.79 15.40 -25.35
C ALA B 75 3.68 16.62 -25.16
N LEU B 76 4.98 16.44 -24.83
CA LEU B 76 5.89 17.59 -24.68
C LEU B 76 6.08 18.31 -26.02
N GLY B 77 6.19 17.54 -27.10
CA GLY B 77 6.35 18.13 -28.44
C GLY B 77 5.11 18.89 -28.87
N LEU B 78 3.95 18.33 -28.59
CA LEU B 78 2.67 18.94 -28.92
C LEU B 78 2.50 20.25 -28.15
N LEU B 79 2.80 20.22 -26.86
CA LEU B 79 2.65 21.37 -25.99
C LEU B 79 3.63 22.48 -26.40
N LYS B 80 4.89 22.14 -26.71
CA LYS B 80 5.88 23.16 -27.14
C LYS B 80 5.44 23.86 -28.43
N GLY B 81 4.88 23.10 -29.37
CA GLY B 81 4.36 23.65 -30.61
C GLY B 81 3.16 24.55 -30.36
N ALA B 82 2.24 24.14 -29.44
CA ALA B 82 1.05 24.95 -29.12
C ALA B 82 1.46 26.28 -28.46
N CYS B 83 2.49 26.25 -27.60
CA CYS B 83 2.97 27.46 -26.93
C CYS B 83 3.55 28.41 -27.93
N ALA B 84 4.36 27.91 -28.89
CA ALA B 84 4.95 28.75 -29.95
C ALA B 84 3.86 29.37 -30.81
N GLN B 85 2.80 28.61 -31.12
CA GLN B 85 1.68 29.10 -31.92
C GLN B 85 1.00 30.28 -31.22
N VAL B 86 0.70 30.13 -29.91
CA VAL B 86 0.02 31.17 -29.14
C VAL B 86 0.94 32.37 -28.97
N ASN B 87 2.23 32.15 -28.68
CA ASN B 87 3.18 33.28 -28.57
C ASN B 87 3.26 34.06 -29.88
N SER B 88 3.20 33.36 -31.01
CA SER B 88 3.17 33.96 -32.36
C SER B 88 1.86 34.74 -32.59
N ASP B 89 0.71 34.15 -32.21
CA ASP B 89 -0.63 34.76 -32.35
C ASP B 89 -0.74 36.06 -31.57
N LEU B 90 -0.06 36.12 -30.41
CA LEU B 90 -0.08 37.29 -29.53
C LEU B 90 1.02 38.28 -29.87
N GLY B 91 1.77 38.00 -30.93
CA GLY B 91 2.86 38.85 -31.43
C GLY B 91 4.06 38.99 -30.52
N LEU B 92 4.28 37.99 -29.66
CA LEU B 92 5.39 37.99 -28.70
C LEU B 92 6.62 37.30 -29.25
N LEU B 93 6.44 36.49 -30.29
CA LEU B 93 7.52 35.73 -30.89
C LEU B 93 7.49 35.94 -32.38
N ALA B 94 8.63 36.34 -32.98
CA ALA B 94 8.75 36.61 -34.42
C ALA B 94 8.30 35.39 -35.25
N PRO B 95 7.60 35.60 -36.40
CA PRO B 95 7.09 34.45 -37.18
C PRO B 95 8.15 33.42 -37.59
N GLU B 96 9.36 33.88 -37.98
CA GLU B 96 10.48 32.99 -38.36
C GLU B 96 10.83 32.02 -37.22
N LYS B 97 10.94 32.55 -35.99
CA LYS B 97 11.26 31.78 -34.80
C LYS B 97 10.11 30.84 -34.44
N ALA B 98 8.85 31.34 -34.49
CA ALA B 98 7.67 30.52 -34.19
C ALA B 98 7.55 29.36 -35.19
N ASP B 99 7.75 29.64 -36.51
CA ASP B 99 7.71 28.61 -37.55
C ASP B 99 8.77 27.53 -37.29
N ALA B 100 10.00 27.94 -36.92
CA ALA B 100 11.10 27.02 -36.62
C ALA B 100 10.76 26.13 -35.43
N ILE B 101 10.17 26.71 -34.37
CA ILE B 101 9.78 25.93 -33.18
C ILE B 101 8.69 24.95 -33.54
N ILE B 102 7.62 25.41 -34.22
CA ILE B 102 6.48 24.57 -34.57
C ILE B 102 6.93 23.38 -35.43
N ALA B 103 7.80 23.60 -36.42
CA ALA B 103 8.32 22.54 -37.28
C ALA B 103 9.12 21.52 -36.47
N ALA B 104 10.05 21.99 -35.60
CA ALA B 104 10.87 21.12 -34.75
C ALA B 104 10.02 20.36 -33.74
N ALA B 105 9.05 21.04 -33.13
CA ALA B 105 8.16 20.42 -32.15
C ALA B 105 7.31 19.33 -32.80
N ALA B 106 6.90 19.53 -34.07
CA ALA B 106 6.12 18.54 -34.80
C ALA B 106 6.94 17.27 -35.03
N GLU B 107 8.24 17.42 -35.40
CA GLU B 107 9.19 16.31 -35.61
C GLU B 107 9.34 15.50 -34.30
N ILE B 108 9.49 16.20 -33.17
CA ILE B 108 9.60 15.57 -31.85
C ILE B 108 8.30 14.81 -31.54
N ALA B 109 7.14 15.48 -31.71
CA ALA B 109 5.84 14.86 -31.40
C ALA B 109 5.61 13.59 -32.21
N ASP B 110 6.06 13.58 -33.50
CA ASP B 110 5.91 12.46 -34.42
C ASP B 110 6.85 11.28 -34.11
N GLY B 111 7.83 11.49 -33.24
CA GLY B 111 8.76 10.43 -32.83
C GLY B 111 10.01 10.30 -33.67
N GLN B 112 10.45 11.38 -34.30
CA GLN B 112 11.65 11.37 -35.12
C GLN B 112 12.92 11.58 -34.30
N HIS B 113 12.78 11.96 -33.01
CA HIS B 113 13.96 12.29 -32.19
C HIS B 113 13.92 11.71 -30.78
N ASP B 114 13.25 10.57 -30.57
CA ASP B 114 13.16 9.99 -29.22
C ASP B 114 14.53 9.63 -28.64
N ASP B 115 15.53 9.32 -29.49
CA ASP B 115 16.88 9.01 -29.01
C ASP B 115 17.60 10.29 -28.51
N GLN B 116 16.97 11.48 -28.67
CA GLN B 116 17.54 12.75 -28.22
C GLN B 116 17.01 13.14 -26.85
N PHE B 117 16.30 12.20 -26.18
CA PHE B 117 15.69 12.41 -24.84
C PHE B 117 16.29 11.38 -23.88
N PRO B 118 17.56 11.57 -23.46
CA PRO B 118 18.23 10.53 -22.67
C PRO B 118 18.07 10.59 -21.16
N ILE B 119 17.39 11.61 -20.64
CA ILE B 119 17.28 11.84 -19.21
C ILE B 119 16.42 10.78 -18.54
N ASP B 120 16.89 10.31 -17.40
CA ASP B 120 16.19 9.34 -16.57
C ASP B 120 14.85 9.86 -16.10
N VAL B 121 13.90 8.94 -15.83
CA VAL B 121 12.63 9.28 -15.19
C VAL B 121 12.91 9.90 -13.84
N PHE B 122 13.91 9.38 -13.11
CA PHE B 122 14.20 9.83 -11.74
C PHE B 122 15.12 11.04 -11.76
N GLN B 123 14.57 12.14 -12.20
CA GLN B 123 15.25 13.43 -12.32
C GLN B 123 14.66 14.42 -11.33
N THR B 124 15.05 15.70 -11.43
CA THR B 124 14.45 16.74 -10.57
C THR B 124 12.94 16.65 -10.69
N GLY B 125 12.26 16.75 -9.56
CA GLY B 125 10.84 16.45 -9.42
C GLY B 125 9.84 17.30 -10.18
N SER B 126 10.30 18.40 -10.76
CA SER B 126 9.44 19.26 -11.56
C SER B 126 9.47 18.86 -13.02
N GLY B 127 10.42 18.01 -13.39
CA GLY B 127 10.61 17.69 -14.81
C GLY B 127 11.36 18.81 -15.53
N THR B 128 12.08 19.70 -14.75
CA THR B 128 12.89 20.78 -15.37
C THR B 128 13.82 20.25 -16.46
N SER B 129 14.49 19.13 -16.17
CA SER B 129 15.49 18.57 -17.07
C SER B 129 14.86 18.10 -18.39
N SER B 130 13.71 17.42 -18.35
CA SER B 130 13.04 17.03 -19.59
C SER B 130 12.49 18.23 -20.34
N ASN B 131 12.04 19.29 -19.61
CA ASN B 131 11.56 20.51 -20.29
C ASN B 131 12.73 21.15 -21.04
N MET B 132 13.91 21.27 -20.37
CA MET B 132 15.10 21.84 -21.02
C MET B 132 15.59 20.93 -22.14
N ASN B 133 15.40 19.61 -22.00
CA ASN B 133 15.72 18.65 -23.06
C ASN B 133 14.92 18.99 -24.32
N THR B 134 13.62 19.28 -24.17
CA THR B 134 12.78 19.64 -25.31
C THR B 134 13.23 20.98 -25.90
N ASN B 135 13.51 21.97 -25.03
CA ASN B 135 13.96 23.28 -25.49
C ASN B 135 15.27 23.22 -26.26
N GLU B 136 16.25 22.47 -25.74
CA GLU B 136 17.58 22.34 -26.34
C GLU B 136 17.55 21.61 -27.66
N VAL B 137 16.74 20.52 -27.75
CA VAL B 137 16.64 19.73 -28.98
C VAL B 137 15.96 20.57 -30.08
N ILE B 138 14.91 21.33 -29.72
CA ILE B 138 14.24 22.21 -30.69
C ILE B 138 15.26 23.24 -31.21
N ALA B 139 16.06 23.85 -30.29
CA ALA B 139 17.06 24.86 -30.71
C ALA B 139 18.07 24.25 -31.67
N SER B 140 18.50 23.00 -31.43
CA SER B 140 19.47 22.34 -32.32
C SER B 140 18.83 21.99 -33.67
N ILE B 141 17.56 21.54 -33.67
CA ILE B 141 16.87 21.22 -34.95
C ILE B 141 16.73 22.51 -35.77
N ALA B 142 16.32 23.62 -35.12
CA ALA B 142 16.14 24.90 -35.80
C ALA B 142 17.44 25.45 -36.36
N ALA B 143 18.58 25.20 -35.68
CA ALA B 143 19.92 25.64 -36.11
C ALA B 143 20.32 24.99 -37.45
N LYS B 144 19.87 23.74 -37.68
CA LYS B 144 20.11 22.97 -38.92
C LYS B 144 19.36 23.61 -40.08
N GLY B 145 18.26 24.29 -39.76
CA GLY B 145 17.42 25.01 -40.71
C GLY B 145 17.83 26.45 -40.88
N GLY B 146 18.91 26.86 -40.20
CA GLY B 146 19.44 28.21 -40.25
C GLY B 146 18.74 29.24 -39.39
N VAL B 147 18.06 28.80 -38.30
CA VAL B 147 17.34 29.71 -37.40
C VAL B 147 17.95 29.58 -36.01
N THR B 148 18.39 30.71 -35.42
CA THR B 148 18.98 30.71 -34.07
C THR B 148 17.88 30.96 -33.05
N LEU B 149 17.69 29.98 -32.14
CA LEU B 149 16.72 30.08 -31.04
C LEU B 149 17.42 29.92 -29.71
N HIS B 150 17.05 30.75 -28.74
CA HIS B 150 17.57 30.59 -27.38
C HIS B 150 16.64 29.61 -26.67
N PRO B 151 17.16 28.51 -26.09
CA PRO B 151 16.28 27.52 -25.44
C PRO B 151 15.37 28.11 -24.35
N ASN B 152 15.84 29.14 -23.60
CA ASN B 152 15.01 29.77 -22.57
C ASN B 152 14.20 30.92 -23.13
N ASP B 153 14.87 31.90 -23.74
CA ASP B 153 14.19 33.10 -24.19
C ASP B 153 13.18 32.88 -25.32
N ASP B 154 13.43 31.93 -26.23
CA ASP B 154 12.52 31.74 -27.36
C ASP B 154 11.67 30.47 -27.23
N VAL B 155 12.32 29.31 -27.08
CA VAL B 155 11.60 28.04 -27.07
C VAL B 155 10.72 27.89 -25.79
N ASN B 156 11.16 28.52 -24.69
CA ASN B 156 10.45 28.43 -23.42
C ASN B 156 9.67 29.72 -23.10
N MET B 157 9.48 30.60 -24.11
CA MET B 157 8.78 31.87 -23.87
C MET B 157 7.41 31.61 -23.24
N SER B 158 7.06 32.37 -22.17
CA SER B 158 5.76 32.32 -21.45
C SER B 158 5.55 31.00 -20.69
N GLN B 159 6.62 30.22 -20.51
CA GLN B 159 6.51 28.91 -19.90
C GLN B 159 7.42 28.66 -18.70
N SER B 160 7.07 27.61 -17.96
CA SER B 160 7.88 27.08 -16.89
C SER B 160 7.77 25.58 -16.97
N SER B 161 8.72 24.84 -16.41
CA SER B 161 8.51 23.39 -16.33
C SER B 161 7.36 23.08 -15.38
N ASN B 162 7.13 24.01 -14.41
CA ASN B 162 6.12 23.79 -13.35
C ASN B 162 4.73 23.73 -13.87
N ASP B 163 4.47 24.37 -15.02
CA ASP B 163 3.16 24.26 -15.62
C ASP B 163 3.22 23.33 -16.86
N THR B 164 4.35 23.32 -17.60
CA THR B 164 4.51 22.50 -18.81
C THR B 164 4.58 20.99 -18.51
N PHE B 165 5.45 20.55 -17.57
CA PHE B 165 5.63 19.11 -17.35
C PHE B 165 4.33 18.45 -16.82
N PRO B 166 3.62 19.00 -15.80
CA PRO B 166 2.34 18.39 -15.42
C PRO B 166 1.29 18.55 -16.54
N THR B 167 1.35 19.62 -17.37
CA THR B 167 0.38 19.71 -18.49
C THR B 167 0.60 18.55 -19.45
N ALA B 168 1.86 18.33 -19.85
CA ALA B 168 2.20 17.22 -20.75
C ALA B 168 1.82 15.88 -20.12
N THR B 169 2.00 15.74 -18.79
CA THR B 169 1.63 14.51 -18.10
C THR B 169 0.10 14.29 -18.17
N HIS B 170 -0.67 15.33 -17.83
CA HIS B 170 -2.14 15.23 -17.86
C HIS B 170 -2.67 15.08 -19.31
N ILE B 171 -1.99 15.66 -20.33
CA ILE B 171 -2.38 15.41 -21.71
C ILE B 171 -2.22 13.91 -22.03
N ALA B 172 -1.03 13.36 -21.71
CA ALA B 172 -0.76 11.94 -21.97
C ALA B 172 -1.72 11.04 -21.22
N ALA B 173 -2.02 11.38 -19.96
CA ALA B 173 -2.91 10.55 -19.15
C ALA B 173 -4.34 10.59 -19.70
N THR B 174 -4.83 11.78 -20.09
CA THR B 174 -6.18 11.93 -20.62
C THR B 174 -6.30 11.17 -21.95
N GLU B 175 -5.28 11.29 -22.83
CA GLU B 175 -5.27 10.56 -24.09
C GLU B 175 -5.31 9.05 -23.80
N ALA B 176 -4.49 8.58 -22.84
CA ALA B 176 -4.46 7.16 -22.50
C ALA B 176 -5.83 6.67 -22.03
N ALA B 177 -6.52 7.48 -21.23
CA ALA B 177 -7.85 7.10 -20.74
C ALA B 177 -8.91 7.09 -21.81
N VAL B 178 -9.01 8.18 -22.59
CA VAL B 178 -10.09 8.35 -23.55
C VAL B 178 -9.90 7.54 -24.82
N ALA B 179 -8.69 7.56 -25.41
CA ALA B 179 -8.46 6.95 -26.72
C ALA B 179 -7.97 5.52 -26.64
N HIS B 180 -7.56 5.05 -25.46
CA HIS B 180 -6.99 3.71 -25.37
C HIS B 180 -7.67 2.84 -24.34
N LEU B 181 -7.70 3.26 -23.06
CA LEU B 181 -8.24 2.40 -22.02
C LEU B 181 -9.74 2.21 -22.13
N ILE B 182 -10.52 3.30 -22.32
CA ILE B 182 -11.98 3.13 -22.38
C ILE B 182 -12.36 2.20 -23.55
N PRO B 183 -11.81 2.37 -24.78
CA PRO B 183 -12.15 1.43 -25.87
C PRO B 183 -11.75 -0.01 -25.56
N ALA B 184 -10.58 -0.23 -24.89
CA ALA B 184 -10.13 -1.58 -24.52
C ALA B 184 -11.09 -2.22 -23.53
N LEU B 185 -11.51 -1.44 -22.52
CA LEU B 185 -12.49 -1.93 -21.54
C LEU B 185 -13.85 -2.20 -22.19
N GLN B 186 -14.23 -1.35 -23.16
CA GLN B 186 -15.49 -1.58 -23.86
C GLN B 186 -15.41 -2.93 -24.64
N GLN B 187 -14.26 -3.22 -25.23
CA GLN B 187 -14.05 -4.48 -25.95
C GLN B 187 -14.17 -5.66 -24.98
N LEU B 188 -13.59 -5.53 -23.79
CA LEU B 188 -13.68 -6.58 -22.78
C LEU B 188 -15.12 -6.71 -22.27
N HIS B 189 -15.79 -5.58 -22.01
CA HIS B 189 -17.19 -5.60 -21.61
C HIS B 189 -18.05 -6.38 -22.64
N ASP B 190 -17.88 -6.05 -23.92
CA ASP B 190 -18.68 -6.66 -25.01
C ASP B 190 -18.39 -8.16 -25.11
N ALA B 191 -17.13 -8.60 -24.89
CA ALA B 191 -16.82 -10.03 -24.91
C ALA B 191 -17.50 -10.77 -23.74
N LEU B 192 -17.44 -10.16 -22.53
CA LEU B 192 -18.10 -10.73 -21.35
C LEU B 192 -19.61 -10.76 -21.52
N ALA B 193 -20.20 -9.66 -22.05
CA ALA B 193 -21.65 -9.57 -22.28
C ALA B 193 -22.13 -10.61 -23.29
N ALA B 194 -21.30 -10.90 -24.31
CA ALA B 194 -21.64 -11.89 -25.35
C ALA B 194 -21.75 -13.27 -24.71
N LYS B 195 -20.84 -13.58 -23.75
CA LYS B 195 -20.89 -14.84 -23.01
C LYS B 195 -22.07 -14.89 -22.06
N ALA B 196 -22.40 -13.75 -21.41
CA ALA B 196 -23.58 -13.67 -20.53
C ALA B 196 -24.84 -14.05 -21.32
N LEU B 197 -24.92 -13.61 -22.59
CA LEU B 197 -26.05 -13.92 -23.46
C LEU B 197 -25.99 -15.37 -23.96
N ASP B 198 -24.84 -15.81 -24.52
CA ASP B 198 -24.70 -17.19 -25.02
C ASP B 198 -24.98 -18.26 -23.96
N TRP B 199 -24.60 -17.98 -22.70
CA TRP B 199 -24.72 -18.95 -21.63
C TRP B 199 -25.86 -18.66 -20.65
N HIS B 200 -26.88 -17.92 -21.12
CA HIS B 200 -28.03 -17.50 -20.32
C HIS B 200 -28.71 -18.66 -19.58
N THR B 201 -28.80 -19.85 -20.19
CA THR B 201 -29.47 -20.96 -19.50
C THR B 201 -28.52 -22.13 -19.21
N VAL B 202 -27.21 -21.86 -19.15
CA VAL B 202 -26.23 -22.89 -18.82
C VAL B 202 -26.17 -22.94 -17.31
N VAL B 203 -27.02 -23.79 -16.72
CA VAL B 203 -27.13 -23.88 -15.26
C VAL B 203 -25.90 -24.56 -14.66
N LYS B 204 -25.52 -24.13 -13.46
CA LYS B 204 -24.41 -24.65 -12.69
C LYS B 204 -24.67 -24.41 -11.21
N SER B 205 -23.80 -24.91 -10.35
CA SER B 205 -23.96 -24.63 -8.93
C SER B 205 -23.27 -23.34 -8.60
N GLY B 206 -23.98 -22.48 -7.88
CA GLY B 206 -23.35 -21.29 -7.33
C GLY B 206 -22.43 -21.79 -6.21
N ARG B 207 -21.44 -20.97 -5.84
CA ARG B 207 -20.50 -21.29 -4.77
C ARG B 207 -20.33 -20.04 -3.94
N THR B 208 -20.54 -20.16 -2.64
CA THR B 208 -20.29 -19.04 -1.72
C THR B 208 -19.41 -19.59 -0.63
N HIS B 209 -18.35 -18.84 -0.29
CA HIS B 209 -17.35 -19.30 0.69
C HIS B 209 -16.61 -20.54 0.15
N LEU B 210 -16.69 -20.77 -1.18
CA LEU B 210 -16.12 -21.91 -1.94
C LEU B 210 -16.96 -23.16 -1.75
N MET B 211 -18.08 -23.05 -1.07
CA MET B 211 -18.92 -24.20 -0.74
C MET B 211 -20.17 -24.24 -1.61
N ASP B 212 -20.72 -25.45 -1.83
CA ASP B 212 -21.90 -25.62 -2.66
C ASP B 212 -23.05 -24.73 -2.24
N ALA B 213 -23.56 -23.94 -3.18
CA ALA B 213 -24.69 -23.06 -2.91
C ALA B 213 -25.84 -23.41 -3.85
N VAL B 214 -26.74 -22.47 -4.07
CA VAL B 214 -27.91 -22.72 -4.91
C VAL B 214 -27.54 -22.48 -6.40
N PRO B 215 -28.38 -22.93 -7.37
CA PRO B 215 -28.01 -22.77 -8.77
C PRO B 215 -27.91 -21.32 -9.27
N VAL B 216 -27.04 -21.16 -10.25
CA VAL B 216 -26.87 -19.94 -11.02
C VAL B 216 -26.65 -20.36 -12.44
N THR B 217 -26.61 -19.44 -13.37
CA THR B 217 -26.21 -19.82 -14.71
C THR B 217 -24.84 -19.22 -14.95
N LEU B 218 -24.10 -19.82 -15.86
CA LEU B 218 -22.79 -19.28 -16.25
C LEU B 218 -22.99 -17.88 -16.86
N GLY B 219 -24.14 -17.69 -17.51
CA GLY B 219 -24.51 -16.41 -18.11
C GLY B 219 -24.68 -15.32 -17.06
N GLN B 220 -25.33 -15.67 -15.93
CA GLN B 220 -25.51 -14.70 -14.83
C GLN B 220 -24.17 -14.28 -14.26
N GLU B 221 -23.26 -15.24 -14.03
CA GLU B 221 -21.93 -14.89 -13.50
C GLU B 221 -21.19 -13.95 -14.46
N PHE B 222 -21.25 -14.24 -15.77
CA PHE B 222 -20.60 -13.38 -16.77
C PHE B 222 -21.31 -12.04 -16.87
N SER B 223 -22.61 -11.97 -16.56
CA SER B 223 -23.30 -10.67 -16.52
C SER B 223 -22.70 -9.82 -15.36
N GLY B 224 -22.31 -10.50 -14.27
CA GLY B 224 -21.65 -9.82 -13.14
C GLY B 224 -20.29 -9.28 -13.55
N TYR B 225 -19.49 -10.11 -14.23
CA TYR B 225 -18.15 -9.66 -14.73
C TYR B 225 -18.31 -8.48 -15.67
N ALA B 226 -19.30 -8.59 -16.59
CA ALA B 226 -19.53 -7.50 -17.53
C ALA B 226 -19.86 -6.19 -16.78
N ARG B 227 -20.71 -6.27 -15.74
CA ARG B 227 -21.05 -5.07 -14.96
C ARG B 227 -19.80 -4.50 -14.29
N GLN B 228 -18.91 -5.38 -13.77
CA GLN B 228 -17.69 -4.86 -13.14
C GLN B 228 -16.87 -4.02 -14.13
N ILE B 229 -16.80 -4.48 -15.38
CA ILE B 229 -16.05 -3.72 -16.40
C ILE B 229 -16.81 -2.45 -16.78
N GLU B 230 -18.14 -2.52 -16.96
CA GLU B 230 -18.95 -1.32 -17.25
C GLU B 230 -18.77 -0.29 -16.12
N ALA B 231 -18.80 -0.74 -14.85
CA ALA B 231 -18.56 0.16 -13.71
C ALA B 231 -17.15 0.75 -13.78
N GLY B 232 -16.17 -0.01 -14.25
CA GLY B 232 -14.79 0.46 -14.45
C GLY B 232 -14.77 1.60 -15.45
N ILE B 233 -15.51 1.45 -16.57
CA ILE B 233 -15.58 2.53 -17.58
C ILE B 233 -16.22 3.77 -16.92
N GLU B 234 -17.28 3.58 -16.11
CA GLU B 234 -17.92 4.70 -15.42
C GLU B 234 -16.95 5.38 -14.46
N ARG B 235 -16.10 4.58 -13.77
CA ARG B 235 -15.10 5.12 -12.84
C ARG B 235 -14.04 5.97 -13.56
N VAL B 236 -13.58 5.49 -14.74
CA VAL B 236 -12.64 6.28 -15.56
C VAL B 236 -13.29 7.58 -16.02
N ARG B 237 -14.50 7.49 -16.56
CA ARG B 237 -15.20 8.67 -17.03
C ARG B 237 -15.40 9.70 -15.92
N ALA B 238 -15.68 9.22 -14.67
CA ALA B 238 -15.93 10.07 -13.52
C ALA B 238 -14.69 10.90 -13.15
N CYS B 239 -13.48 10.42 -13.46
CA CYS B 239 -12.28 11.17 -13.07
C CYS B 239 -11.84 12.16 -14.17
N LEU B 240 -12.39 12.05 -15.39
CA LEU B 240 -11.97 12.92 -16.50
C LEU B 240 -12.12 14.43 -16.27
N PRO B 241 -13.13 14.94 -15.52
CA PRO B 241 -13.22 16.40 -15.31
C PRO B 241 -12.02 16.95 -14.57
N ARG B 242 -11.32 16.12 -13.78
CA ARG B 242 -10.15 16.61 -13.06
C ARG B 242 -8.85 16.08 -13.66
N LEU B 243 -8.87 14.90 -14.30
CA LEU B 243 -7.64 14.40 -14.94
C LEU B 243 -7.27 15.28 -16.16
N GLY B 244 -8.27 15.81 -16.87
CA GLY B 244 -8.06 16.65 -18.04
C GLY B 244 -7.69 18.08 -17.71
N GLU B 245 -7.66 18.47 -16.41
CA GLU B 245 -7.27 19.85 -16.04
C GLU B 245 -5.79 20.04 -16.30
N LEU B 246 -5.44 21.13 -16.98
CA LEU B 246 -4.07 21.45 -17.33
C LEU B 246 -3.61 22.71 -16.61
N ALA B 247 -2.35 22.71 -16.18
CA ALA B 247 -1.73 23.83 -15.44
C ALA B 247 -1.24 24.94 -16.34
N ILE B 248 -1.15 24.66 -17.66
CA ILE B 248 -0.59 25.60 -18.64
C ILE B 248 -1.11 27.04 -18.44
N GLY B 249 -0.17 27.96 -18.34
CA GLY B 249 -0.44 29.38 -18.12
C GLY B 249 -0.11 29.87 -16.73
N GLY B 250 0.03 28.96 -15.77
CA GLY B 250 0.32 29.34 -14.37
C GLY B 250 1.78 29.69 -14.11
N THR B 251 2.65 29.33 -15.06
CA THR B 251 4.12 29.49 -15.09
C THR B 251 4.76 28.98 -13.79
N ALA B 252 5.66 29.77 -13.17
CA ALA B 252 6.50 29.32 -12.06
C ALA B 252 5.74 28.81 -10.82
N VAL B 253 4.70 29.54 -10.38
CA VAL B 253 4.05 29.20 -9.09
C VAL B 253 2.52 29.21 -9.14
N GLY B 254 1.94 29.48 -10.30
CA GLY B 254 0.50 29.54 -10.47
C GLY B 254 -0.04 30.92 -10.71
N THR B 255 0.81 31.97 -10.56
CA THR B 255 0.36 33.35 -10.75
C THR B 255 0.31 33.80 -12.22
N GLY B 256 0.96 33.05 -13.10
CA GLY B 256 0.98 33.43 -14.52
C GLY B 256 2.00 34.50 -14.83
N LEU B 257 2.92 34.77 -13.90
CA LEU B 257 3.99 35.76 -14.14
C LEU B 257 4.79 35.37 -15.39
N ASN B 258 5.07 36.34 -16.27
CA ASN B 258 5.83 36.20 -17.52
C ASN B 258 5.03 35.51 -18.62
N ALA B 259 3.74 35.28 -18.41
CA ALA B 259 2.87 34.77 -19.45
C ALA B 259 1.73 35.75 -19.72
N PRO B 260 1.21 35.84 -20.95
CA PRO B 260 -0.01 36.66 -21.17
C PRO B 260 -1.17 36.13 -20.32
N ASP B 261 -2.11 36.99 -19.86
CA ASP B 261 -3.19 36.58 -18.96
C ASP B 261 -4.11 35.51 -19.55
N ASP B 262 -4.21 35.42 -20.88
CA ASP B 262 -5.07 34.40 -21.50
C ASP B 262 -4.22 33.28 -22.16
N PHE B 263 -2.95 33.10 -21.73
CA PHE B 263 -2.08 32.10 -22.34
C PHE B 263 -2.65 30.71 -22.22
N GLY B 264 -3.09 30.34 -21.03
CA GLY B 264 -3.63 29.01 -20.77
C GLY B 264 -4.84 28.70 -21.62
N VAL B 265 -5.82 29.62 -21.63
CA VAL B 265 -7.07 29.43 -22.41
C VAL B 265 -6.72 29.23 -23.88
N ARG B 266 -5.81 30.06 -24.40
CA ARG B 266 -5.40 29.99 -25.81
C ARG B 266 -4.67 28.69 -26.14
N VAL B 267 -3.73 28.25 -25.26
CA VAL B 267 -2.98 27.04 -25.53
C VAL B 267 -3.92 25.84 -25.48
N VAL B 268 -4.81 25.79 -24.47
CA VAL B 268 -5.72 24.66 -24.34
C VAL B 268 -6.61 24.56 -25.60
N ALA B 269 -7.06 25.71 -26.14
CA ALA B 269 -7.87 25.69 -27.37
C ALA B 269 -7.09 25.06 -28.54
N VAL B 270 -5.80 25.39 -28.67
CA VAL B 270 -4.96 24.81 -29.72
C VAL B 270 -4.83 23.29 -29.49
N LEU B 271 -4.61 22.87 -28.24
CA LEU B 271 -4.44 21.45 -27.90
C LEU B 271 -5.71 20.66 -28.19
N VAL B 272 -6.88 21.24 -27.85
CA VAL B 272 -8.18 20.56 -28.09
C VAL B 272 -8.39 20.41 -29.61
N ALA B 273 -8.09 21.48 -30.38
CA ALA B 273 -8.24 21.43 -31.84
C ALA B 273 -7.31 20.37 -32.46
N GLN B 274 -6.07 20.27 -31.98
CA GLN B 274 -5.09 19.36 -32.57
C GLN B 274 -5.25 17.91 -32.17
N THR B 275 -5.63 17.64 -30.91
CA THR B 275 -5.78 16.27 -30.39
C THR B 275 -7.21 15.73 -30.52
N GLY B 276 -8.18 16.63 -30.62
CA GLY B 276 -9.60 16.24 -30.63
C GLY B 276 -10.09 15.86 -29.24
N LEU B 277 -9.25 16.08 -28.20
CA LEU B 277 -9.58 15.70 -26.82
C LEU B 277 -10.32 16.83 -26.14
N SER B 278 -11.65 16.80 -26.21
CA SER B 278 -12.47 17.85 -25.58
C SER B 278 -12.40 17.80 -24.04
N GLU B 279 -11.83 16.72 -23.48
CA GLU B 279 -11.66 16.57 -22.04
C GLU B 279 -10.57 17.48 -21.48
N LEU B 280 -9.71 18.03 -22.34
CA LEU B 280 -8.66 18.92 -21.88
C LEU B 280 -9.26 20.29 -21.55
N ARG B 281 -8.90 20.82 -20.39
CA ARG B 281 -9.41 22.09 -19.93
C ARG B 281 -8.41 22.81 -19.08
N THR B 282 -8.62 24.11 -18.91
CA THR B 282 -7.81 24.91 -18.00
C THR B 282 -8.15 24.51 -16.57
N ALA B 283 -7.18 24.63 -15.66
CA ALA B 283 -7.45 24.20 -14.29
C ALA B 283 -8.44 25.13 -13.60
N ALA B 284 -9.24 24.56 -12.67
CA ALA B 284 -10.19 25.34 -11.87
C ALA B 284 -9.46 26.37 -11.02
N ASN B 285 -8.29 25.98 -10.48
CA ASN B 285 -7.46 26.84 -9.66
C ASN B 285 -6.01 26.62 -10.05
N SER B 286 -5.32 27.70 -10.45
CA SER B 286 -3.95 27.59 -10.94
C SER B 286 -2.93 27.21 -9.89
N PHE B 287 -3.22 27.46 -8.62
CA PHE B 287 -2.30 27.10 -7.53
C PHE B 287 -2.42 25.61 -7.21
N GLU B 288 -3.64 25.12 -7.06
CA GLU B 288 -3.88 23.70 -6.81
C GLU B 288 -3.27 22.86 -7.96
N ALA B 289 -3.36 23.36 -9.21
CA ALA B 289 -2.88 22.64 -10.39
C ALA B 289 -1.37 22.43 -10.40
N GLN B 290 -0.60 23.21 -9.61
CA GLN B 290 0.85 23.04 -9.59
C GLN B 290 1.34 22.55 -8.26
N ALA B 291 0.68 22.94 -7.17
CA ALA B 291 1.06 22.51 -5.80
C ALA B 291 0.70 21.05 -5.54
N ALA B 292 -0.23 20.53 -6.32
CA ALA B 292 -0.68 19.17 -6.13
C ALA B 292 -0.88 18.45 -7.45
N ARG B 293 -0.91 17.11 -7.38
CA ARG B 293 -1.15 16.24 -8.52
C ARG B 293 -2.29 15.31 -8.15
N ASP B 294 -3.29 15.87 -7.45
CA ASP B 294 -4.40 15.07 -6.92
C ASP B 294 -5.23 14.42 -8.04
N GLY B 295 -5.24 15.02 -9.25
CA GLY B 295 -5.92 14.44 -10.43
C GLY B 295 -5.34 13.09 -10.81
N LEU B 296 -4.01 12.96 -10.71
CA LEU B 296 -3.34 11.69 -10.98
C LEU B 296 -3.64 10.66 -9.89
N VAL B 297 -3.66 11.08 -8.60
CA VAL B 297 -4.00 10.18 -7.50
C VAL B 297 -5.44 9.66 -7.71
N GLU B 298 -6.36 10.57 -8.03
CA GLU B 298 -7.77 10.19 -8.28
C GLU B 298 -7.87 9.16 -9.41
N ALA B 299 -7.19 9.45 -10.53
CA ALA B 299 -7.23 8.56 -11.71
C ALA B 299 -6.61 7.23 -11.40
N SER B 300 -5.50 7.22 -10.65
CA SER B 300 -4.88 5.95 -10.27
C SER B 300 -5.84 5.12 -9.40
N GLY B 301 -6.64 5.78 -8.56
CA GLY B 301 -7.66 5.06 -7.77
C GLY B 301 -8.67 4.34 -8.66
N ALA B 302 -9.05 4.97 -9.75
CA ALA B 302 -9.97 4.35 -10.72
C ALA B 302 -9.28 3.13 -11.35
N LEU B 303 -8.00 3.27 -11.73
CA LEU B 303 -7.25 2.15 -12.32
C LEU B 303 -7.09 1.01 -11.32
N ARG B 304 -6.81 1.35 -10.05
CA ARG B 304 -6.66 0.36 -9.00
C ARG B 304 -8.00 -0.40 -8.83
N THR B 305 -9.14 0.29 -8.92
CA THR B 305 -10.43 -0.40 -8.79
C THR B 305 -10.63 -1.36 -9.98
N ILE B 306 -10.23 -0.93 -11.18
CA ILE B 306 -10.28 -1.80 -12.36
C ILE B 306 -9.40 -3.05 -12.13
N ALA B 307 -8.18 -2.86 -11.62
CA ALA B 307 -7.29 -3.99 -11.31
C ALA B 307 -7.94 -4.95 -10.33
N VAL B 308 -8.62 -4.41 -9.29
CA VAL B 308 -9.35 -5.23 -8.31
C VAL B 308 -10.46 -6.05 -9.02
N SER B 309 -11.26 -5.43 -9.92
CA SER B 309 -12.31 -6.18 -10.63
C SER B 309 -11.69 -7.26 -11.51
N LEU B 310 -10.63 -6.89 -12.23
CA LEU B 310 -9.96 -7.81 -13.16
C LEU B 310 -9.40 -9.02 -12.43
N THR B 311 -8.89 -8.81 -11.21
CA THR B 311 -8.36 -9.92 -10.40
C THR B 311 -9.49 -10.91 -10.11
N LYS B 312 -10.69 -10.42 -9.71
CA LYS B 312 -11.80 -11.33 -9.43
C LYS B 312 -12.22 -12.08 -10.69
N ILE B 313 -12.36 -11.38 -11.81
CA ILE B 313 -12.78 -12.03 -13.06
C ILE B 313 -11.76 -13.10 -13.50
N ALA B 314 -10.48 -12.72 -13.54
CA ALA B 314 -9.40 -13.62 -13.97
C ALA B 314 -9.26 -14.83 -13.05
N ASN B 315 -9.40 -14.62 -11.73
CA ASN B 315 -9.34 -15.72 -10.77
C ASN B 315 -10.49 -16.67 -10.94
N ASP B 316 -11.72 -16.15 -11.14
CA ASP B 316 -12.85 -17.05 -11.34
C ASP B 316 -12.64 -17.86 -12.60
N ILE B 317 -12.17 -17.21 -13.65
CA ILE B 317 -11.98 -17.87 -14.95
C ILE B 317 -10.90 -18.95 -14.85
N ARG B 318 -9.75 -18.70 -14.21
CA ARG B 318 -8.75 -19.79 -14.13
C ARG B 318 -9.24 -20.93 -13.20
N TRP B 319 -10.00 -20.60 -12.16
CA TRP B 319 -10.57 -21.67 -11.32
C TRP B 319 -11.65 -22.46 -12.08
N MET B 320 -12.48 -21.79 -12.88
CA MET B 320 -13.48 -22.55 -13.65
C MET B 320 -12.78 -23.48 -14.66
N GLY B 321 -11.62 -23.10 -15.18
CA GLY B 321 -10.91 -23.95 -16.13
C GLY B 321 -9.94 -24.94 -15.51
N SER B 322 -9.84 -24.95 -14.17
CA SER B 322 -8.89 -25.79 -13.44
C SER B 322 -9.09 -27.28 -13.61
N GLY B 323 -8.00 -28.02 -13.46
CA GLY B 323 -8.01 -29.47 -13.54
C GLY B 323 -7.32 -30.02 -14.76
N PRO B 324 -7.99 -30.88 -15.54
CA PRO B 324 -9.42 -31.24 -15.44
C PRO B 324 -9.77 -32.13 -14.23
N LEU B 325 -9.00 -33.19 -13.98
CA LEU B 325 -9.31 -34.14 -12.92
C LEU B 325 -9.27 -33.60 -11.50
N THR B 326 -8.32 -32.71 -11.19
CA THR B 326 -8.13 -32.20 -9.82
C THR B 326 -8.85 -30.90 -9.57
N GLY B 327 -9.59 -30.40 -10.55
CA GLY B 327 -10.21 -29.08 -10.39
C GLY B 327 -11.70 -29.06 -10.62
N LEU B 328 -12.20 -27.89 -11.01
CA LEU B 328 -13.62 -27.66 -11.24
C LEU B 328 -14.05 -28.08 -12.64
N ALA B 329 -13.16 -27.92 -13.66
CA ALA B 329 -13.40 -28.36 -15.04
C ALA B 329 -14.75 -27.86 -15.59
N GLU B 330 -15.10 -26.59 -15.29
CA GLU B 330 -16.36 -25.99 -15.71
C GLU B 330 -16.29 -25.50 -17.12
N ILE B 331 -15.15 -24.93 -17.51
CA ILE B 331 -14.96 -24.34 -18.84
C ILE B 331 -13.61 -24.76 -19.39
N GLN B 332 -13.42 -24.55 -20.70
CA GLN B 332 -12.15 -24.82 -21.37
C GLN B 332 -11.62 -23.50 -21.91
N LEU B 333 -10.41 -23.11 -21.51
CA LEU B 333 -9.78 -21.89 -21.99
C LEU B 333 -9.07 -22.17 -23.31
N PRO B 334 -9.01 -21.20 -24.25
CA PRO B 334 -8.24 -21.43 -25.49
C PRO B 334 -6.75 -21.61 -25.19
N ASP B 335 -6.13 -22.57 -25.91
CA ASP B 335 -4.71 -22.88 -25.78
C ASP B 335 -3.91 -21.86 -26.57
N LEU B 336 -2.85 -21.33 -25.94
CA LEU B 336 -1.98 -20.30 -26.53
C LEU B 336 -0.50 -20.68 -26.45
N GLN B 337 -0.08 -21.46 -25.43
CA GLN B 337 1.34 -21.80 -25.25
C GLN B 337 1.56 -23.31 -25.42
N VAL B 347 -4.02 -27.19 -20.70
CA VAL B 347 -3.92 -25.77 -21.06
C VAL B 347 -3.72 -24.92 -19.78
N ASN B 348 -2.54 -24.29 -19.59
CA ASN B 348 -2.38 -23.41 -18.45
C ASN B 348 -3.13 -22.11 -18.70
N PRO B 349 -3.72 -21.53 -17.63
CA PRO B 349 -4.49 -20.27 -17.79
C PRO B 349 -3.54 -19.07 -17.87
N VAL B 350 -2.78 -18.99 -18.97
CA VAL B 350 -1.74 -17.97 -19.13
C VAL B 350 -2.28 -16.54 -19.19
N LEU B 351 -3.44 -16.29 -19.84
CA LEU B 351 -3.93 -14.91 -19.88
C LEU B 351 -4.50 -14.50 -18.51
N PRO B 352 -5.28 -15.34 -17.78
CA PRO B 352 -5.62 -14.96 -16.40
C PRO B 352 -4.37 -14.68 -15.52
N GLU B 353 -3.26 -15.42 -15.74
CA GLU B 353 -2.01 -15.14 -14.98
C GLU B 353 -1.44 -13.79 -15.38
N ALA B 354 -1.45 -13.45 -16.68
CA ALA B 354 -0.97 -12.13 -17.14
C ALA B 354 -1.85 -11.01 -16.53
N VAL B 355 -3.17 -11.22 -16.52
CA VAL B 355 -4.11 -10.26 -15.98
C VAL B 355 -3.83 -10.04 -14.48
N THR B 356 -3.75 -11.13 -13.69
CA THR B 356 -3.57 -10.95 -12.22
C THR B 356 -2.20 -10.32 -11.90
N GLN B 357 -1.16 -10.62 -12.73
CA GLN B 357 0.17 -10.00 -12.53
C GLN B 357 0.10 -8.51 -12.85
N VAL B 358 -0.60 -8.13 -13.95
CA VAL B 358 -0.79 -6.72 -14.29
C VAL B 358 -1.53 -6.04 -13.15
N ALA B 359 -2.60 -6.66 -12.63
CA ALA B 359 -3.37 -6.03 -11.52
C ALA B 359 -2.46 -5.75 -10.31
N ALA B 360 -1.56 -6.69 -9.99
CA ALA B 360 -0.62 -6.50 -8.88
C ALA B 360 0.26 -5.29 -9.16
N GLN B 361 0.73 -5.17 -10.42
CA GLN B 361 1.56 -4.04 -10.79
C GLN B 361 0.79 -2.71 -10.68
N VAL B 362 -0.47 -2.71 -11.09
CA VAL B 362 -1.28 -1.49 -10.99
C VAL B 362 -1.48 -1.09 -9.51
N ILE B 363 -1.67 -2.08 -8.63
CA ILE B 363 -1.83 -1.81 -7.19
C ILE B 363 -0.51 -1.22 -6.64
N GLY B 364 0.65 -1.75 -7.07
CA GLY B 364 1.93 -1.22 -6.63
C GLY B 364 2.12 0.19 -7.13
N ASN B 365 1.87 0.39 -8.42
CA ASN B 365 2.01 1.73 -9.03
C ASN B 365 1.10 2.74 -8.32
N ASP B 366 -0.09 2.30 -7.96
CA ASP B 366 -1.05 3.19 -7.28
C ASP B 366 -0.49 3.66 -5.92
N ALA B 367 0.20 2.76 -5.20
CA ALA B 367 0.80 3.16 -3.91
C ALA B 367 1.93 4.17 -4.11
N ALA B 368 2.74 3.97 -5.15
CA ALA B 368 3.79 4.96 -5.46
C ALA B 368 3.15 6.34 -5.80
N ILE B 369 2.09 6.34 -6.59
CA ILE B 369 1.48 7.60 -7.01
C ILE B 369 0.93 8.36 -5.79
N ALA B 370 0.20 7.67 -4.92
CA ALA B 370 -0.37 8.38 -3.75
C ALA B 370 0.73 8.93 -2.83
N TRP B 371 1.84 8.16 -2.67
CA TRP B 371 2.97 8.61 -1.86
C TRP B 371 3.54 9.91 -2.43
N GLY B 372 3.79 9.94 -3.73
CA GLY B 372 4.28 11.17 -4.35
C GLY B 372 3.26 12.29 -4.30
N GLY B 373 2.00 11.96 -4.47
CA GLY B 373 0.94 12.98 -4.45
C GLY B 373 0.79 13.71 -3.13
N ALA B 374 1.05 13.01 -2.02
CA ALA B 374 0.86 13.62 -0.70
C ALA B 374 1.98 14.53 -0.30
N ASN B 375 3.15 14.40 -0.98
CA ASN B 375 4.37 15.02 -0.50
C ASN B 375 4.80 16.28 -1.25
N GLY B 376 3.83 17.02 -1.75
CA GLY B 376 4.13 18.32 -2.34
C GLY B 376 4.46 19.30 -1.22
N ALA B 377 5.02 20.44 -1.56
CA ALA B 377 5.30 21.48 -0.59
C ALA B 377 5.08 22.80 -1.23
N PHE B 378 4.35 23.65 -0.55
CA PHE B 378 4.12 25.03 -0.99
C PHE B 378 3.63 25.08 -2.46
N GLU B 379 4.34 25.77 -3.34
CA GLU B 379 3.83 25.99 -4.70
C GLU B 379 4.09 24.86 -5.68
N LEU B 380 4.73 23.77 -5.25
CA LEU B 380 5.01 22.74 -6.24
C LEU B 380 5.10 21.34 -5.66
N ASN B 381 4.43 20.38 -6.31
CA ASN B 381 4.61 18.97 -5.99
C ASN B 381 5.77 18.48 -6.87
N VAL B 382 6.87 18.00 -6.23
CA VAL B 382 8.08 17.61 -6.96
C VAL B 382 8.22 16.07 -7.07
N TYR B 383 7.14 15.40 -7.41
CA TYR B 383 7.18 13.94 -7.65
C TYR B 383 6.62 13.65 -9.02
N ILE B 384 6.53 14.66 -9.90
CA ILE B 384 5.82 14.51 -11.17
C ILE B 384 6.41 13.42 -12.10
N PRO B 385 7.75 13.33 -12.34
CA PRO B 385 8.24 12.31 -13.27
C PRO B 385 7.94 10.91 -12.77
N MET B 386 8.09 10.66 -11.44
CA MET B 386 7.75 9.35 -10.86
C MET B 386 6.24 9.08 -10.98
N MET B 387 5.39 10.05 -10.59
CA MET B 387 3.94 9.84 -10.69
C MET B 387 3.54 9.58 -12.15
N ALA B 388 4.12 10.36 -13.09
CA ALA B 388 3.82 10.20 -14.53
C ALA B 388 4.22 8.81 -15.01
N ARG B 389 5.40 8.31 -14.60
CA ARG B 389 5.82 6.96 -15.05
C ARG B 389 4.80 5.95 -14.65
N ASN B 390 4.39 6.02 -13.38
CA ASN B 390 3.50 5.00 -12.84
C ASN B 390 2.09 5.06 -13.38
N ILE B 391 1.51 6.26 -13.51
CA ILE B 391 0.13 6.34 -14.02
C ILE B 391 0.07 5.94 -15.51
N LEU B 392 1.06 6.35 -16.32
CA LEU B 392 1.02 6.03 -17.74
C LEU B 392 1.27 4.55 -17.92
N GLU B 393 2.13 3.96 -17.06
CA GLU B 393 2.32 2.54 -17.15
C GLU B 393 1.03 1.79 -16.80
N SER B 394 0.36 2.20 -15.71
CA SER B 394 -0.90 1.53 -15.33
C SER B 394 -1.93 1.62 -16.47
N PHE B 395 -2.07 2.78 -17.14
CA PHE B 395 -3.01 2.86 -18.27
C PHE B 395 -2.63 1.89 -19.38
N LYS B 396 -1.34 1.85 -19.76
CA LYS B 396 -0.85 0.95 -20.82
C LYS B 396 -1.08 -0.50 -20.49
N LEU B 397 -0.64 -0.96 -19.29
CA LEU B 397 -0.83 -2.38 -18.94
C LEU B 397 -2.28 -2.76 -18.93
N LEU B 398 -3.14 -1.92 -18.37
CA LEU B 398 -4.57 -2.30 -18.33
C LEU B 398 -5.17 -2.33 -19.72
N THR B 399 -4.78 -1.36 -20.56
CA THR B 399 -5.29 -1.31 -21.93
C THR B 399 -4.91 -2.58 -22.69
N ASN B 400 -3.61 -2.91 -22.67
CA ASN B 400 -3.11 -4.02 -23.45
C ASN B 400 -3.57 -5.37 -22.94
N VAL B 401 -3.56 -5.58 -21.61
CA VAL B 401 -3.99 -6.88 -21.08
C VAL B 401 -5.51 -7.05 -21.20
N SER B 402 -6.29 -5.96 -21.14
CA SER B 402 -7.76 -6.07 -21.29
C SER B 402 -8.11 -6.52 -22.73
N ARG B 403 -7.43 -5.95 -23.76
CA ARG B 403 -7.69 -6.35 -25.15
C ARG B 403 -7.28 -7.79 -25.37
N LEU B 404 -6.10 -8.18 -24.86
CA LEU B 404 -5.65 -9.58 -25.00
C LEU B 404 -6.57 -10.55 -24.30
N PHE B 405 -7.00 -10.19 -23.10
CA PHE B 405 -7.90 -11.07 -22.31
C PHE B 405 -9.23 -11.25 -23.05
N ALA B 406 -9.76 -10.16 -23.60
CA ALA B 406 -11.02 -10.21 -24.35
C ALA B 406 -10.93 -11.10 -25.57
N GLN B 407 -9.91 -10.88 -26.39
CA GLN B 407 -9.81 -11.54 -27.69
C GLN B 407 -9.24 -12.94 -27.65
N ARG B 408 -8.27 -13.20 -26.76
CA ARG B 408 -7.54 -14.47 -26.77
C ARG B 408 -7.93 -15.38 -25.63
N CYS B 409 -8.82 -14.94 -24.75
CA CYS B 409 -9.26 -15.80 -23.67
C CYS B 409 -10.80 -15.85 -23.63
N ILE B 410 -11.43 -14.72 -23.32
CA ILE B 410 -12.89 -14.66 -23.16
C ILE B 410 -13.63 -15.12 -24.41
N ALA B 411 -13.30 -14.54 -25.58
CA ALA B 411 -14.03 -14.87 -26.82
C ALA B 411 -14.12 -16.38 -27.10
N GLY B 412 -13.03 -17.10 -26.84
CA GLY B 412 -12.94 -18.53 -27.16
C GLY B 412 -13.30 -19.51 -26.07
N LEU B 413 -13.74 -19.04 -24.90
CA LEU B 413 -14.14 -19.95 -23.80
C LEU B 413 -15.25 -20.90 -24.23
N THR B 414 -15.17 -22.15 -23.80
CA THR B 414 -16.26 -23.10 -24.08
C THR B 414 -16.72 -23.68 -22.75
N ALA B 415 -18.05 -23.84 -22.59
CA ALA B 415 -18.60 -24.38 -21.35
C ALA B 415 -18.78 -25.89 -21.42
N ASN B 416 -18.53 -26.58 -20.29
CA ASN B 416 -18.77 -28.03 -20.17
C ASN B 416 -20.17 -28.20 -19.63
N VAL B 417 -21.16 -28.03 -20.52
CA VAL B 417 -22.58 -27.95 -20.20
C VAL B 417 -23.10 -29.10 -19.35
N GLU B 418 -22.83 -30.36 -19.74
CA GLU B 418 -23.34 -31.52 -19.00
C GLU B 418 -22.78 -31.58 -17.59
N HIS B 419 -21.46 -31.34 -17.46
CA HIS B 419 -20.79 -31.34 -16.16
C HIS B 419 -21.37 -30.24 -15.26
N LEU B 420 -21.60 -29.01 -15.82
CA LEU B 420 -22.16 -27.89 -15.05
C LEU B 420 -23.58 -28.22 -14.53
N ARG B 421 -24.43 -28.83 -15.37
CA ARG B 421 -25.78 -29.23 -14.96
C ARG B 421 -25.70 -30.24 -13.81
N ARG B 422 -24.80 -31.24 -13.93
CA ARG B 422 -24.63 -32.28 -12.88
C ARG B 422 -24.19 -31.63 -11.57
N LEU B 423 -23.29 -30.64 -11.65
CA LEU B 423 -22.84 -29.90 -10.46
C LEU B 423 -24.04 -29.19 -9.82
N ALA B 424 -24.89 -28.52 -10.61
CA ALA B 424 -26.07 -27.80 -10.09
C ALA B 424 -26.93 -28.72 -9.28
N GLU B 425 -27.22 -29.88 -9.86
CA GLU B 425 -28.11 -30.87 -9.29
C GLU B 425 -27.55 -31.58 -8.06
N SER B 426 -26.21 -31.56 -7.86
CA SER B 426 -25.58 -32.31 -6.77
C SER B 426 -25.43 -31.48 -5.48
N SER B 427 -25.63 -30.14 -5.53
CA SER B 427 -25.48 -29.33 -4.33
C SER B 427 -26.59 -29.64 -3.34
N PRO B 428 -26.24 -29.94 -2.07
CA PRO B 428 -27.29 -30.18 -1.06
C PRO B 428 -28.08 -28.89 -0.76
N SER B 429 -27.52 -27.74 -1.14
CA SER B 429 -28.21 -26.46 -0.92
C SER B 429 -29.40 -26.29 -1.85
N ILE B 430 -29.65 -27.23 -2.79
CA ILE B 430 -30.88 -27.11 -3.59
C ILE B 430 -32.13 -27.35 -2.67
N VAL B 431 -31.92 -27.72 -1.37
CA VAL B 431 -33.03 -27.90 -0.41
C VAL B 431 -33.63 -26.52 -0.05
N THR B 432 -32.86 -25.43 -0.25
CA THR B 432 -33.25 -24.06 0.13
C THR B 432 -34.69 -23.64 -0.28
N PRO B 433 -35.19 -23.85 -1.54
CA PRO B 433 -36.57 -23.42 -1.87
C PRO B 433 -37.66 -24.15 -1.07
N LEU B 434 -37.30 -25.13 -0.24
CA LEU B 434 -38.31 -25.82 0.59
C LEU B 434 -38.51 -25.15 1.96
N ASN B 435 -37.68 -24.11 2.29
CA ASN B 435 -37.76 -23.41 3.58
C ASN B 435 -39.18 -22.96 3.93
N SER B 436 -39.92 -22.39 2.97
CA SER B 436 -41.27 -21.90 3.25
C SER B 436 -42.26 -23.02 3.53
N ALA B 437 -41.97 -24.26 3.09
CA ALA B 437 -42.86 -25.40 3.29
C ALA B 437 -42.53 -26.22 4.53
N ILE B 438 -41.23 -26.49 4.78
CA ILE B 438 -40.87 -27.37 5.89
C ILE B 438 -40.07 -26.65 7.00
N GLY B 439 -39.64 -25.41 6.76
CA GLY B 439 -38.87 -24.65 7.73
C GLY B 439 -37.39 -24.92 7.60
N TYR B 440 -36.57 -23.95 7.97
CA TYR B 440 -35.11 -24.03 7.89
C TYR B 440 -34.55 -25.25 8.65
N GLU B 441 -35.03 -25.52 9.87
CA GLU B 441 -34.47 -26.60 10.69
C GLU B 441 -34.68 -28.00 10.09
N GLU B 442 -35.87 -28.24 9.55
CA GLU B 442 -36.17 -29.52 8.90
C GLU B 442 -35.43 -29.60 7.59
N ALA B 443 -35.29 -28.47 6.86
CA ALA B 443 -34.54 -28.47 5.61
C ALA B 443 -33.07 -28.79 5.88
N ALA B 444 -32.53 -28.33 7.03
CA ALA B 444 -31.16 -28.63 7.42
C ALA B 444 -31.00 -30.11 7.71
N ALA B 445 -32.01 -30.72 8.38
CA ALA B 445 -32.00 -32.15 8.66
C ALA B 445 -32.05 -32.97 7.35
N VAL B 446 -32.81 -32.50 6.34
CA VAL B 446 -32.92 -33.12 5.02
C VAL B 446 -31.53 -33.09 4.33
N ALA B 447 -30.88 -31.92 4.27
CA ALA B 447 -29.58 -31.83 3.61
C ALA B 447 -28.54 -32.73 4.26
N LYS B 448 -28.51 -32.76 5.62
CA LYS B 448 -27.57 -33.55 6.40
C LYS B 448 -27.79 -35.06 6.14
N GLN B 449 -29.04 -35.49 6.13
CA GLN B 449 -29.36 -36.89 5.89
C GLN B 449 -29.07 -37.30 4.45
N ALA B 450 -29.39 -36.44 3.45
CA ALA B 450 -29.13 -36.75 2.05
C ALA B 450 -27.62 -36.96 1.81
N LEU B 451 -26.78 -36.10 2.42
CA LEU B 451 -25.32 -36.24 2.28
C LEU B 451 -24.81 -37.50 2.97
N LYS B 452 -25.31 -37.78 4.20
CA LYS B 452 -24.90 -38.93 4.99
C LYS B 452 -25.32 -40.25 4.34
N GLU B 453 -26.54 -40.30 3.80
CA GLU B 453 -27.07 -41.53 3.21
C GLU B 453 -26.77 -41.64 1.70
N ARG B 454 -26.13 -40.62 1.10
CA ARG B 454 -25.79 -40.54 -0.33
C ARG B 454 -27.08 -40.60 -1.17
N LYS B 455 -28.10 -39.87 -0.73
CA LYS B 455 -29.39 -39.83 -1.39
C LYS B 455 -29.64 -38.44 -1.94
N THR B 456 -30.59 -38.33 -2.88
CA THR B 456 -30.93 -37.01 -3.42
C THR B 456 -31.74 -36.25 -2.37
N ILE B 457 -31.84 -34.92 -2.52
CA ILE B 457 -32.69 -34.12 -1.64
C ILE B 457 -34.15 -34.57 -1.83
N ARG B 458 -34.58 -34.77 -3.10
CA ARG B 458 -35.94 -35.19 -3.39
C ARG B 458 -36.27 -36.48 -2.65
N GLN B 459 -35.37 -37.47 -2.71
CA GLN B 459 -35.63 -38.76 -2.05
C GLN B 459 -35.64 -38.62 -0.54
N THR B 460 -34.77 -37.75 0.01
CA THR B 460 -34.70 -37.58 1.46
C THR B 460 -35.97 -36.93 1.99
N VAL B 461 -36.55 -35.97 1.23
CA VAL B 461 -37.81 -35.32 1.59
C VAL B 461 -38.91 -36.38 1.64
N ILE B 462 -38.95 -37.27 0.64
CA ILE B 462 -39.92 -38.36 0.57
C ILE B 462 -39.72 -39.30 1.76
N ASP B 463 -38.47 -39.76 1.96
CA ASP B 463 -38.09 -40.72 2.99
C ASP B 463 -38.39 -40.24 4.41
N ARG B 464 -38.24 -38.92 4.68
CA ARG B 464 -38.53 -38.33 5.99
C ARG B 464 -40.05 -38.08 6.20
N GLY B 465 -40.87 -38.45 5.21
CA GLY B 465 -42.31 -38.31 5.22
C GLY B 465 -42.81 -36.88 5.24
N LEU B 466 -42.12 -35.99 4.51
CA LEU B 466 -42.47 -34.58 4.49
C LEU B 466 -43.54 -34.23 3.46
N ILE B 467 -43.87 -35.15 2.53
CA ILE B 467 -44.94 -34.94 1.56
C ILE B 467 -46.29 -34.99 2.27
N GLY B 468 -47.09 -33.94 2.07
CA GLY B 468 -48.40 -33.79 2.66
C GLY B 468 -49.07 -32.48 2.27
N ASP B 469 -49.92 -31.94 3.16
CA ASP B 469 -50.67 -30.70 2.94
C ASP B 469 -49.76 -29.47 2.68
N ARG B 470 -48.59 -29.41 3.35
CA ARG B 470 -47.66 -28.28 3.21
C ARG B 470 -46.73 -28.42 2.00
N LEU B 471 -46.66 -29.64 1.40
CA LEU B 471 -45.77 -29.89 0.27
C LEU B 471 -46.20 -31.14 -0.50
N SER B 472 -46.75 -30.94 -1.71
CA SER B 472 -47.17 -32.05 -2.57
C SER B 472 -45.97 -32.48 -3.40
N ILE B 473 -46.00 -33.70 -3.99
CA ILE B 473 -44.90 -34.19 -4.82
C ILE B 473 -44.69 -33.27 -6.05
N GLU B 474 -45.79 -32.75 -6.64
CA GLU B 474 -45.74 -31.85 -7.78
C GLU B 474 -45.05 -30.54 -7.41
N ASP B 475 -45.34 -30.00 -6.21
CA ASP B 475 -44.69 -28.76 -5.71
C ASP B 475 -43.20 -29.01 -5.47
N LEU B 476 -42.87 -30.16 -4.84
CA LEU B 476 -41.49 -30.51 -4.58
C LEU B 476 -40.68 -30.50 -5.87
N ASP B 477 -41.21 -31.15 -6.94
CA ASP B 477 -40.53 -31.22 -8.23
C ASP B 477 -40.41 -29.85 -8.90
N ARG B 478 -41.41 -28.96 -8.75
CA ARG B 478 -41.32 -27.61 -9.30
C ARG B 478 -40.21 -26.83 -8.58
N ARG B 479 -40.18 -26.92 -7.24
CA ARG B 479 -39.21 -26.23 -6.38
C ARG B 479 -37.78 -26.70 -6.58
N LEU B 480 -37.58 -28.01 -6.86
CA LEU B 480 -36.22 -28.56 -6.99
C LEU B 480 -35.63 -28.50 -8.41
N ASP B 481 -36.37 -27.94 -9.39
CA ASP B 481 -35.87 -27.83 -10.76
C ASP B 481 -34.74 -26.80 -10.75
N VAL B 482 -33.50 -27.22 -11.00
CA VAL B 482 -32.32 -26.33 -10.87
C VAL B 482 -32.35 -25.15 -11.85
N LEU B 483 -32.81 -25.33 -13.11
CA LEU B 483 -32.81 -24.18 -14.03
C LEU B 483 -33.81 -23.13 -13.54
N ALA B 484 -35.01 -23.57 -13.10
CA ALA B 484 -36.03 -22.67 -12.56
C ALA B 484 -35.52 -22.02 -11.27
N MET B 485 -34.73 -22.76 -10.47
CA MET B 485 -34.12 -22.26 -9.24
C MET B 485 -33.12 -21.12 -9.49
N ALA B 486 -32.48 -21.10 -10.68
CA ALA B 486 -31.54 -20.03 -11.04
C ALA B 486 -32.29 -18.73 -11.41
N LYS B 487 -33.62 -18.82 -11.65
CA LYS B 487 -34.46 -17.65 -11.98
C LYS B 487 -33.84 -16.80 -13.09
N ALA B 488 -33.43 -17.47 -14.18
CA ALA B 488 -32.78 -16.78 -15.31
C ALA B 488 -33.74 -15.80 -15.99
N TYR C 32 -18.93 14.20 38.80
CA TYR C 32 -18.08 15.11 38.07
C TYR C 32 -17.54 16.19 39.03
N ARG C 33 -16.20 16.24 39.19
CA ARG C 33 -15.48 17.20 40.04
C ARG C 33 -14.81 18.26 39.17
N ILE C 34 -14.67 19.50 39.70
CA ILE C 34 -14.10 20.60 38.91
C ILE C 34 -12.63 20.85 39.27
N GLU C 35 -11.77 20.87 38.24
CA GLU C 35 -10.34 21.10 38.41
C GLU C 35 -9.94 22.46 37.85
N HIS C 36 -9.15 23.21 38.62
CA HIS C 36 -8.70 24.56 38.30
C HIS C 36 -7.27 24.55 37.71
N ASP C 37 -7.16 24.95 36.43
CA ASP C 37 -5.91 24.97 35.67
C ASP C 37 -5.39 26.41 35.45
N THR C 38 -4.17 26.54 34.88
CA THR C 38 -3.50 27.82 34.59
C THR C 38 -4.29 28.65 33.56
N MET C 39 -4.93 27.99 32.57
CA MET C 39 -5.73 28.64 31.53
C MET C 39 -7.09 29.08 32.08
N GLY C 40 -7.81 28.15 32.72
CA GLY C 40 -9.13 28.37 33.32
C GLY C 40 -9.60 27.23 34.19
N GLU C 41 -10.90 26.92 34.13
CA GLU C 41 -11.54 25.83 34.88
C GLU C 41 -11.99 24.69 33.95
N VAL C 42 -11.91 23.43 34.41
CA VAL C 42 -12.27 22.25 33.61
C VAL C 42 -12.94 21.17 34.50
N ARG C 43 -14.01 20.54 33.97
CA ARG C 43 -14.77 19.50 34.67
C ARG C 43 -14.25 18.12 34.30
N VAL C 44 -13.96 17.29 35.32
CA VAL C 44 -13.43 15.94 35.17
C VAL C 44 -14.42 14.93 35.82
N PRO C 45 -14.73 13.76 35.18
CA PRO C 45 -15.62 12.78 35.85
C PRO C 45 -15.15 12.43 37.26
N ALA C 46 -16.07 12.26 38.22
CA ALA C 46 -15.76 12.02 39.63
C ALA C 46 -14.86 10.78 39.88
N LYS C 47 -15.14 9.66 39.21
CA LYS C 47 -14.40 8.40 39.36
C LYS C 47 -13.10 8.35 38.54
N ALA C 48 -12.80 9.43 37.79
CA ALA C 48 -11.60 9.51 36.95
C ALA C 48 -10.37 9.78 37.79
N LEU C 49 -9.28 9.08 37.46
CA LEU C 49 -7.99 9.27 38.13
C LEU C 49 -7.14 10.21 37.30
N TRP C 50 -7.60 10.58 36.09
CA TRP C 50 -6.83 11.53 35.29
C TRP C 50 -7.12 12.93 35.80
N ARG C 51 -6.37 13.94 35.31
CA ARG C 51 -6.59 15.28 35.83
C ARG C 51 -6.83 16.29 34.69
N ALA C 52 -6.61 17.60 34.94
CA ALA C 52 -6.89 18.68 34.01
C ALA C 52 -6.27 18.51 32.62
N GLN C 53 -4.96 18.20 32.52
CA GLN C 53 -4.29 18.09 31.20
C GLN C 53 -4.88 16.98 30.34
N THR C 54 -5.25 15.83 30.95
CA THR C 54 -5.88 14.74 30.22
C THR C 54 -7.27 15.15 29.77
N GLN C 55 -8.03 15.81 30.63
CA GLN C 55 -9.38 16.25 30.27
C GLN C 55 -9.30 17.24 29.10
N ARG C 56 -8.28 18.11 29.04
CA ARG C 56 -8.10 19.05 27.92
C ARG C 56 -7.81 18.27 26.63
N ALA C 57 -7.00 17.21 26.71
CA ALA C 57 -6.69 16.39 25.53
C ALA C 57 -7.92 15.64 25.05
N VAL C 58 -8.81 15.23 25.98
CA VAL C 58 -10.08 14.58 25.65
C VAL C 58 -10.93 15.55 24.81
N GLU C 59 -10.98 16.82 25.22
CA GLU C 59 -11.76 17.82 24.53
C GLU C 59 -11.09 18.23 23.20
N ASN C 60 -9.75 18.17 23.14
CA ASN C 60 -8.99 18.58 21.96
C ASN C 60 -8.97 17.57 20.81
N PHE C 61 -9.06 16.25 21.10
CA PHE C 61 -8.95 15.25 20.04
C PHE C 61 -10.16 14.27 19.92
N PRO C 62 -11.43 14.70 19.77
CA PRO C 62 -12.52 13.70 19.56
C PRO C 62 -12.54 13.26 18.09
N ILE C 63 -11.66 12.33 17.73
CA ILE C 63 -11.45 11.92 16.33
C ILE C 63 -11.90 10.48 16.08
N SER C 64 -11.31 9.52 16.79
CA SER C 64 -11.64 8.12 16.58
C SER C 64 -12.52 7.54 17.69
N GLY C 65 -12.46 8.11 18.89
CA GLY C 65 -13.20 7.59 20.04
C GLY C 65 -12.53 6.37 20.66
N ARG C 66 -11.30 6.05 20.23
CA ARG C 66 -10.54 4.92 20.72
C ARG C 66 -9.20 5.40 21.25
N GLY C 67 -8.85 4.93 22.44
CA GLY C 67 -7.62 5.32 23.12
C GLY C 67 -6.55 4.25 23.09
N LEU C 68 -5.57 4.36 24.00
CA LEU C 68 -4.49 3.39 24.11
C LEU C 68 -5.03 2.02 24.45
N GLU C 69 -4.38 0.99 23.90
CA GLU C 69 -4.76 -0.38 24.18
C GLU C 69 -4.09 -0.83 25.48
N ARG C 70 -4.57 -1.94 26.01
CA ARG C 70 -4.11 -2.54 27.26
C ARG C 70 -2.59 -2.67 27.31
N THR C 71 -2.00 -3.17 26.21
CA THR C 71 -0.54 -3.39 26.12
C THR C 71 0.25 -2.10 26.22
N GLN C 72 -0.27 -1.01 25.63
CA GLN C 72 0.39 0.31 25.67
C GLN C 72 0.35 0.89 27.05
N ILE C 73 -0.82 0.79 27.70
CA ILE C 73 -1.03 1.28 29.07
C ILE C 73 -0.08 0.53 29.99
N ARG C 74 -0.01 -0.81 29.87
CA ARG C 74 0.92 -1.63 30.66
C ARG C 74 2.36 -1.13 30.49
N ALA C 75 2.80 -0.91 29.25
CA ALA C 75 4.19 -0.49 28.99
C ALA C 75 4.48 0.87 29.56
N LEU C 76 3.49 1.77 29.53
CA LEU C 76 3.67 3.10 30.13
C LEU C 76 3.80 2.94 31.65
N GLY C 77 3.00 2.07 32.27
CA GLY C 77 3.12 1.80 33.70
C GLY C 77 4.48 1.21 34.05
N LEU C 78 4.94 0.24 33.26
CA LEU C 78 6.25 -0.38 33.49
C LEU C 78 7.37 0.69 33.41
N LEU C 79 7.32 1.51 32.38
CA LEU C 79 8.35 2.53 32.22
C LEU C 79 8.36 3.55 33.36
N LYS C 80 7.18 4.03 33.80
CA LYS C 80 7.15 5.01 34.90
C LYS C 80 7.68 4.46 36.20
N GLY C 81 7.41 3.19 36.46
CA GLY C 81 7.91 2.52 37.66
C GLY C 81 9.41 2.39 37.63
N ALA C 82 9.95 1.97 36.46
CA ALA C 82 11.40 1.81 36.29
C ALA C 82 12.10 3.19 36.39
N CYS C 83 11.52 4.27 35.80
CA CYS C 83 12.11 5.60 35.93
C CYS C 83 12.17 6.05 37.40
N ALA C 84 11.07 5.83 38.18
CA ALA C 84 11.03 6.22 39.59
C ALA C 84 12.08 5.44 40.37
N GLN C 85 12.24 4.16 40.04
CA GLN C 85 13.22 3.31 40.70
C GLN C 85 14.62 3.86 40.49
N VAL C 86 14.94 4.25 39.24
CA VAL C 86 16.27 4.78 38.91
C VAL C 86 16.48 6.17 39.53
N ASN C 87 15.48 7.07 39.43
CA ASN C 87 15.60 8.40 40.07
C ASN C 87 15.85 8.26 41.57
N SER C 88 15.22 7.24 42.21
CA SER C 88 15.39 6.94 43.64
C SER C 88 16.83 6.46 43.91
N ASP C 89 17.30 5.50 43.09
CA ASP C 89 18.65 4.92 43.16
C ASP C 89 19.74 6.00 43.04
N LEU C 90 19.52 7.00 42.19
CA LEU C 90 20.46 8.09 41.95
C LEU C 90 20.30 9.25 42.95
N GLY C 91 19.35 9.12 43.89
CA GLY C 91 19.09 10.10 44.94
C GLY C 91 18.46 11.40 44.49
N LEU C 92 17.75 11.36 43.36
CA LEU C 92 17.09 12.53 42.76
C LEU C 92 15.64 12.66 43.22
N LEU C 93 15.05 11.54 43.66
CA LEU C 93 13.65 11.47 44.08
C LEU C 93 13.57 10.85 45.46
N ALA C 94 12.80 11.49 46.36
CA ALA C 94 12.63 11.03 47.76
C ALA C 94 12.04 9.61 47.81
N PRO C 95 12.54 8.71 48.68
CA PRO C 95 12.04 7.31 48.69
C PRO C 95 10.52 7.16 48.86
N GLU C 96 9.89 8.00 49.71
CA GLU C 96 8.43 7.97 49.91
C GLU C 96 7.70 8.28 48.60
N LYS C 97 8.20 9.26 47.82
CA LYS C 97 7.60 9.62 46.53
C LYS C 97 7.86 8.49 45.52
N ALA C 98 9.10 7.96 45.50
CA ALA C 98 9.45 6.86 44.60
C ALA C 98 8.62 5.61 44.88
N ASP C 99 8.47 5.20 46.15
CA ASP C 99 7.64 4.04 46.52
C ASP C 99 6.19 4.22 46.06
N ALA C 100 5.64 5.45 46.19
CA ALA C 100 4.26 5.73 45.77
C ALA C 100 4.11 5.57 44.26
N ILE C 101 5.07 6.10 43.48
CA ILE C 101 5.07 5.96 42.02
C ILE C 101 5.17 4.48 41.63
N ILE C 102 6.12 3.74 42.22
CA ILE C 102 6.35 2.33 41.89
C ILE C 102 5.08 1.51 42.15
N ALA C 103 4.42 1.73 43.32
CA ALA C 103 3.20 1.00 43.67
C ALA C 103 2.07 1.34 42.69
N ALA C 104 1.92 2.64 42.36
CA ALA C 104 0.89 3.11 41.42
C ALA C 104 1.17 2.57 40.01
N ALA C 105 2.43 2.63 39.57
CA ALA C 105 2.84 2.18 38.23
C ALA C 105 2.65 0.67 38.07
N ALA C 106 2.86 -0.12 39.15
CA ALA C 106 2.64 -1.57 39.14
C ALA C 106 1.14 -1.89 38.97
N GLU C 107 0.24 -1.06 39.55
CA GLU C 107 -1.20 -1.23 39.39
C GLU C 107 -1.59 -1.03 37.92
N ILE C 108 -1.01 0.00 37.30
CA ILE C 108 -1.24 0.29 35.88
C ILE C 108 -0.70 -0.86 35.00
N ALA C 109 0.53 -1.32 35.26
CA ALA C 109 1.16 -2.41 34.51
C ALA C 109 0.39 -3.73 34.68
N ASP C 110 -0.29 -3.91 35.83
CA ASP C 110 -1.09 -5.10 36.15
C ASP C 110 -2.50 -5.03 35.52
N GLY C 111 -2.78 -3.95 34.80
CA GLY C 111 -4.04 -3.76 34.10
C GLY C 111 -5.22 -3.45 35.01
N GLN C 112 -4.97 -2.77 36.14
CA GLN C 112 -6.05 -2.40 37.07
C GLN C 112 -6.70 -1.04 36.73
N HIS C 113 -6.10 -0.26 35.80
CA HIS C 113 -6.61 1.08 35.48
C HIS C 113 -6.71 1.33 33.96
N ASP C 114 -7.12 0.32 33.19
CA ASP C 114 -7.23 0.46 31.73
C ASP C 114 -8.33 1.45 31.32
N ASP C 115 -9.25 1.79 32.24
CA ASP C 115 -10.34 2.73 32.01
C ASP C 115 -9.95 4.19 32.36
N GLN C 116 -8.68 4.42 32.70
CA GLN C 116 -8.20 5.75 33.09
C GLN C 116 -7.39 6.44 32.00
N PHE C 117 -7.45 5.95 30.76
CA PHE C 117 -6.65 6.51 29.65
C PHE C 117 -7.58 6.87 28.49
N PRO C 118 -8.28 8.00 28.61
CA PRO C 118 -9.37 8.28 27.66
C PRO C 118 -8.94 8.99 26.39
N ILE C 119 -7.67 9.46 26.32
CA ILE C 119 -7.21 10.25 25.19
C ILE C 119 -7.19 9.46 23.87
N ASP C 120 -7.63 10.11 22.78
CA ASP C 120 -7.63 9.51 21.45
C ASP C 120 -6.24 9.07 20.99
N VAL C 121 -6.17 8.03 20.16
CA VAL C 121 -4.93 7.61 19.52
C VAL C 121 -4.43 8.79 18.68
N PHE C 122 -5.34 9.52 18.01
CA PHE C 122 -4.96 10.61 17.12
C PHE C 122 -4.81 11.88 17.94
N GLN C 123 -3.65 12.00 18.53
CA GLN C 123 -3.25 13.11 19.41
C GLN C 123 -1.92 13.71 18.94
N THR C 124 -1.33 14.64 19.73
CA THR C 124 -0.01 15.18 19.44
C THR C 124 0.90 14.01 19.10
N GLY C 125 1.68 14.17 18.03
CA GLY C 125 2.48 13.11 17.43
C GLY C 125 3.59 12.49 18.27
N SER C 126 3.96 13.15 19.35
CA SER C 126 4.98 12.66 20.26
C SER C 126 4.36 11.76 21.32
N GLY C 127 3.04 11.78 21.45
CA GLY C 127 2.36 11.03 22.50
C GLY C 127 2.46 11.75 23.85
N THR C 128 2.77 13.06 23.82
CA THR C 128 2.86 13.87 25.05
C THR C 128 1.58 13.77 25.87
N SER C 129 0.41 13.85 25.21
CA SER C 129 -0.85 13.78 25.94
C SER C 129 -0.98 12.48 26.73
N SER C 130 -0.63 11.33 26.13
CA SER C 130 -0.73 10.05 26.86
C SER C 130 0.34 9.95 27.95
N ASN C 131 1.50 10.55 27.73
CA ASN C 131 2.53 10.58 28.78
C ASN C 131 1.99 11.36 30.02
N MET C 132 1.32 12.51 29.80
CA MET C 132 0.75 13.33 30.88
C MET C 132 -0.39 12.59 31.56
N ASN C 133 -1.17 11.83 30.78
CA ASN C 133 -2.27 11.01 31.29
C ASN C 133 -1.71 10.01 32.30
N THR C 134 -0.58 9.36 31.98
CA THR C 134 0.03 8.38 32.90
C THR C 134 0.48 9.06 34.19
N ASN C 135 1.16 10.22 34.07
CA ASN C 135 1.68 10.96 35.22
C ASN C 135 0.55 11.40 36.15
N GLU C 136 -0.56 11.88 35.58
CA GLU C 136 -1.71 12.35 36.35
C GLU C 136 -2.42 11.20 37.07
N VAL C 137 -2.59 10.05 36.40
CA VAL C 137 -3.24 8.87 36.97
C VAL C 137 -2.38 8.34 38.14
N ILE C 138 -1.05 8.29 37.95
CA ILE C 138 -0.14 7.84 39.02
C ILE C 138 -0.28 8.76 40.25
N ALA C 139 -0.30 10.09 40.03
CA ALA C 139 -0.45 11.07 41.12
C ALA C 139 -1.79 10.88 41.85
N SER C 140 -2.89 10.61 41.11
CA SER C 140 -4.21 10.40 41.72
C SER C 140 -4.27 9.08 42.48
N ILE C 141 -3.53 8.04 42.02
CA ILE C 141 -3.47 6.76 42.76
C ILE C 141 -2.69 6.98 44.04
N ALA C 142 -1.51 7.64 43.95
CA ALA C 142 -0.69 7.91 45.12
C ALA C 142 -1.42 8.80 46.13
N ALA C 143 -2.25 9.75 45.65
CA ALA C 143 -3.03 10.64 46.54
C ALA C 143 -3.99 9.83 47.42
N LYS C 144 -4.57 8.72 46.87
CA LYS C 144 -5.47 7.81 47.60
C LYS C 144 -4.73 7.09 48.72
N GLY C 145 -3.42 6.88 48.51
CA GLY C 145 -2.54 6.26 49.50
C GLY C 145 -1.93 7.28 50.45
N GLY C 146 -2.39 8.53 50.37
CA GLY C 146 -1.95 9.65 51.19
C GLY C 146 -0.60 10.26 50.88
N VAL C 147 -0.09 10.05 49.65
CA VAL C 147 1.20 10.62 49.22
C VAL C 147 0.97 11.65 48.10
N THR C 148 1.44 12.91 48.27
CA THR C 148 1.28 13.96 47.25
C THR C 148 2.43 13.90 46.24
N LEU C 149 2.07 13.72 44.95
CA LEU C 149 3.02 13.66 43.85
C LEU C 149 2.72 14.72 42.82
N HIS C 150 3.76 15.36 42.29
CA HIS C 150 3.62 16.33 41.23
C HIS C 150 3.72 15.55 39.92
N PRO C 151 2.68 15.51 39.06
CA PRO C 151 2.79 14.71 37.83
C PRO C 151 4.05 15.02 37.01
N ASN C 152 4.40 16.30 36.82
CA ASN C 152 5.58 16.60 36.01
C ASN C 152 6.89 16.48 36.80
N ASP C 153 7.03 17.19 37.92
CA ASP C 153 8.29 17.23 38.66
C ASP C 153 8.71 15.90 39.27
N ASP C 154 7.77 15.06 39.68
CA ASP C 154 8.11 13.78 40.31
C ASP C 154 7.94 12.60 39.34
N VAL C 155 6.72 12.42 38.81
CA VAL C 155 6.44 11.26 37.96
C VAL C 155 7.17 11.36 36.62
N ASN C 156 7.43 12.60 36.11
CA ASN C 156 8.12 12.75 34.82
C ASN C 156 9.59 13.14 35.00
N MET C 157 10.13 12.99 36.22
CA MET C 157 11.52 13.37 36.50
C MET C 157 12.51 12.65 35.56
N SER C 158 13.48 13.43 34.99
CA SER C 158 14.56 12.97 34.08
C SER C 158 14.02 12.52 32.71
N GLN C 159 12.72 12.80 32.43
CA GLN C 159 12.09 12.35 31.19
C GLN C 159 11.53 13.47 30.33
N SER C 160 11.25 13.11 29.09
CA SER C 160 10.56 13.87 28.08
C SER C 160 9.51 12.93 27.50
N SER C 161 8.46 13.45 26.86
CA SER C 161 7.54 12.54 26.20
C SER C 161 8.21 11.95 24.94
N ASN C 162 9.14 12.74 24.36
CA ASN C 162 9.83 12.42 23.12
C ASN C 162 10.69 11.19 23.24
N ASP C 163 11.10 10.84 24.49
CA ASP C 163 11.84 9.60 24.69
C ASP C 163 10.97 8.57 25.37
N THR C 164 10.01 8.98 26.22
CA THR C 164 9.17 7.99 26.94
C THR C 164 8.08 7.33 26.08
N PHE C 165 7.28 8.08 25.30
CA PHE C 165 6.22 7.43 24.53
C PHE C 165 6.79 6.40 23.51
N PRO C 166 7.84 6.71 22.71
CA PRO C 166 8.37 5.67 21.80
C PRO C 166 9.01 4.54 22.60
N THR C 167 9.59 4.83 23.80
CA THR C 167 10.13 3.76 24.63
C THR C 167 9.00 2.80 25.00
N ALA C 168 7.86 3.34 25.55
CA ALA C 168 6.76 2.47 25.93
C ALA C 168 6.21 1.70 24.70
N THR C 169 6.25 2.34 23.51
CA THR C 169 5.80 1.66 22.28
C THR C 169 6.71 0.47 21.95
N HIS C 170 8.02 0.68 22.03
CA HIS C 170 8.97 -0.39 21.72
C HIS C 170 8.94 -1.49 22.81
N ILE C 171 8.66 -1.14 24.06
CA ILE C 171 8.52 -2.18 25.10
C ILE C 171 7.30 -3.03 24.74
N ALA C 172 6.20 -2.37 24.47
CA ALA C 172 4.95 -3.09 24.16
C ALA C 172 5.14 -3.99 22.93
N ALA C 173 5.78 -3.45 21.89
CA ALA C 173 5.99 -4.21 20.64
C ALA C 173 6.93 -5.40 20.87
N THR C 174 8.01 -5.20 21.66
CA THR C 174 8.96 -6.28 21.97
C THR C 174 8.26 -7.35 22.77
N GLU C 175 7.50 -6.98 23.80
CA GLU C 175 6.72 -7.93 24.61
C GLU C 175 5.73 -8.70 23.73
N ALA C 176 5.03 -7.97 22.85
CA ALA C 176 4.05 -8.64 21.98
C ALA C 176 4.72 -9.68 21.08
N ALA C 177 5.92 -9.39 20.57
CA ALA C 177 6.64 -10.28 19.69
C ALA C 177 7.13 -11.51 20.42
N VAL C 178 7.81 -11.30 21.56
CA VAL C 178 8.50 -12.36 22.29
C VAL C 178 7.55 -13.21 23.14
N ALA C 179 6.66 -12.57 23.88
CA ALA C 179 5.84 -13.29 24.83
C ALA C 179 4.52 -13.82 24.26
N HIS C 180 4.07 -13.28 23.10
CA HIS C 180 2.75 -13.65 22.59
C HIS C 180 2.77 -14.12 21.17
N LEU C 181 3.38 -13.36 20.25
CA LEU C 181 3.32 -13.81 18.83
C LEU C 181 4.17 -15.04 18.56
N ILE C 182 5.46 -15.05 18.96
CA ILE C 182 6.31 -16.20 18.65
C ILE C 182 5.70 -17.49 19.24
N PRO C 183 5.22 -17.53 20.50
CA PRO C 183 4.57 -18.77 21.01
C PRO C 183 3.32 -19.16 20.22
N ALA C 184 2.52 -18.16 19.76
CA ALA C 184 1.32 -18.48 18.97
C ALA C 184 1.70 -19.08 17.61
N LEU C 185 2.73 -18.53 16.98
CA LEU C 185 3.22 -19.08 15.71
C LEU C 185 3.82 -20.42 15.94
N GLN C 186 4.54 -20.60 17.08
CA GLN C 186 5.11 -21.93 17.34
C GLN C 186 3.97 -22.98 17.48
N GLN C 187 2.85 -22.59 18.11
CA GLN C 187 1.69 -23.50 18.25
C GLN C 187 1.13 -23.86 16.85
N LEU C 188 1.00 -22.86 15.98
CA LEU C 188 0.51 -23.08 14.62
C LEU C 188 1.51 -23.96 13.85
N HIS C 189 2.81 -23.66 13.97
CA HIS C 189 3.85 -24.47 13.30
C HIS C 189 3.71 -25.93 13.72
N ASP C 190 3.61 -26.18 15.03
CA ASP C 190 3.53 -27.55 15.55
C ASP C 190 2.26 -28.26 15.08
N ALA C 191 1.13 -27.51 14.90
CA ALA C 191 -0.10 -28.13 14.40
C ALA C 191 0.07 -28.54 12.94
N LEU C 192 0.67 -27.67 12.12
CA LEU C 192 0.92 -27.98 10.71
C LEU C 192 1.93 -29.09 10.56
N ALA C 193 2.99 -29.10 11.41
CA ALA C 193 4.01 -30.14 11.35
C ALA C 193 3.45 -31.48 11.76
N ALA C 194 2.50 -31.51 12.73
CA ALA C 194 1.84 -32.78 13.12
C ALA C 194 1.08 -33.39 11.94
N LYS C 195 0.36 -32.53 11.18
CA LYS C 195 -0.35 -32.97 9.97
C LYS C 195 0.64 -33.41 8.88
N ALA C 196 1.79 -32.71 8.73
CA ALA C 196 2.82 -33.10 7.75
C ALA C 196 3.30 -34.52 8.03
N LEU C 197 3.39 -34.88 9.30
CA LEU C 197 3.82 -36.22 9.71
C LEU C 197 2.68 -37.26 9.56
N ASP C 198 1.45 -36.93 10.02
CA ASP C 198 0.30 -37.86 9.93
C ASP C 198 -0.07 -38.21 8.50
N TRP C 199 0.11 -37.24 7.58
CA TRP C 199 -0.27 -37.41 6.19
C TRP C 199 0.94 -37.63 5.28
N HIS C 200 2.04 -38.12 5.87
CA HIS C 200 3.28 -38.37 5.13
C HIS C 200 3.06 -39.25 3.88
N THR C 201 2.15 -40.22 3.95
CA THR C 201 1.96 -41.11 2.80
C THR C 201 0.59 -40.90 2.12
N VAL C 202 -0.08 -39.75 2.38
CA VAL C 202 -1.37 -39.50 1.76
C VAL C 202 -1.10 -38.88 0.41
N VAL C 203 -0.99 -39.74 -0.59
CA VAL C 203 -0.65 -39.32 -1.94
C VAL C 203 -1.85 -38.64 -2.61
N LYS C 204 -1.55 -37.66 -3.45
CA LYS C 204 -2.56 -36.91 -4.19
C LYS C 204 -1.91 -36.31 -5.42
N SER C 205 -2.70 -35.70 -6.30
CA SER C 205 -2.10 -35.03 -7.44
C SER C 205 -1.65 -33.66 -7.05
N GLY C 206 -0.52 -33.24 -7.59
CA GLY C 206 -0.08 -31.86 -7.41
C GLY C 206 -0.95 -30.98 -8.28
N ARG C 207 -0.83 -29.65 -8.07
CA ARG C 207 -1.54 -28.65 -8.85
C ARG C 207 -0.61 -27.52 -9.13
N THR C 208 -0.35 -27.24 -10.40
CA THR C 208 0.49 -26.07 -10.76
C THR C 208 -0.32 -25.27 -11.75
N HIS C 209 -0.40 -23.93 -11.60
CA HIS C 209 -1.24 -23.10 -12.46
C HIS C 209 -2.72 -23.52 -12.30
N LEU C 210 -3.06 -24.24 -11.21
CA LEU C 210 -4.41 -24.79 -10.92
C LEU C 210 -4.70 -26.04 -11.79
N MET C 211 -3.71 -26.51 -12.56
CA MET C 211 -3.88 -27.66 -13.45
C MET C 211 -3.25 -28.91 -12.88
N ASP C 212 -3.79 -30.08 -13.24
CA ASP C 212 -3.27 -31.37 -12.80
C ASP C 212 -1.76 -31.46 -12.98
N ALA C 213 -1.06 -31.94 -11.96
CA ALA C 213 0.39 -32.10 -12.04
C ALA C 213 0.78 -33.44 -11.42
N VAL C 214 2.08 -33.76 -11.44
CA VAL C 214 2.57 -35.03 -10.92
C VAL C 214 2.28 -35.18 -9.39
N PRO C 215 2.36 -36.41 -8.86
CA PRO C 215 1.93 -36.62 -7.46
C PRO C 215 2.80 -35.96 -6.40
N VAL C 216 2.14 -35.65 -5.30
CA VAL C 216 2.71 -35.11 -4.07
C VAL C 216 1.99 -35.84 -2.96
N THR C 217 2.34 -35.55 -1.72
CA THR C 217 1.55 -36.04 -0.61
C THR C 217 0.99 -34.82 0.12
N LEU C 218 -0.11 -35.00 0.80
CA LEU C 218 -0.69 -33.94 1.63
C LEU C 218 0.29 -33.56 2.75
N GLY C 219 1.06 -34.53 3.23
CA GLY C 219 2.10 -34.28 4.22
C GLY C 219 3.20 -33.38 3.69
N GLN C 220 3.57 -33.56 2.41
CA GLN C 220 4.60 -32.67 1.81
C GLN C 220 4.08 -31.22 1.72
N GLU C 221 2.82 -31.05 1.30
CA GLU C 221 2.23 -29.72 1.21
C GLU C 221 2.19 -29.07 2.58
N PHE C 222 1.77 -29.83 3.62
CA PHE C 222 1.72 -29.30 5.00
C PHE C 222 3.13 -29.04 5.58
N SER C 223 4.14 -29.77 5.09
CA SER C 223 5.53 -29.52 5.48
C SER C 223 5.93 -28.13 4.95
N GLY C 224 5.44 -27.77 3.75
CA GLY C 224 5.68 -26.45 3.15
C GLY C 224 5.03 -25.36 3.98
N TYR C 225 3.77 -25.57 4.39
CA TYR C 225 3.10 -24.59 5.27
C TYR C 225 3.80 -24.45 6.59
N ALA C 226 4.23 -25.57 7.19
CA ALA C 226 4.97 -25.48 8.46
C ALA C 226 6.25 -24.66 8.27
N ARG C 227 6.97 -24.86 7.14
CA ARG C 227 8.20 -24.09 6.89
C ARG C 227 7.88 -22.61 6.77
N GLN C 228 6.75 -22.25 6.13
CA GLN C 228 6.41 -20.81 6.02
C GLN C 228 6.23 -20.19 7.39
N ILE C 229 5.64 -20.95 8.33
CA ILE C 229 5.42 -20.40 9.67
C ILE C 229 6.75 -20.35 10.44
N GLU C 230 7.60 -21.41 10.33
CA GLU C 230 8.93 -21.44 10.94
C GLU C 230 9.74 -20.24 10.43
N ALA C 231 9.70 -19.96 9.11
CA ALA C 231 10.39 -18.79 8.52
C ALA C 231 9.81 -17.49 9.08
N GLY C 232 8.51 -17.46 9.34
CA GLY C 232 7.86 -16.32 9.99
C GLY C 232 8.43 -16.04 11.37
N ILE C 233 8.62 -17.09 12.20
CA ILE C 233 9.23 -16.94 13.53
C ILE C 233 10.68 -16.42 13.33
N GLU C 234 11.43 -16.97 12.34
CA GLU C 234 12.80 -16.49 12.10
C GLU C 234 12.81 -15.00 11.76
N ARG C 235 11.84 -14.56 10.96
CA ARG C 235 11.71 -13.16 10.54
C ARG C 235 11.42 -12.25 11.73
N VAL C 236 10.54 -12.69 12.62
CA VAL C 236 10.27 -11.89 13.84
C VAL C 236 11.53 -11.85 14.72
N ARG C 237 12.21 -12.99 14.92
CA ARG C 237 13.42 -13.01 15.73
C ARG C 237 14.50 -12.09 15.12
N ALA C 238 14.58 -12.04 13.79
CA ALA C 238 15.56 -11.19 13.09
C ALA C 238 15.35 -9.70 13.36
N CYS C 239 14.10 -9.26 13.63
CA CYS C 239 13.89 -7.82 13.83
CA CYS C 239 13.72 -7.86 13.91
C CYS C 239 14.10 -7.41 15.31
N LEU C 240 14.11 -8.38 16.27
CA LEU C 240 14.27 -8.07 17.69
C LEU C 240 15.50 -7.20 18.06
N PRO C 241 16.69 -7.33 17.42
CA PRO C 241 17.82 -6.48 17.82
C PRO C 241 17.52 -5.00 17.69
N ARG C 242 16.62 -4.64 16.73
CA ARG C 242 16.29 -3.23 16.53
C ARG C 242 14.94 -2.89 17.08
N LEU C 243 14.01 -3.85 17.14
CA LEU C 243 12.71 -3.56 17.73
C LEU C 243 12.84 -3.23 19.24
N GLY C 244 13.76 -3.92 19.92
CA GLY C 244 13.99 -3.75 21.36
C GLY C 244 14.76 -2.52 21.76
N GLU C 245 15.26 -1.72 20.78
CA GLU C 245 16.02 -0.50 21.10
C GLU C 245 15.08 0.54 21.70
N LEU C 246 15.48 1.11 22.83
CA LEU C 246 14.67 2.08 23.55
C LEU C 246 15.34 3.45 23.57
N ALA C 247 14.53 4.51 23.42
CA ALA C 247 14.99 5.89 23.38
C ALA C 247 15.23 6.49 24.78
N ILE C 248 14.69 5.85 25.84
CA ILE C 248 14.72 6.38 27.20
C ILE C 248 16.13 6.92 27.58
N GLY C 249 16.14 8.14 28.08
CA GLY C 249 17.39 8.81 28.47
C GLY C 249 17.83 9.87 27.48
N GLY C 250 17.26 9.88 26.27
CA GLY C 250 17.62 10.84 25.23
C GLY C 250 16.95 12.20 25.40
N THR C 251 15.96 12.25 26.29
CA THR C 251 15.16 13.43 26.64
C THR C 251 14.58 14.13 25.39
N ALA C 252 14.57 15.50 25.35
CA ALA C 252 13.82 16.21 24.31
C ALA C 252 14.29 15.96 22.87
N VAL C 253 15.63 15.94 22.63
CA VAL C 253 16.09 15.87 21.23
C VAL C 253 17.10 14.72 20.95
N GLY C 254 17.38 13.92 21.96
CA GLY C 254 18.32 12.81 21.87
C GLY C 254 19.64 13.05 22.57
N THR C 255 19.86 14.30 23.06
CA THR C 255 21.12 14.65 23.70
C THR C 255 21.22 14.18 25.16
N GLY C 256 20.10 13.88 25.79
CA GLY C 256 20.08 13.47 27.18
C GLY C 256 20.13 14.67 28.11
N LEU C 257 19.98 15.89 27.57
CA LEU C 257 19.99 17.08 28.41
C LEU C 257 18.89 16.95 29.48
N ASN C 258 19.23 17.29 30.74
CA ASN C 258 18.33 17.28 31.89
C ASN C 258 18.02 15.85 32.36
N ALA C 259 18.82 14.86 31.91
CA ALA C 259 18.74 13.50 32.47
C ALA C 259 20.12 13.10 32.94
N PRO C 260 20.24 12.22 33.96
CA PRO C 260 21.57 11.68 34.30
C PRO C 260 22.18 10.98 33.08
N ASP C 261 23.51 11.04 32.91
CA ASP C 261 24.16 10.45 31.73
C ASP C 261 23.92 8.93 31.57
N ASP C 262 23.70 8.21 32.69
CA ASP C 262 23.48 6.77 32.65
C ASP C 262 22.00 6.42 32.92
N PHE C 263 21.09 7.41 32.76
CA PHE C 263 19.68 7.16 33.03
C PHE C 263 19.13 6.05 32.17
N GLY C 264 19.41 6.08 30.85
CA GLY C 264 18.89 5.06 29.93
C GLY C 264 19.39 3.67 30.27
N VAL C 265 20.71 3.51 30.46
CA VAL C 265 21.24 2.16 30.76
C VAL C 265 20.66 1.63 32.08
N ARG C 266 20.48 2.49 33.08
CA ARG C 266 19.92 2.05 34.36
C ARG C 266 18.45 1.68 34.24
N VAL C 267 17.64 2.49 33.49
CA VAL C 267 16.20 2.21 33.32
C VAL C 267 16.04 0.89 32.55
N VAL C 268 16.81 0.70 31.49
CA VAL C 268 16.69 -0.55 30.70
C VAL C 268 17.05 -1.76 31.57
N ALA C 269 18.12 -1.65 32.38
CA ALA C 269 18.52 -2.74 33.26
C ALA C 269 17.37 -3.13 34.21
N VAL C 270 16.65 -2.13 34.77
CA VAL C 270 15.51 -2.38 35.67
C VAL C 270 14.39 -3.08 34.88
N LEU C 271 14.07 -2.53 33.68
CA LEU C 271 13.02 -3.13 32.82
C LEU C 271 13.33 -4.56 32.47
N VAL C 272 14.60 -4.86 32.13
CA VAL C 272 14.99 -6.22 31.76
C VAL C 272 14.84 -7.14 32.98
N ALA C 273 15.32 -6.70 34.16
CA ALA C 273 15.24 -7.50 35.40
C ALA C 273 13.79 -7.80 35.78
N GLN C 274 12.89 -6.82 35.64
CA GLN C 274 11.49 -6.98 36.03
C GLN C 274 10.69 -7.84 35.02
N THR C 275 10.81 -7.55 33.73
CA THR C 275 10.04 -8.21 32.68
C THR C 275 10.65 -9.52 32.15
N GLY C 276 11.97 -9.67 32.25
CA GLY C 276 12.66 -10.81 31.67
C GLY C 276 12.85 -10.67 30.17
N LEU C 277 12.57 -9.47 29.63
CA LEU C 277 12.71 -9.23 28.20
C LEU C 277 14.13 -8.81 27.89
N SER C 278 15.00 -9.81 27.68
CA SER C 278 16.41 -9.61 27.42
C SER C 278 16.68 -8.84 26.11
N GLU C 279 15.67 -8.76 25.20
CA GLU C 279 15.81 -8.04 23.93
C GLU C 279 15.79 -6.52 24.10
N LEU C 280 15.28 -6.02 25.24
CA LEU C 280 15.27 -4.57 25.45
C LEU C 280 16.71 -4.06 25.64
N ARG C 281 17.04 -2.94 24.97
CA ARG C 281 18.37 -2.36 25.09
C ARG C 281 18.31 -0.86 24.86
N THR C 282 19.32 -0.11 25.34
CA THR C 282 19.38 1.30 24.98
C THR C 282 19.73 1.37 23.49
N ALA C 283 19.19 2.37 22.79
CA ALA C 283 19.42 2.52 21.35
C ALA C 283 20.89 2.70 20.99
N ALA C 284 21.29 2.15 19.83
CA ALA C 284 22.67 2.28 19.33
C ALA C 284 23.04 3.75 19.12
N ASN C 285 22.05 4.54 18.64
CA ASN C 285 22.25 5.98 18.44
C ASN C 285 21.01 6.71 18.96
N SER C 286 21.19 7.61 19.93
CA SER C 286 20.08 8.30 20.59
C SER C 286 19.31 9.24 19.67
N PHE C 287 19.94 9.76 18.63
CA PHE C 287 19.28 10.66 17.68
C PHE C 287 18.39 9.86 16.75
N GLU C 288 18.89 8.75 16.18
CA GLU C 288 18.10 7.85 15.32
C GLU C 288 16.86 7.32 16.08
N ALA C 289 17.01 7.05 17.36
CA ALA C 289 15.95 6.48 18.20
C ALA C 289 14.78 7.42 18.43
N GLN C 290 14.94 8.72 18.20
CA GLN C 290 13.83 9.66 18.42
C GLN C 290 13.42 10.30 17.11
N ALA C 291 14.38 10.49 16.18
CA ALA C 291 14.10 11.09 14.87
C ALA C 291 13.36 10.14 13.94
N ALA C 292 13.47 8.84 14.23
CA ALA C 292 12.86 7.86 13.37
C ALA C 292 12.25 6.72 14.19
N ARG C 293 11.36 5.96 13.56
CA ARG C 293 10.72 4.80 14.17
C ARG C 293 10.95 3.63 13.22
N ASP C 294 12.14 3.55 12.61
CA ASP C 294 12.45 2.54 11.60
C ASP C 294 12.34 1.10 12.12
N GLY C 295 12.53 0.88 13.43
CA GLY C 295 12.40 -0.43 14.06
C GLY C 295 10.96 -0.92 13.99
N LEU C 296 10.00 0.02 14.07
CA LEU C 296 8.58 -0.34 13.92
C LEU C 296 8.26 -0.68 12.48
N VAL C 297 8.83 0.08 11.53
CA VAL C 297 8.63 -0.21 10.09
C VAL C 297 9.22 -1.59 9.74
N GLU C 298 10.44 -1.89 10.28
CA GLU C 298 11.08 -3.18 10.04
C GLU C 298 10.21 -4.31 10.60
N ALA C 299 9.74 -4.15 11.85
CA ALA C 299 8.92 -5.19 12.49
C ALA C 299 7.60 -5.39 11.75
N SER C 300 6.97 -4.29 11.31
CA SER C 300 5.72 -4.40 10.56
C SER C 300 5.98 -5.21 9.25
N GLY C 301 7.15 -5.05 8.62
CA GLY C 301 7.53 -5.84 7.44
C GLY C 301 7.52 -7.33 7.71
N ALA C 302 8.03 -7.72 8.90
CA ALA C 302 8.01 -9.13 9.29
C ALA C 302 6.57 -9.61 9.45
N LEU C 303 5.72 -8.81 10.13
CA LEU C 303 4.29 -9.15 10.32
C LEU C 303 3.59 -9.23 8.97
N ARG C 304 3.92 -8.33 8.05
CA ARG C 304 3.30 -8.33 6.71
C ARG C 304 3.71 -9.63 5.94
N THR C 305 4.96 -10.08 6.11
CA THR C 305 5.36 -11.32 5.44
C THR C 305 4.60 -12.50 6.04
N ILE C 306 4.39 -12.49 7.36
CA ILE C 306 3.61 -13.56 8.02
C ILE C 306 2.18 -13.54 7.48
N ALA C 307 1.60 -12.35 7.34
CA ALA C 307 0.24 -12.23 6.77
C ALA C 307 0.20 -12.81 5.33
N VAL C 308 1.24 -12.56 4.52
CA VAL C 308 1.35 -13.12 3.16
C VAL C 308 1.39 -14.67 3.25
N SER C 309 2.20 -15.24 4.15
CA SER C 309 2.26 -16.71 4.28
C SER C 309 0.93 -17.27 4.73
N LEU C 310 0.32 -16.65 5.75
CA LEU C 310 -0.96 -17.12 6.28
C LEU C 310 -2.05 -17.05 5.22
N THR C 311 -1.99 -16.04 4.32
CA THR C 311 -2.99 -15.94 3.23
C THR C 311 -2.90 -17.20 2.34
N LYS C 312 -1.67 -17.56 1.94
CA LYS C 312 -1.46 -18.74 1.09
C LYS C 312 -1.94 -20.02 1.81
N ILE C 313 -1.56 -20.20 3.09
CA ILE C 313 -1.92 -21.40 3.85
C ILE C 313 -3.44 -21.49 3.97
N ALA C 314 -4.06 -20.39 4.44
CA ALA C 314 -5.53 -20.38 4.63
C ALA C 314 -6.27 -20.57 3.31
N ASN C 315 -5.82 -19.94 2.22
CA ASN C 315 -6.51 -20.09 0.90
C ASN C 315 -6.41 -21.53 0.39
N ASP C 316 -5.22 -22.13 0.52
CA ASP C 316 -5.09 -23.55 0.12
C ASP C 316 -6.01 -24.45 0.94
N ILE C 317 -6.07 -24.20 2.25
CA ILE C 317 -6.91 -25.02 3.14
C ILE C 317 -8.38 -24.87 2.79
N ARG C 318 -8.87 -23.63 2.61
CA ARG C 318 -10.30 -23.51 2.29
C ARG C 318 -10.60 -24.08 0.88
N TRP C 319 -9.66 -24.02 -0.07
CA TRP C 319 -9.84 -24.66 -1.37
C TRP C 319 -9.82 -26.19 -1.24
N MET C 320 -8.90 -26.75 -0.42
CA MET C 320 -8.89 -28.20 -0.25
C MET C 320 -10.16 -28.69 0.43
N GLY C 321 -10.77 -27.84 1.26
CA GLY C 321 -11.99 -28.21 1.96
C GLY C 321 -13.29 -27.90 1.22
N SER C 322 -13.18 -27.31 0.01
CA SER C 322 -14.32 -26.88 -0.79
C SER C 322 -15.23 -28.04 -1.18
N GLY C 323 -16.53 -27.77 -1.19
CA GLY C 323 -17.50 -28.80 -1.54
C GLY C 323 -18.77 -28.65 -0.75
N PRO C 324 -19.45 -29.76 -0.33
CA PRO C 324 -18.99 -31.15 -0.38
C PRO C 324 -18.90 -31.78 -1.76
N LEU C 325 -19.73 -31.37 -2.72
CA LEU C 325 -19.75 -32.06 -4.00
C LEU C 325 -19.38 -31.24 -5.23
N THR C 326 -19.26 -29.90 -5.13
CA THR C 326 -18.95 -29.11 -6.32
C THR C 326 -17.54 -28.49 -6.24
N GLY C 327 -16.74 -28.91 -5.27
CA GLY C 327 -15.40 -28.36 -5.09
C GLY C 327 -14.33 -29.42 -5.23
N LEU C 328 -13.26 -29.25 -4.44
CA LEU C 328 -12.11 -30.17 -4.51
C LEU C 328 -12.25 -31.34 -3.55
N ALA C 329 -12.90 -31.12 -2.38
CA ALA C 329 -13.18 -32.12 -1.36
C ALA C 329 -11.95 -33.03 -1.05
N GLU C 330 -10.80 -32.41 -0.86
CA GLU C 330 -9.59 -33.14 -0.50
C GLU C 330 -9.55 -33.43 0.98
N ILE C 331 -10.00 -32.47 1.79
CA ILE C 331 -10.00 -32.57 3.25
C ILE C 331 -11.34 -32.09 3.78
N GLN C 332 -11.60 -32.39 5.05
CA GLN C 332 -12.80 -31.92 5.76
C GLN C 332 -12.34 -31.05 6.92
N LEU C 333 -12.83 -29.80 6.97
CA LEU C 333 -12.54 -28.91 8.09
C LEU C 333 -13.49 -29.18 9.23
N PRO C 334 -13.08 -29.00 10.50
CA PRO C 334 -14.04 -29.14 11.61
C PRO C 334 -15.18 -28.13 11.50
N ASP C 335 -16.42 -28.57 11.74
CA ASP C 335 -17.59 -27.68 11.74
C ASP C 335 -17.52 -26.79 12.94
N LEU C 336 -17.69 -25.48 12.78
CA LEU C 336 -17.59 -24.58 13.94
C LEU C 336 -18.89 -23.85 14.23
N GLN C 337 -19.72 -23.69 13.19
CA GLN C 337 -21.01 -23.00 13.31
C GLN C 337 -21.85 -23.22 12.07
N PRO C 338 -23.18 -23.09 12.15
CA PRO C 338 -24.00 -23.18 10.92
C PRO C 338 -23.53 -22.16 9.91
N GLY C 339 -23.43 -22.57 8.65
CA GLY C 339 -22.85 -21.71 7.63
C GLY C 339 -23.73 -20.61 7.09
N SER C 340 -25.05 -20.88 6.99
CA SER C 340 -25.92 -19.91 6.33
C SER C 340 -27.23 -19.68 7.04
N SER C 341 -27.72 -18.43 6.99
CA SER C 341 -29.03 -18.08 7.52
C SER C 341 -30.15 -18.55 6.59
N ILE C 342 -29.80 -18.88 5.32
CA ILE C 342 -30.77 -19.24 4.28
C ILE C 342 -30.56 -20.63 3.69
N MET C 343 -29.29 -21.07 3.47
CA MET C 343 -29.02 -22.38 2.86
C MET C 343 -28.82 -23.42 3.97
N PRO C 344 -29.87 -24.17 4.31
CA PRO C 344 -29.80 -25.10 5.46
C PRO C 344 -28.79 -26.23 5.28
N GLY C 345 -28.05 -26.52 6.35
CA GLY C 345 -27.05 -27.58 6.37
C GLY C 345 -25.68 -27.18 5.85
N LYS C 346 -25.57 -25.99 5.22
CA LYS C 346 -24.30 -25.53 4.67
C LYS C 346 -23.34 -25.18 5.81
N VAL C 347 -22.05 -25.49 5.66
CA VAL C 347 -21.04 -25.15 6.67
C VAL C 347 -19.91 -24.54 5.89
N ASN C 348 -19.39 -23.42 6.38
CA ASN C 348 -18.34 -22.67 5.68
C ASN C 348 -16.97 -22.70 6.38
N PRO C 349 -15.87 -22.43 5.62
CA PRO C 349 -14.51 -22.39 6.24
C PRO C 349 -14.26 -21.06 6.97
N VAL C 350 -14.94 -20.90 8.10
CA VAL C 350 -14.91 -19.61 8.81
C VAL C 350 -13.54 -19.26 9.39
N LEU C 351 -12.76 -20.25 9.85
CA LEU C 351 -11.44 -19.87 10.42
C LEU C 351 -10.48 -19.38 9.30
N PRO C 352 -10.35 -20.09 8.14
CA PRO C 352 -9.56 -19.54 7.04
C PRO C 352 -10.03 -18.14 6.63
N GLU C 353 -11.37 -17.88 6.64
CA GLU C 353 -11.85 -16.53 6.30
C GLU C 353 -11.41 -15.52 7.33
N ALA C 354 -11.46 -15.87 8.64
CA ALA C 354 -10.94 -14.92 9.65
C ALA C 354 -9.43 -14.65 9.43
N VAL C 355 -8.66 -15.70 9.12
CA VAL C 355 -7.22 -15.59 8.90
C VAL C 355 -6.96 -14.64 7.71
N THR C 356 -7.68 -14.84 6.58
CA THR C 356 -7.38 -13.98 5.40
C THR C 356 -7.83 -12.53 5.62
N GLN C 357 -8.88 -12.31 6.42
CA GLN C 357 -9.32 -10.94 6.75
C GLN C 357 -8.30 -10.29 7.70
N VAL C 358 -7.76 -11.05 8.66
CA VAL C 358 -6.69 -10.49 9.54
C VAL C 358 -5.50 -10.12 8.65
N ALA C 359 -5.11 -11.01 7.73
CA ALA C 359 -3.95 -10.71 6.85
C ALA C 359 -4.18 -9.43 6.09
N ALA C 360 -5.40 -9.22 5.54
CA ALA C 360 -5.68 -7.96 4.84
C ALA C 360 -5.47 -6.76 5.78
N GLN C 361 -5.93 -6.89 7.03
CA GLN C 361 -5.79 -5.79 8.01
C GLN C 361 -4.31 -5.52 8.29
N VAL C 362 -3.50 -6.60 8.44
CA VAL C 362 -2.07 -6.45 8.70
C VAL C 362 -1.40 -5.72 7.54
N ILE C 363 -1.78 -6.06 6.29
CA ILE C 363 -1.23 -5.39 5.09
C ILE C 363 -1.56 -3.87 5.13
N GLY C 364 -2.80 -3.56 5.49
CA GLY C 364 -3.24 -2.16 5.57
C GLY C 364 -2.51 -1.44 6.68
N ASN C 365 -2.47 -2.06 7.88
CA ASN C 365 -1.72 -1.45 9.00
C ASN C 365 -0.25 -1.20 8.62
N ASP C 366 0.33 -2.13 7.87
CA ASP C 366 1.72 -2.02 7.45
C ASP C 366 1.96 -0.79 6.57
N ALA C 367 1.01 -0.48 5.64
CA ALA C 367 1.13 0.70 4.80
C ALA C 367 1.07 1.98 5.65
N ALA C 368 0.19 2.00 6.66
CA ALA C 368 0.05 3.18 7.56
C ALA C 368 1.33 3.36 8.32
N ILE C 369 1.91 2.26 8.82
CA ILE C 369 3.14 2.35 9.61
C ILE C 369 4.27 2.92 8.76
N ALA C 370 4.44 2.40 7.53
CA ALA C 370 5.55 2.90 6.68
C ALA C 370 5.37 4.38 6.35
N TRP C 371 4.13 4.78 6.10
CA TRP C 371 3.80 6.17 5.80
C TRP C 371 4.23 7.06 6.97
N GLY C 372 3.86 6.69 8.20
CA GLY C 372 4.25 7.48 9.36
C GLY C 372 5.76 7.47 9.55
N GLY C 373 6.39 6.31 9.33
CA GLY C 373 7.83 6.17 9.55
C GLY C 373 8.66 7.07 8.66
N ALA C 374 8.18 7.33 7.44
CA ALA C 374 8.99 8.12 6.49
C ALA C 374 8.92 9.59 6.73
N ASN C 375 7.94 10.05 7.51
CA ASN C 375 7.62 11.47 7.57
C ASN C 375 8.03 12.15 8.85
N GLY C 376 9.06 11.63 9.47
CA GLY C 376 9.64 12.31 10.62
C GLY C 376 10.31 13.58 10.14
N ALA C 377 10.61 14.49 11.06
CA ALA C 377 11.35 15.71 10.70
C ALA C 377 12.37 16.01 11.78
N PHE C 378 13.63 16.20 11.38
CA PHE C 378 14.69 16.62 12.28
C PHE C 378 14.76 15.74 13.52
N GLU C 379 14.59 16.29 14.73
CA GLU C 379 14.83 15.49 15.92
C GLU C 379 13.67 14.65 16.38
N LEU C 380 12.51 14.67 15.71
CA LEU C 380 11.42 13.88 16.22
C LEU C 380 10.49 13.39 15.13
N ASN C 381 10.18 12.09 15.18
CA ASN C 381 9.11 11.56 14.31
C ASN C 381 7.81 11.70 15.10
N VAL C 382 6.83 12.43 14.54
CA VAL C 382 5.56 12.78 15.19
C VAL C 382 4.39 11.94 14.64
N TYR C 383 4.63 10.66 14.36
CA TYR C 383 3.54 9.75 13.96
C TYR C 383 3.46 8.60 14.93
N ILE C 384 4.10 8.72 16.11
CA ILE C 384 4.21 7.60 17.05
C ILE C 384 2.85 7.00 17.49
N PRO C 385 1.84 7.79 17.94
CA PRO C 385 0.60 7.17 18.40
C PRO C 385 -0.08 6.35 17.29
N MET C 386 -0.08 6.88 16.03
CA MET C 386 -0.68 6.15 14.90
C MET C 386 0.16 4.89 14.62
N MET C 387 1.52 5.01 14.58
CA MET C 387 2.34 3.83 14.28
C MET C 387 2.17 2.79 15.38
N ALA C 388 2.12 3.22 16.66
CA ALA C 388 1.94 2.28 17.80
C ALA C 388 0.60 1.55 17.68
N ARG C 389 -0.48 2.29 17.37
CA ARG C 389 -1.79 1.63 17.23
C ARG C 389 -1.73 0.50 16.22
N ASN C 390 -1.15 0.81 15.06
CA ASN C 390 -1.10 -0.13 13.96
C ASN C 390 -0.20 -1.33 14.20
N ILE C 391 1.01 -1.12 14.74
CA ILE C 391 1.88 -2.29 14.94
C ILE C 391 1.34 -3.18 16.07
N LEU C 392 0.84 -2.57 17.14
CA LEU C 392 0.37 -3.39 18.27
C LEU C 392 -0.92 -4.15 17.88
N GLU C 393 -1.76 -3.54 17.03
CA GLU C 393 -2.92 -4.26 16.54
C GLU C 393 -2.50 -5.44 15.69
N SER C 394 -1.53 -5.25 14.77
CA SER C 394 -1.06 -6.34 13.88
C SER C 394 -0.54 -7.48 14.73
N PHE C 395 0.26 -7.18 15.79
CA PHE C 395 0.74 -8.25 16.69
C PHE C 395 -0.43 -9.00 17.34
N LYS C 396 -1.42 -8.26 17.84
CA LYS C 396 -2.57 -8.87 18.52
C LYS C 396 -3.40 -9.75 17.57
N LEU C 397 -3.75 -9.21 16.40
CA LEU C 397 -4.57 -9.95 15.44
C LEU C 397 -3.87 -11.23 15.00
N LEU C 398 -2.59 -11.15 14.67
CA LEU C 398 -1.82 -12.33 14.23
C LEU C 398 -1.72 -13.36 15.35
N THR C 399 -1.48 -12.91 16.59
CA THR C 399 -1.33 -13.82 17.73
C THR C 399 -2.63 -14.58 17.93
N ASN C 400 -3.74 -13.85 18.03
CA ASN C 400 -5.02 -14.47 18.34
C ASN C 400 -5.53 -15.35 17.23
N VAL C 401 -5.38 -14.92 15.95
CA VAL C 401 -5.93 -15.74 14.87
C VAL C 401 -5.03 -16.96 14.61
N SER C 402 -3.69 -16.87 14.86
CA SER C 402 -2.82 -18.04 14.66
C SER C 402 -3.18 -19.13 15.68
N ARG C 403 -3.46 -18.75 16.94
CA ARG C 403 -3.86 -19.77 17.92
C ARG C 403 -5.21 -20.39 17.56
N LEU C 404 -6.17 -19.57 17.13
CA LEU C 404 -7.50 -20.12 16.78
C LEU C 404 -7.38 -21.02 15.55
N PHE C 405 -6.55 -20.61 14.60
CA PHE C 405 -6.39 -21.35 13.35
C PHE C 405 -5.79 -22.74 13.68
N ALA C 406 -4.80 -22.78 14.57
CA ALA C 406 -4.16 -24.04 15.00
C ALA C 406 -5.16 -24.95 15.71
N GLN C 407 -5.91 -24.39 16.68
CA GLN C 407 -6.78 -25.17 17.56
C GLN C 407 -8.13 -25.53 17.00
N ARG C 408 -8.77 -24.60 16.27
CA ARG C 408 -10.14 -24.81 15.80
C ARG C 408 -10.22 -25.24 14.34
N CYS C 409 -9.09 -25.28 13.65
CA CYS C 409 -9.08 -25.65 12.26
C CYS C 409 -8.03 -26.76 11.98
N ILE C 410 -6.74 -26.43 12.04
CA ILE C 410 -5.67 -27.36 11.67
C ILE C 410 -5.74 -28.67 12.44
N ALA C 411 -5.85 -28.59 13.76
CA ALA C 411 -5.79 -29.78 14.61
C ALA C 411 -6.83 -30.84 14.23
N GLY C 412 -8.03 -30.42 13.82
CA GLY C 412 -9.10 -31.35 13.49
C GLY C 412 -9.29 -31.71 12.02
N LEU C 413 -8.39 -31.26 11.13
CA LEU C 413 -8.59 -31.58 9.71
C LEU C 413 -8.54 -33.07 9.47
N THR C 414 -9.39 -33.54 8.55
CA THR C 414 -9.35 -34.97 8.19
C THR C 414 -9.15 -35.07 6.68
N ALA C 415 -8.38 -36.05 6.22
CA ALA C 415 -8.09 -36.19 4.81
C ALA C 415 -8.97 -37.23 4.16
N ASN C 416 -9.39 -37.00 2.90
CA ASN C 416 -10.19 -37.98 2.14
C ASN C 416 -9.20 -38.83 1.37
N VAL C 417 -8.53 -39.73 2.10
CA VAL C 417 -7.39 -40.52 1.62
C VAL C 417 -7.71 -41.30 0.34
N GLU C 418 -8.80 -42.10 0.33
CA GLU C 418 -9.13 -42.93 -0.83
C GLU C 418 -9.41 -42.09 -2.08
N HIS C 419 -10.16 -40.99 -1.93
CA HIS C 419 -10.48 -40.04 -3.01
C HIS C 419 -9.19 -39.44 -3.61
N LEU C 420 -8.27 -39.02 -2.73
CA LEU C 420 -6.99 -38.41 -3.12
C LEU C 420 -6.12 -39.40 -3.90
N ARG C 421 -6.01 -40.63 -3.41
CA ARG C 421 -5.20 -41.63 -4.10
C ARG C 421 -5.83 -42.02 -5.46
N ARG C 422 -7.16 -42.17 -5.52
CA ARG C 422 -7.85 -42.55 -6.76
C ARG C 422 -7.60 -41.52 -7.86
N LEU C 423 -7.69 -40.21 -7.54
CA LEU C 423 -7.43 -39.15 -8.52
C LEU C 423 -5.98 -39.21 -8.97
N ALA C 424 -5.04 -39.40 -8.02
CA ALA C 424 -3.62 -39.51 -8.37
C ALA C 424 -3.38 -40.68 -9.33
N GLU C 425 -4.03 -41.83 -9.05
CA GLU C 425 -3.85 -43.05 -9.87
C GLU C 425 -4.57 -42.95 -11.22
N SER C 426 -5.40 -41.92 -11.42
CA SER C 426 -6.17 -41.76 -12.66
C SER C 426 -5.63 -40.62 -13.53
N SER C 427 -4.54 -40.01 -13.08
CA SER C 427 -3.96 -38.84 -13.71
C SER C 427 -3.17 -39.11 -14.97
N PRO C 428 -3.48 -38.41 -16.09
CA PRO C 428 -2.61 -38.53 -17.29
C PRO C 428 -1.14 -38.16 -17.00
N SER C 429 -0.86 -37.38 -15.92
CA SER C 429 0.51 -36.99 -15.54
C SER C 429 1.38 -38.19 -15.15
N ILE C 430 0.78 -39.35 -14.81
CA ILE C 430 1.56 -40.51 -14.36
C ILE C 430 1.81 -41.54 -15.50
N VAL C 431 1.47 -41.20 -16.77
CA VAL C 431 1.70 -42.12 -17.91
C VAL C 431 3.16 -42.09 -18.35
N THR C 432 3.88 -40.97 -18.10
CA THR C 432 5.28 -40.76 -18.49
C THR C 432 6.16 -41.98 -18.12
N PRO C 433 6.09 -42.60 -16.90
CA PRO C 433 6.93 -43.78 -16.63
C PRO C 433 6.59 -45.02 -17.47
N LEU C 434 5.48 -45.00 -18.24
CA LEU C 434 5.14 -46.14 -19.13
C LEU C 434 5.87 -46.05 -20.48
N ASN C 435 6.29 -44.82 -20.90
CA ASN C 435 6.94 -44.51 -22.19
C ASN C 435 8.00 -45.50 -22.61
N SER C 436 8.93 -45.87 -21.69
CA SER C 436 10.03 -46.78 -22.03
C SER C 436 9.57 -48.23 -22.31
N ALA C 437 8.32 -48.58 -21.96
CA ALA C 437 7.78 -49.93 -22.19
C ALA C 437 6.80 -50.00 -23.37
N ILE C 438 5.88 -49.03 -23.48
CA ILE C 438 4.81 -49.05 -24.52
C ILE C 438 4.92 -47.92 -25.57
N GLY C 439 5.75 -46.91 -25.36
CA GLY C 439 5.91 -45.81 -26.29
C GLY C 439 5.04 -44.60 -25.99
N TYR C 440 5.47 -43.42 -26.47
CA TYR C 440 4.81 -42.13 -26.26
C TYR C 440 3.35 -42.13 -26.77
N GLU C 441 3.13 -42.65 -28.00
CA GLU C 441 1.82 -42.72 -28.66
C GLU C 441 0.81 -43.58 -27.88
N GLU C 442 1.21 -44.79 -27.45
CA GLU C 442 0.34 -45.69 -26.69
C GLU C 442 0.08 -45.15 -25.27
N ALA C 443 1.08 -44.49 -24.66
CA ALA C 443 0.92 -43.89 -23.33
C ALA C 443 -0.07 -42.74 -23.41
N ALA C 444 -0.06 -41.94 -24.49
CA ALA C 444 -1.02 -40.86 -24.69
C ALA C 444 -2.42 -41.46 -24.94
N ALA C 445 -2.50 -42.58 -25.71
CA ALA C 445 -3.76 -43.28 -25.96
C ALA C 445 -4.35 -43.83 -24.65
N VAL C 446 -3.47 -44.35 -23.74
CA VAL C 446 -3.85 -44.81 -22.40
C VAL C 446 -4.40 -43.62 -21.61
N ALA C 447 -3.70 -42.47 -21.63
CA ALA C 447 -4.12 -41.25 -20.92
C ALA C 447 -5.48 -40.77 -21.42
N LYS C 448 -5.70 -40.77 -22.76
CA LYS C 448 -6.97 -40.35 -23.38
C LYS C 448 -8.13 -41.28 -22.98
N GLN C 449 -7.92 -42.61 -23.01
CA GLN C 449 -8.95 -43.58 -22.66
C GLN C 449 -9.29 -43.54 -21.15
N ALA C 450 -8.26 -43.43 -20.28
CA ALA C 450 -8.51 -43.36 -18.83
C ALA C 450 -9.46 -42.21 -18.49
N LEU C 451 -9.22 -41.01 -19.05
CA LEU C 451 -10.09 -39.84 -18.85
C LEU C 451 -11.50 -40.09 -19.40
N LYS C 452 -11.59 -40.71 -20.59
CA LYS C 452 -12.87 -41.01 -21.24
C LYS C 452 -13.74 -41.97 -20.41
N GLU C 453 -13.13 -43.05 -19.87
CA GLU C 453 -13.86 -44.09 -19.13
C GLU C 453 -13.86 -43.87 -17.60
N ARG C 454 -13.25 -42.75 -17.12
CA ARG C 454 -13.12 -42.36 -15.70
C ARG C 454 -12.44 -43.48 -14.86
N LYS C 455 -11.41 -44.11 -15.45
CA LYS C 455 -10.69 -45.21 -14.83
C LYS C 455 -9.30 -44.81 -14.45
N THR C 456 -8.63 -45.63 -13.64
CA THR C 456 -7.24 -45.41 -13.27
C THR C 456 -6.35 -45.71 -14.48
N ILE C 457 -5.11 -45.18 -14.50
CA ILE C 457 -4.19 -45.50 -15.59
C ILE C 457 -3.93 -47.00 -15.58
N ARG C 458 -3.78 -47.60 -14.37
CA ARG C 458 -3.52 -49.03 -14.20
C ARG C 458 -4.61 -49.87 -14.87
N GLN C 459 -5.90 -49.59 -14.58
CA GLN C 459 -7.01 -50.36 -15.18
C GLN C 459 -7.07 -50.19 -16.70
N THR C 460 -6.74 -48.97 -17.19
CA THR C 460 -6.74 -48.67 -18.62
C THR C 460 -5.64 -49.47 -19.34
N VAL C 461 -4.45 -49.63 -18.70
CA VAL C 461 -3.37 -50.43 -19.31
C VAL C 461 -3.86 -51.87 -19.47
N ILE C 462 -4.49 -52.44 -18.42
CA ILE C 462 -5.02 -53.81 -18.40
C ILE C 462 -6.13 -53.96 -19.45
N ASP C 463 -7.09 -53.00 -19.50
CA ASP C 463 -8.22 -53.01 -20.45
C ASP C 463 -7.77 -52.98 -21.91
N ARG C 464 -6.65 -52.29 -22.21
CA ARG C 464 -6.11 -52.21 -23.58
C ARG C 464 -5.24 -53.42 -23.94
N GLY C 465 -5.15 -54.38 -23.01
CA GLY C 465 -4.41 -55.63 -23.17
C GLY C 465 -2.93 -55.44 -23.36
N LEU C 466 -2.34 -54.45 -22.65
CA LEU C 466 -0.92 -54.14 -22.78
C LEU C 466 -0.04 -55.01 -21.88
N ILE C 467 -0.64 -55.82 -20.98
CA ILE C 467 0.11 -56.70 -20.09
C ILE C 467 0.56 -57.92 -20.90
N GLY C 468 1.86 -58.22 -20.83
CA GLY C 468 2.49 -59.33 -21.54
C GLY C 468 3.97 -59.49 -21.24
N ASP C 469 4.75 -59.93 -22.26
CA ASP C 469 6.20 -60.13 -22.16
C ASP C 469 6.93 -58.80 -21.99
N ARG C 470 6.52 -57.78 -22.77
CA ARG C 470 7.09 -56.43 -22.74
C ARG C 470 6.79 -55.71 -21.41
N LEU C 471 5.62 -55.96 -20.81
CA LEU C 471 5.21 -55.30 -19.57
C LEU C 471 4.38 -56.23 -18.65
N SER C 472 4.99 -56.69 -17.54
CA SER C 472 4.31 -57.54 -16.55
C SER C 472 3.43 -56.68 -15.63
N ILE C 473 2.51 -57.31 -14.86
CA ILE C 473 1.64 -56.61 -13.90
C ILE C 473 2.50 -56.01 -12.77
N GLU C 474 3.62 -56.69 -12.42
CA GLU C 474 4.55 -56.26 -11.38
C GLU C 474 5.31 -55.01 -11.85
N ASP C 475 5.79 -55.01 -13.13
CA ASP C 475 6.49 -53.87 -13.71
C ASP C 475 5.53 -52.67 -13.81
N LEU C 476 4.26 -52.91 -14.21
CA LEU C 476 3.24 -51.86 -14.31
C LEU C 476 2.98 -51.21 -12.94
N ASP C 477 2.86 -52.01 -11.86
CA ASP C 477 2.60 -51.47 -10.52
C ASP C 477 3.83 -50.72 -9.96
N ARG C 478 5.04 -51.05 -10.46
CA ARG C 478 6.26 -50.33 -10.08
C ARG C 478 6.31 -49.00 -10.81
N ARG C 479 6.02 -49.02 -12.12
CA ARG C 479 6.00 -47.83 -12.97
C ARG C 479 4.93 -46.84 -12.55
N LEU C 480 3.77 -47.33 -12.09
CA LEU C 480 2.64 -46.46 -11.71
C LEU C 480 2.50 -46.27 -10.20
N ASP C 481 3.56 -46.57 -9.43
CA ASP C 481 3.52 -46.39 -7.97
C ASP C 481 3.58 -44.89 -7.70
N VAL C 482 2.39 -44.29 -7.45
CA VAL C 482 2.25 -42.85 -7.26
C VAL C 482 2.97 -42.34 -5.98
N LEU C 483 2.99 -43.14 -4.91
CA LEU C 483 3.69 -42.70 -3.69
C LEU C 483 5.19 -42.61 -3.96
N ALA C 484 5.75 -43.56 -4.72
CA ALA C 484 7.15 -43.53 -5.12
C ALA C 484 7.43 -42.29 -6.00
N MET C 485 6.48 -41.92 -6.88
CA MET C 485 6.59 -40.74 -7.75
C MET C 485 6.65 -39.45 -6.95
N ALA C 486 5.96 -39.43 -5.79
CA ALA C 486 5.96 -38.27 -4.87
C ALA C 486 7.26 -38.22 -4.08
N LYS C 487 8.04 -39.33 -4.12
CA LYS C 487 9.34 -39.49 -3.45
C LYS C 487 9.18 -39.33 -1.92
N TYR D 32 15.73 -10.29 -43.80
CA TYR D 32 15.12 -9.71 -42.60
C TYR D 32 14.51 -10.75 -41.65
N ARG D 33 13.49 -11.52 -42.08
CA ARG D 33 12.80 -12.54 -41.30
C ARG D 33 13.18 -13.93 -41.82
N ILE D 34 13.21 -14.93 -40.91
CA ILE D 34 13.50 -16.35 -41.14
C ILE D 34 12.31 -17.18 -40.61
N GLU D 35 11.99 -18.33 -41.24
CA GLU D 35 10.85 -19.14 -40.79
C GLU D 35 11.29 -20.42 -40.07
N HIS D 36 10.65 -20.68 -38.92
CA HIS D 36 10.79 -21.82 -38.02
C HIS D 36 9.41 -22.31 -37.66
N VAL D 42 5.94 -19.97 -38.28
CA VAL D 42 6.20 -18.75 -37.53
C VAL D 42 7.49 -18.06 -38.04
N ARG D 43 7.42 -16.73 -38.23
CA ARG D 43 8.53 -15.89 -38.72
C ARG D 43 9.32 -15.34 -37.55
N VAL D 44 10.65 -15.51 -37.57
CA VAL D 44 11.58 -15.07 -36.52
C VAL D 44 12.61 -14.10 -37.15
N PRO D 45 12.94 -12.93 -36.54
CA PRO D 45 13.97 -12.04 -37.13
C PRO D 45 15.28 -12.80 -37.45
N ALA D 46 15.92 -12.50 -38.59
CA ALA D 46 17.15 -13.19 -39.04
C ALA D 46 18.29 -13.19 -38.02
N LYS D 47 18.56 -12.04 -37.37
CA LYS D 47 19.66 -11.88 -36.39
C LYS D 47 19.28 -12.38 -34.97
N ALA D 48 18.06 -12.90 -34.81
CA ALA D 48 17.59 -13.41 -33.53
C ALA D 48 18.15 -14.79 -33.24
N LEU D 49 18.57 -14.99 -32.00
CA LEU D 49 19.07 -16.30 -31.57
C LEU D 49 17.95 -17.07 -30.88
N TRP D 50 16.79 -16.43 -30.68
CA TRP D 50 15.67 -17.17 -30.09
C TRP D 50 15.00 -17.99 -31.18
N ARG D 51 14.06 -18.88 -30.80
CA ARG D 51 13.45 -19.70 -31.84
C ARG D 51 11.91 -19.63 -31.79
N ALA D 52 11.20 -20.65 -32.33
CA ALA D 52 9.73 -20.68 -32.44
C ALA D 52 8.98 -20.39 -31.15
N GLN D 53 9.31 -21.08 -30.04
CA GLN D 53 8.57 -20.92 -28.76
C GLN D 53 8.67 -19.50 -28.22
N THR D 54 9.84 -18.86 -28.35
CA THR D 54 10.02 -17.47 -27.89
C THR D 54 9.22 -16.55 -28.79
N GLN D 55 9.26 -16.77 -30.12
CA GLN D 55 8.50 -15.92 -31.03
C GLN D 55 7.00 -16.02 -30.74
N ARG D 56 6.50 -17.21 -30.34
CA ARG D 56 5.08 -17.37 -29.98
C ARG D 56 4.77 -16.58 -28.72
N ALA D 57 5.69 -16.57 -27.75
CA ALA D 57 5.49 -15.81 -26.50
C ALA D 57 5.50 -14.31 -26.78
N VAL D 58 6.33 -13.87 -27.77
CA VAL D 58 6.37 -12.47 -28.19
C VAL D 58 4.98 -12.06 -28.70
N GLU D 59 4.37 -12.92 -29.53
CA GLU D 59 3.06 -12.65 -30.09
C GLU D 59 1.96 -12.76 -29.03
N ASN D 60 2.14 -13.65 -28.04
CA ASN D 60 1.13 -13.91 -27.00
C ASN D 60 1.06 -12.85 -25.90
N PHE D 61 2.17 -12.17 -25.56
CA PHE D 61 2.17 -11.21 -24.45
C PHE D 61 2.61 -9.76 -24.81
N PRO D 62 2.01 -9.05 -25.79
CA PRO D 62 2.40 -7.62 -26.00
C PRO D 62 1.67 -6.73 -24.97
N ILE D 63 2.21 -6.67 -23.75
CA ILE D 63 1.57 -5.99 -22.64
C ILE D 63 2.32 -4.74 -22.19
N SER D 64 3.56 -4.90 -21.77
CA SER D 64 4.35 -3.79 -21.26
C SER D 64 5.41 -3.30 -22.23
N GLY D 65 5.86 -4.16 -23.13
CA GLY D 65 6.92 -3.81 -24.08
C GLY D 65 8.31 -3.88 -23.46
N ARG D 66 8.40 -4.38 -22.23
CA ARG D 66 9.66 -4.51 -21.51
C ARG D 66 9.87 -5.96 -21.10
N GLY D 67 11.08 -6.45 -21.33
CA GLY D 67 11.46 -7.82 -21.03
C GLY D 67 12.35 -7.95 -19.82
N LEU D 68 13.03 -9.10 -19.69
CA LEU D 68 13.96 -9.36 -18.59
C LEU D 68 15.07 -8.35 -18.56
N GLU D 69 15.50 -7.99 -17.36
CA GLU D 69 16.60 -7.07 -17.19
C GLU D 69 17.92 -7.83 -17.28
N ARG D 70 19.01 -7.08 -17.45
CA ARG D 70 20.37 -7.61 -17.58
C ARG D 70 20.71 -8.62 -16.49
N THR D 71 20.38 -8.27 -15.22
CA THR D 71 20.68 -9.12 -14.05
C THR D 71 19.94 -10.46 -14.11
N GLN D 72 18.69 -10.45 -14.61
CA GLN D 72 17.90 -11.68 -14.73
C GLN D 72 18.46 -12.58 -15.80
N ILE D 73 18.82 -11.99 -16.95
CA ILE D 73 19.39 -12.73 -18.08
C ILE D 73 20.71 -13.36 -17.62
N ARG D 74 21.56 -12.58 -16.93
CA ARG D 74 22.82 -13.10 -16.39
C ARG D 74 22.56 -14.31 -15.48
N ALA D 75 21.60 -14.22 -14.54
CA ALA D 75 21.32 -15.31 -13.61
C ALA D 75 20.81 -16.56 -14.32
N LEU D 76 20.01 -16.36 -15.38
CA LEU D 76 19.56 -17.50 -16.18
C LEU D 76 20.75 -18.15 -16.90
N GLY D 77 21.68 -17.35 -17.39
CA GLY D 77 22.88 -17.90 -18.04
C GLY D 77 23.72 -18.67 -17.03
N LEU D 78 23.92 -18.11 -15.84
CA LEU D 78 24.69 -18.77 -14.78
C LEU D 78 24.06 -20.12 -14.41
N LEU D 79 22.74 -20.12 -14.20
CA LEU D 79 22.05 -21.33 -13.83
C LEU D 79 22.14 -22.42 -14.91
N LYS D 80 21.94 -22.07 -16.19
CA LYS D 80 22.00 -23.07 -17.27
C LYS D 80 23.37 -23.69 -17.42
N GLY D 81 24.41 -22.88 -17.20
CA GLY D 81 25.80 -23.38 -17.28
C GLY D 81 26.07 -24.33 -16.14
N ALA D 82 25.66 -23.97 -14.91
CA ALA D 82 25.83 -24.82 -13.72
C ALA D 82 25.04 -26.14 -13.88
N CYS D 83 23.80 -26.09 -14.42
CA CYS D 83 23.02 -27.32 -14.65
C CYS D 83 23.73 -28.26 -15.64
N ALA D 84 24.27 -27.69 -16.76
CA ALA D 84 24.97 -28.51 -17.78
C ALA D 84 26.20 -29.14 -17.18
N GLN D 85 26.90 -28.38 -16.32
CA GLN D 85 28.09 -28.87 -15.65
C GLN D 85 27.75 -30.08 -14.79
N VAL D 86 26.65 -30.00 -14.01
CA VAL D 86 26.23 -31.08 -13.12
C VAL D 86 25.71 -32.28 -13.93
N ASN D 87 24.87 -32.05 -14.98
CA ASN D 87 24.39 -33.16 -15.81
C ASN D 87 25.57 -33.91 -16.45
N SER D 88 26.64 -33.17 -16.82
CA SER D 88 27.87 -33.74 -17.39
C SER D 88 28.60 -34.58 -16.35
N ASP D 89 28.76 -34.02 -15.13
CA ASP D 89 29.41 -34.67 -13.99
C ASP D 89 28.74 -36.00 -13.63
N LEU D 90 27.41 -36.05 -13.73
CA LEU D 90 26.61 -37.23 -13.39
C LEU D 90 26.46 -38.19 -14.57
N GLY D 91 27.07 -37.88 -15.70
CA GLY D 91 27.08 -38.71 -16.90
C GLY D 91 25.76 -38.79 -17.65
N LEU D 92 24.90 -37.77 -17.48
CA LEU D 92 23.57 -37.71 -18.09
C LEU D 92 23.58 -36.96 -19.41
N LEU D 93 24.59 -36.11 -19.63
CA LEU D 93 24.74 -35.26 -20.80
C LEU D 93 26.13 -35.45 -21.39
N ALA D 94 26.20 -35.66 -22.73
CA ALA D 94 27.47 -35.88 -23.43
C ALA D 94 28.41 -34.67 -23.27
N PRO D 95 29.74 -34.89 -23.04
CA PRO D 95 30.65 -33.74 -22.79
C PRO D 95 30.65 -32.66 -23.86
N GLU D 96 30.58 -33.05 -25.15
CA GLU D 96 30.54 -32.11 -26.28
C GLU D 96 29.30 -31.22 -26.18
N LYS D 97 28.14 -31.79 -25.79
CA LYS D 97 26.90 -31.03 -25.63
C LYS D 97 27.01 -30.13 -24.40
N ALA D 98 27.54 -30.68 -23.29
CA ALA D 98 27.73 -29.92 -22.05
C ALA D 98 28.68 -28.73 -22.26
N ASP D 99 29.83 -28.94 -22.93
CA ASP D 99 30.79 -27.86 -23.22
C ASP D 99 30.13 -26.76 -24.05
N ALA D 100 29.28 -27.12 -25.04
CA ALA D 100 28.59 -26.15 -25.89
C ALA D 100 27.64 -25.30 -25.05
N ILE D 101 26.86 -25.94 -24.15
CA ILE D 101 25.95 -25.22 -23.26
C ILE D 101 26.72 -24.28 -22.33
N ILE D 102 27.79 -24.78 -21.68
CA ILE D 102 28.59 -24.01 -20.74
C ILE D 102 29.17 -22.77 -21.43
N ALA D 103 29.72 -22.93 -22.63
CA ALA D 103 30.32 -21.81 -23.37
C ALA D 103 29.24 -20.79 -23.75
N ALA D 104 28.08 -21.28 -24.23
CA ALA D 104 26.95 -20.42 -24.62
C ALA D 104 26.39 -19.70 -23.37
N ALA D 105 26.21 -20.42 -22.27
CA ALA D 105 25.67 -19.87 -21.02
C ALA D 105 26.59 -18.81 -20.41
N ALA D 106 27.93 -18.98 -20.54
CA ALA D 106 28.91 -18.01 -20.06
C ALA D 106 28.82 -16.71 -20.88
N GLU D 107 28.51 -16.80 -22.20
CA GLU D 107 28.32 -15.62 -23.05
C GLU D 107 27.11 -14.82 -22.55
N ILE D 108 26.02 -15.53 -22.23
CA ILE D 108 24.80 -14.92 -21.70
C ILE D 108 25.08 -14.27 -20.31
N ALA D 109 25.76 -14.99 -19.41
CA ALA D 109 26.09 -14.48 -18.07
C ALA D 109 27.04 -13.27 -18.14
N ASP D 110 27.87 -13.18 -19.21
CA ASP D 110 28.81 -12.08 -19.46
C ASP D 110 28.12 -10.86 -20.12
N GLY D 111 26.82 -10.97 -20.37
CA GLY D 111 26.01 -9.90 -20.93
C GLY D 111 26.24 -9.65 -22.41
N GLN D 112 26.59 -10.70 -23.18
CA GLN D 112 26.84 -10.56 -24.61
C GLN D 112 25.56 -10.73 -25.45
N HIS D 113 24.44 -11.19 -24.84
CA HIS D 113 23.20 -11.45 -25.59
C HIS D 113 21.95 -10.87 -24.90
N ASP D 114 22.07 -9.67 -24.32
CA ASP D 114 20.93 -9.05 -23.63
C ASP D 114 19.80 -8.66 -24.58
N ASP D 115 20.07 -8.61 -25.88
CA ASP D 115 19.10 -8.26 -26.92
C ASP D 115 18.36 -9.52 -27.48
N GLN D 116 18.61 -10.69 -26.90
CA GLN D 116 18.02 -11.95 -27.36
C GLN D 116 16.88 -12.45 -26.45
N PHE D 117 16.36 -11.59 -25.58
CA PHE D 117 15.31 -11.97 -24.62
C PHE D 117 14.11 -11.02 -24.77
N PRO D 118 13.30 -11.23 -25.83
CA PRO D 118 12.27 -10.25 -26.14
C PRO D 118 10.95 -10.41 -25.41
N ILE D 119 10.77 -11.51 -24.67
CA ILE D 119 9.49 -11.81 -24.03
C ILE D 119 9.14 -10.82 -22.92
N ASP D 120 7.87 -10.41 -22.87
CA ASP D 120 7.37 -9.48 -21.86
C ASP D 120 7.55 -10.02 -20.45
N VAL D 121 7.72 -9.11 -19.47
CA VAL D 121 7.72 -9.46 -18.05
C VAL D 121 6.38 -10.12 -17.71
N PHE D 122 5.28 -9.60 -18.30
CA PHE D 122 3.95 -10.12 -18.00
C PHE D 122 3.66 -11.29 -18.92
N GLN D 123 4.15 -12.44 -18.49
CA GLN D 123 4.04 -13.73 -19.19
C GLN D 123 3.48 -14.79 -18.25
N THR D 124 3.47 -16.08 -18.69
CA THR D 124 3.06 -17.19 -17.82
C THR D 124 3.77 -17.00 -16.48
N GLY D 125 3.03 -17.18 -15.40
CA GLY D 125 3.45 -16.88 -14.04
C GLY D 125 4.60 -17.66 -13.46
N SER D 126 4.94 -18.76 -14.10
CA SER D 126 6.08 -19.59 -13.70
C SER D 126 7.38 -19.10 -14.33
N GLY D 127 7.28 -18.24 -15.34
CA GLY D 127 8.44 -17.79 -16.10
C GLY D 127 8.88 -18.85 -17.11
N THR D 128 7.98 -19.82 -17.45
CA THR D 128 8.28 -20.86 -18.43
C THR D 128 8.76 -20.26 -19.74
N SER D 129 8.08 -19.21 -20.23
CA SER D 129 8.44 -18.58 -21.50
C SER D 129 9.89 -18.10 -21.50
N SER D 130 10.33 -17.41 -20.41
CA SER D 130 11.73 -16.94 -20.34
C SER D 130 12.72 -18.10 -20.18
N ASN D 131 12.29 -19.17 -19.49
CA ASN D 131 13.15 -20.36 -19.38
C ASN D 131 13.39 -20.97 -20.80
N MET D 132 12.33 -21.05 -21.64
CA MET D 132 12.43 -21.59 -23.00
C MET D 132 13.27 -20.65 -23.88
N ASN D 133 13.13 -19.34 -23.68
CA ASN D 133 13.91 -18.32 -24.37
C ASN D 133 15.39 -18.57 -24.15
N THR D 134 15.79 -18.87 -22.90
CA THR D 134 17.20 -19.13 -22.57
C THR D 134 17.68 -20.38 -23.27
N ASN D 135 16.90 -21.47 -23.21
CA ASN D 135 17.24 -22.75 -23.84
C ASN D 135 17.41 -22.62 -25.33
N GLU D 136 16.53 -21.87 -25.99
CA GLU D 136 16.56 -21.67 -27.45
C GLU D 136 17.76 -20.82 -27.86
N VAL D 137 18.08 -19.76 -27.10
CA VAL D 137 19.23 -18.88 -27.39
C VAL D 137 20.53 -19.68 -27.24
N ILE D 138 20.65 -20.51 -26.18
CA ILE D 138 21.82 -21.36 -25.98
C ILE D 138 22.00 -22.32 -27.17
N ALA D 139 20.90 -22.95 -27.62
CA ALA D 139 20.95 -23.88 -28.75
C ALA D 139 21.38 -23.15 -30.03
N SER D 140 20.91 -21.91 -30.26
CA SER D 140 21.29 -21.13 -31.44
C SER D 140 22.74 -20.66 -31.37
N ILE D 141 23.28 -20.39 -30.15
CA ILE D 141 24.69 -20.01 -30.00
C ILE D 141 25.54 -21.26 -30.29
N ALA D 142 25.18 -22.41 -29.69
CA ALA D 142 25.91 -23.65 -29.92
C ALA D 142 25.87 -24.08 -31.38
N ALA D 143 24.75 -23.84 -32.09
CA ALA D 143 24.62 -24.17 -33.52
C ALA D 143 25.65 -23.41 -34.36
N LYS D 144 25.98 -22.14 -33.97
CA LYS D 144 27.00 -21.31 -34.64
C LYS D 144 28.39 -21.92 -34.47
N GLY D 145 28.60 -22.62 -33.36
CA GLY D 145 29.83 -23.32 -33.04
C GLY D 145 29.86 -24.73 -33.59
N GLY D 146 28.85 -25.07 -34.39
CA GLY D 146 28.69 -26.37 -35.04
C GLY D 146 28.23 -27.53 -34.16
N VAL D 147 27.60 -27.25 -33.02
CA VAL D 147 27.10 -28.29 -32.10
C VAL D 147 25.57 -28.22 -32.05
N THR D 148 24.86 -29.35 -32.37
CA THR D 148 23.39 -29.40 -32.34
C THR D 148 22.91 -29.72 -30.91
N LEU D 149 22.08 -28.83 -30.34
CA LEU D 149 21.50 -28.97 -29.01
C LEU D 149 20.00 -28.92 -29.07
N HIS D 150 19.34 -29.80 -28.31
CA HIS D 150 17.88 -29.79 -28.20
C HIS D 150 17.55 -28.84 -27.04
N PRO D 151 16.83 -27.71 -27.27
CA PRO D 151 16.55 -26.79 -26.15
C PRO D 151 15.96 -27.48 -24.92
N ASN D 152 14.97 -28.37 -25.10
CA ASN D 152 14.36 -29.01 -23.95
C ASN D 152 15.19 -30.20 -23.42
N ASP D 153 15.49 -31.19 -24.26
CA ASP D 153 16.15 -32.42 -23.82
C ASP D 153 17.58 -32.23 -23.31
N ASP D 154 18.33 -31.27 -23.86
CA ASP D 154 19.71 -31.05 -23.44
C ASP D 154 19.84 -29.84 -22.52
N VAL D 155 19.43 -28.65 -22.98
CA VAL D 155 19.61 -27.43 -22.20
C VAL D 155 18.72 -27.43 -20.96
N ASN D 156 17.52 -28.08 -21.01
CA ASN D 156 16.63 -28.09 -19.85
C ASN D 156 16.69 -29.43 -19.10
N MET D 157 17.73 -30.23 -19.34
CA MET D 157 17.85 -31.54 -18.69
C MET D 157 17.84 -31.42 -17.16
N SER D 158 17.04 -32.31 -16.48
CA SER D 158 16.88 -32.41 -15.02
C SER D 158 16.15 -31.18 -14.42
N GLN D 159 15.58 -30.33 -15.27
CA GLN D 159 14.95 -29.08 -14.82
C GLN D 159 13.50 -28.97 -15.21
N SER D 160 12.84 -28.05 -14.54
CA SER D 160 11.49 -27.55 -14.76
C SER D 160 11.59 -26.02 -14.76
N SER D 161 10.63 -25.32 -15.34
CA SER D 161 10.68 -23.86 -15.21
C SER D 161 10.32 -23.46 -13.78
N ASN D 162 9.49 -24.31 -13.13
CA ASN D 162 8.94 -24.08 -11.80
C ASN D 162 10.04 -24.04 -10.76
N ASP D 163 11.20 -24.68 -11.02
CA ASP D 163 12.31 -24.58 -10.09
C ASP D 163 13.39 -23.66 -10.66
N THR D 164 13.55 -23.60 -11.99
CA THR D 164 14.64 -22.76 -12.55
C THR D 164 14.35 -21.24 -12.56
N PHE D 165 13.15 -20.78 -13.00
CA PHE D 165 12.93 -19.32 -13.02
C PHE D 165 13.02 -18.70 -11.60
N PRO D 166 12.40 -19.28 -10.54
CA PRO D 166 12.54 -18.66 -9.20
C PRO D 166 13.98 -18.81 -8.70
N THR D 167 14.71 -19.89 -9.12
CA THR D 167 16.12 -20.01 -8.76
C THR D 167 16.88 -18.83 -9.36
N ALA D 168 16.73 -18.57 -10.69
CA ALA D 168 17.44 -17.46 -11.33
C ALA D 168 17.05 -16.12 -10.68
N THR D 169 15.76 -15.98 -10.25
CA THR D 169 15.30 -14.77 -9.57
C THR D 169 16.02 -14.58 -8.24
N HIS D 170 16.10 -15.66 -7.44
CA HIS D 170 16.80 -15.57 -6.15
C HIS D 170 18.31 -15.38 -6.31
N ILE D 171 18.91 -15.91 -7.39
CA ILE D 171 20.36 -15.65 -7.62
C ILE D 171 20.52 -14.17 -7.91
N ALA D 172 19.69 -13.64 -8.81
CA ALA D 172 19.80 -12.24 -9.20
C ALA D 172 19.59 -11.33 -8.01
N ALA D 173 18.59 -11.66 -7.17
CA ALA D 173 18.27 -10.83 -6.01
C ALA D 173 19.40 -10.88 -4.98
N THR D 174 19.97 -12.07 -4.74
CA THR D 174 21.09 -12.26 -3.79
C THR D 174 22.27 -11.47 -4.28
N GLU D 175 22.62 -11.59 -5.59
CA GLU D 175 23.74 -10.84 -6.17
C GLU D 175 23.51 -9.34 -6.04
N ALA D 176 22.29 -8.89 -6.34
CA ALA D 176 22.00 -7.46 -6.23
C ALA D 176 22.19 -6.94 -4.81
N ALA D 177 21.80 -7.75 -3.81
CA ALA D 177 21.92 -7.35 -2.40
C ALA D 177 23.36 -7.29 -1.95
N VAL D 178 24.12 -8.37 -2.23
CA VAL D 178 25.46 -8.55 -1.72
C VAL D 178 26.50 -7.79 -2.51
N ALA D 179 26.46 -7.85 -3.83
CA ALA D 179 27.49 -7.24 -4.65
C ALA D 179 27.26 -5.78 -5.02
N HIS D 180 26.00 -5.28 -4.88
CA HIS D 180 25.74 -3.93 -5.33
C HIS D 180 25.07 -3.07 -4.28
N LEU D 181 23.98 -3.55 -3.66
CA LEU D 181 23.31 -2.65 -2.70
C LEU D 181 24.10 -2.41 -1.42
N ILE D 182 24.56 -3.48 -0.75
CA ILE D 182 25.29 -3.30 0.52
C ILE D 182 26.52 -2.39 0.32
N PRO D 183 27.35 -2.58 -0.72
CA PRO D 183 28.48 -1.65 -0.93
C PRO D 183 28.02 -0.21 -1.19
N ALA D 184 26.91 -0.01 -1.91
CA ALA D 184 26.41 1.36 -2.16
C ALA D 184 25.94 2.01 -0.86
N LEU D 185 25.26 1.23 -0.02
CA LEU D 185 24.81 1.75 1.28
C LEU D 185 26.02 2.00 2.16
N GLN D 186 27.05 1.13 2.09
CA GLN D 186 28.24 1.36 2.90
C GLN D 186 28.90 2.69 2.48
N GLN D 187 28.92 2.99 1.17
CA GLN D 187 29.46 4.26 0.67
C GLN D 187 28.67 5.46 1.24
N LEU D 188 27.34 5.36 1.21
CA LEU D 188 26.48 6.40 1.75
C LEU D 188 26.68 6.53 3.26
N HIS D 189 26.76 5.40 3.99
CA HIS D 189 27.00 5.42 5.42
C HIS D 189 28.30 6.18 5.72
N ASP D 190 29.38 5.82 5.03
CA ASP D 190 30.70 6.44 5.25
C ASP D 190 30.68 7.94 4.93
N ALA D 191 29.87 8.38 3.93
CA ALA D 191 29.79 9.80 3.61
C ALA D 191 29.06 10.56 4.73
N LEU D 192 27.96 9.99 5.24
CA LEU D 192 27.22 10.59 6.36
C LEU D 192 28.05 10.58 7.63
N ALA D 193 28.79 9.49 7.88
CA ALA D 193 29.63 9.37 9.09
C ALA D 193 30.78 10.36 9.04
N ALA D 194 31.33 10.67 7.83
CA ALA D 194 32.41 11.66 7.68
C ALA D 194 31.89 13.04 8.08
N LYS D 195 30.65 13.38 7.65
CA LYS D 195 30.02 14.65 8.05
C LYS D 195 29.71 14.67 9.54
N ALA D 196 29.28 13.53 10.14
CA ALA D 196 29.01 13.43 11.59
C ALA D 196 30.27 13.79 12.38
N LEU D 197 31.43 13.39 11.87
CA LEU D 197 32.71 13.68 12.51
C LEU D 197 33.16 15.13 12.24
N ASP D 198 33.10 15.59 10.98
CA ASP D 198 33.51 16.97 10.61
C ASP D 198 32.68 18.05 11.32
N TRP D 199 31.39 17.77 11.55
CA TRP D 199 30.49 18.74 12.15
C TRP D 199 30.18 18.40 13.60
N HIS D 200 31.09 17.66 14.25
CA HIS D 200 30.91 17.25 15.65
C HIS D 200 30.62 18.45 16.58
N THR D 201 31.22 19.61 16.32
CA THR D 201 31.01 20.75 17.21
C THR D 201 30.20 21.87 16.55
N VAL D 202 29.48 21.57 15.46
CA VAL D 202 28.70 22.60 14.79
C VAL D 202 27.35 22.63 15.48
N VAL D 203 27.28 23.46 16.52
CA VAL D 203 26.08 23.57 17.33
C VAL D 203 24.97 24.31 16.58
N LYS D 204 23.74 23.91 16.85
CA LYS D 204 22.56 24.51 16.25
C LYS D 204 21.35 24.24 17.14
N SER D 205 20.22 24.81 16.83
CA SER D 205 19.04 24.51 17.61
C SER D 205 18.40 23.24 17.10
N GLY D 206 17.89 22.44 18.03
CA GLY D 206 17.12 21.27 17.62
C GLY D 206 15.76 21.75 17.14
N ARG D 207 15.01 20.84 16.52
CA ARG D 207 13.65 21.11 16.05
C ARG D 207 12.81 19.93 16.37
N THR D 208 11.75 20.14 17.14
CA THR D 208 10.82 19.04 17.43
C THR D 208 9.43 19.55 17.08
N HIS D 209 8.60 18.75 16.37
CA HIS D 209 7.28 19.25 15.93
C HIS D 209 7.47 20.48 14.99
N LEU D 210 8.70 20.66 14.42
CA LEU D 210 9.09 21.80 13.56
C LEU D 210 9.31 23.09 14.39
N MET D 211 9.24 22.99 15.72
CA MET D 211 9.39 24.15 16.61
C MET D 211 10.75 24.16 17.28
N ASP D 212 11.24 25.37 17.62
CA ASP D 212 12.52 25.54 18.30
C ASP D 212 12.69 24.62 19.48
N ALA D 213 13.86 23.96 19.59
CA ALA D 213 14.12 23.07 20.71
C ALA D 213 15.54 23.29 21.22
N VAL D 214 15.92 22.56 22.25
CA VAL D 214 17.25 22.70 22.87
C VAL D 214 18.39 22.36 21.85
N PRO D 215 19.64 22.78 22.13
CA PRO D 215 20.69 22.59 21.13
C PRO D 215 21.08 21.15 20.85
N VAL D 216 21.53 20.97 19.60
CA VAL D 216 22.09 19.73 19.06
C VAL D 216 23.28 20.17 18.25
N THR D 217 23.99 19.24 17.67
CA THR D 217 25.01 19.58 16.70
C THR D 217 24.60 18.97 15.37
N LEU D 218 25.05 19.58 14.28
CA LEU D 218 24.79 19.02 12.95
C LEU D 218 25.47 17.63 12.84
N GLY D 219 26.59 17.44 13.54
CA GLY D 219 27.25 16.14 13.58
C GLY D 219 26.41 15.08 14.26
N GLN D 220 25.71 15.46 15.35
CA GLN D 220 24.80 14.51 16.01
C GLN D 220 23.66 14.09 15.09
N GLU D 221 23.07 15.05 14.37
CA GLU D 221 21.99 14.73 13.43
C GLU D 221 22.50 13.81 12.34
N PHE D 222 23.69 14.09 11.78
CA PHE D 222 24.27 13.24 10.74
C PHE D 222 24.69 11.86 11.28
N SER D 223 25.01 11.77 12.59
CA SER D 223 25.29 10.49 13.22
C SER D 223 24.01 9.64 13.22
N GLY D 224 22.84 10.30 13.40
CA GLY D 224 21.55 9.63 13.33
C GLY D 224 21.28 9.10 11.92
N TYR D 225 21.53 9.93 10.91
CA TYR D 225 21.34 9.48 9.53
C TYR D 225 22.27 8.32 9.20
N ALA D 226 23.55 8.40 9.64
CA ALA D 226 24.47 7.29 9.40
C ALA D 226 23.95 6.02 10.05
N ARG D 227 23.39 6.11 11.28
CA ARG D 227 22.85 4.92 11.96
C ARG D 227 21.70 4.34 11.17
N GLN D 228 20.84 5.19 10.60
CA GLN D 228 19.70 4.68 9.80
C GLN D 228 20.21 3.86 8.61
N ILE D 229 21.30 4.29 7.99
CA ILE D 229 21.85 3.55 6.84
C ILE D 229 22.54 2.27 7.32
N GLU D 230 23.29 2.33 8.44
CA GLU D 230 23.95 1.15 9.03
C GLU D 230 22.85 0.12 9.38
N ALA D 231 21.72 0.57 9.98
CA ALA D 231 20.59 -0.33 10.30
C ALA D 231 19.99 -0.91 9.02
N GLY D 232 19.96 -0.12 7.94
CA GLY D 232 19.54 -0.61 6.61
C GLY D 232 20.40 -1.75 6.10
N ILE D 233 21.74 -1.65 6.23
CA ILE D 233 22.65 -2.73 5.84
C ILE D 233 22.37 -3.94 6.74
N GLU D 234 22.15 -3.73 8.06
CA GLU D 234 21.84 -4.87 8.96
C GLU D 234 20.56 -5.59 8.52
N ARG D 235 19.56 -4.81 8.11
CA ARG D 235 18.27 -5.33 7.65
C ARG D 235 18.43 -6.17 6.39
N VAL D 236 19.24 -5.69 5.44
CA VAL D 236 19.49 -6.48 4.20
C VAL D 236 20.24 -7.76 4.58
N ARG D 237 21.28 -7.67 5.42
CA ARG D 237 22.04 -8.84 5.82
C ARG D 237 21.13 -9.86 6.53
N ALA D 238 20.15 -9.38 7.32
CA ALA D 238 19.22 -10.26 8.03
C ALA D 238 18.33 -11.08 7.08
N CYS D 239 18.04 -10.57 5.86
CA CYS D 239 17.16 -11.32 4.97
CA CYS D 239 17.21 -11.22 4.82
C CYS D 239 17.93 -12.33 4.08
N LEU D 240 19.28 -12.19 3.97
CA LEU D 240 20.08 -13.09 3.13
C LEU D 240 19.91 -14.61 3.41
N PRO D 241 19.73 -15.09 4.66
CA PRO D 241 19.59 -16.55 4.86
C PRO D 241 18.41 -17.13 4.09
N ARG D 242 17.37 -16.32 3.86
CA ARG D 242 16.19 -16.81 3.15
C ARG D 242 16.13 -16.29 1.73
N LEU D 243 16.73 -15.12 1.46
CA LEU D 243 16.76 -14.64 0.08
C LEU D 243 17.60 -15.58 -0.82
N GLY D 244 18.70 -16.13 -0.26
CA GLY D 244 19.60 -17.01 -0.97
C GLY D 244 19.15 -18.43 -1.16
N GLU D 245 17.96 -18.80 -0.63
CA GLU D 245 17.44 -20.17 -0.80
C GLU D 245 16.99 -20.37 -2.23
N LEU D 246 17.44 -21.46 -2.84
CA LEU D 246 17.18 -21.77 -4.24
C LEU D 246 16.31 -23.02 -4.37
N ALA D 247 15.34 -22.98 -5.30
CA ALA D 247 14.43 -24.09 -5.55
C ALA D 247 15.02 -25.19 -6.45
N ILE D 248 16.15 -24.90 -7.14
CA ILE D 248 16.72 -25.82 -8.13
C ILE D 248 16.82 -27.27 -7.60
N GLY D 249 16.30 -28.21 -8.40
CA GLY D 249 16.27 -29.63 -8.03
C GLY D 249 14.90 -30.13 -7.61
N GLY D 250 13.98 -29.21 -7.32
CA GLY D 250 12.62 -29.55 -6.89
C GLY D 250 11.70 -29.94 -8.04
N THR D 251 12.15 -29.68 -9.27
CA THR D 251 11.45 -29.92 -10.54
C THR D 251 10.00 -29.37 -10.53
N ALA D 252 9.00 -30.11 -11.10
CA ALA D 252 7.68 -29.55 -11.34
C ALA D 252 6.91 -29.12 -10.08
N VAL D 253 6.93 -29.93 -9.00
CA VAL D 253 6.08 -29.62 -7.83
C VAL D 253 6.84 -29.54 -6.49
N GLY D 254 8.14 -29.72 -6.51
CA GLY D 254 8.99 -29.72 -5.32
C GLY D 254 9.48 -31.08 -4.90
N THR D 255 9.01 -32.16 -5.56
CA THR D 255 9.38 -33.53 -5.19
C THR D 255 10.73 -33.96 -5.76
N GLY D 256 11.22 -33.28 -6.79
CA GLY D 256 12.47 -33.64 -7.43
C GLY D 256 12.30 -34.75 -8.44
N LEU D 257 11.04 -35.10 -8.77
CA LEU D 257 10.78 -36.14 -9.76
C LEU D 257 11.48 -35.76 -11.09
N ASN D 258 12.15 -36.72 -11.72
CA ASN D 258 12.83 -36.58 -13.02
C ASN D 258 14.14 -35.77 -12.88
N ALA D 259 14.63 -35.56 -11.64
CA ALA D 259 15.96 -34.98 -11.43
C ALA D 259 16.78 -35.92 -10.56
N PRO D 260 18.12 -35.93 -10.68
CA PRO D 260 18.92 -36.70 -9.72
C PRO D 260 18.65 -36.19 -8.30
N ASP D 261 18.69 -37.08 -7.29
CA ASP D 261 18.37 -36.72 -5.91
C ASP D 261 19.27 -35.61 -5.34
N ASP D 262 20.53 -35.51 -5.82
CA ASP D 262 21.48 -34.51 -5.33
C ASP D 262 21.71 -33.40 -6.38
N PHE D 263 20.78 -33.26 -7.35
CA PHE D 263 20.94 -32.25 -8.38
C PHE D 263 21.05 -30.85 -7.79
N GLY D 264 20.15 -30.50 -6.86
CA GLY D 264 20.14 -29.19 -6.26
C GLY D 264 21.42 -28.87 -5.52
N VAL D 265 21.85 -29.78 -4.62
CA VAL D 265 23.09 -29.53 -3.84
C VAL D 265 24.30 -29.39 -4.77
N ARG D 266 24.36 -30.17 -5.85
CA ARG D 266 25.50 -30.08 -6.78
C ARG D 266 25.47 -28.79 -7.58
N VAL D 267 24.27 -28.36 -8.06
CA VAL D 267 24.15 -27.10 -8.82
C VAL D 267 24.52 -25.92 -7.91
N VAL D 268 24.00 -25.89 -6.68
CA VAL D 268 24.31 -24.79 -5.76
C VAL D 268 25.84 -24.74 -5.47
N ALA D 269 26.45 -25.91 -5.28
CA ALA D 269 27.91 -25.95 -5.03
C ALA D 269 28.68 -25.29 -6.16
N VAL D 270 28.28 -25.58 -7.42
CA VAL D 270 28.92 -25.00 -8.61
C VAL D 270 28.67 -23.47 -8.62
N LEU D 271 27.41 -23.05 -8.41
CA LEU D 271 27.07 -21.62 -8.40
C LEU D 271 27.85 -20.86 -7.36
N VAL D 272 27.97 -21.42 -6.15
CA VAL D 272 28.70 -20.74 -5.05
C VAL D 272 30.17 -20.63 -5.44
N ALA D 273 30.78 -21.73 -5.95
CA ALA D 273 32.19 -21.71 -6.36
C ALA D 273 32.48 -20.70 -7.45
N GLN D 274 31.59 -20.59 -8.46
CA GLN D 274 31.79 -19.70 -9.60
C GLN D 274 31.55 -18.23 -9.25
N THR D 275 30.46 -17.94 -8.56
CA THR D 275 30.05 -16.55 -8.24
C THR D 275 30.65 -15.98 -6.95
N GLY D 276 30.99 -16.84 -6.01
CA GLY D 276 31.47 -16.41 -4.71
C GLY D 276 30.34 -15.93 -3.82
N LEU D 277 29.08 -16.25 -4.22
CA LEU D 277 27.92 -15.85 -3.43
C LEU D 277 27.64 -16.92 -2.41
N SER D 278 28.30 -16.81 -1.26
CA SER D 278 28.22 -17.78 -0.16
C SER D 278 26.82 -17.87 0.45
N GLU D 279 25.93 -16.88 0.18
CA GLU D 279 24.59 -16.88 0.71
C GLU D 279 23.68 -17.87 -0.03
N LEU D 280 24.05 -18.30 -1.24
CA LEU D 280 23.21 -19.24 -1.99
C LEU D 280 23.21 -20.61 -1.31
N ARG D 281 22.01 -21.20 -1.20
CA ARG D 281 21.85 -22.52 -0.60
C ARG D 281 20.63 -23.22 -1.16
N THR D 282 20.58 -24.57 -1.04
CA THR D 282 19.35 -25.26 -1.41
C THR D 282 18.29 -24.89 -0.35
N ALA D 283 17.02 -24.82 -0.77
CA ALA D 283 15.96 -24.40 0.14
C ALA D 283 15.79 -25.35 1.33
N ALA D 284 15.38 -24.80 2.49
CA ALA D 284 15.13 -25.62 3.70
C ALA D 284 14.01 -26.63 3.43
N ASN D 285 12.98 -26.21 2.69
CA ASN D 285 11.87 -27.07 2.33
C ASN D 285 11.55 -26.86 0.84
N SER D 286 11.65 -27.93 0.03
CA SER D 286 11.47 -27.84 -1.41
C SER D 286 10.07 -27.43 -1.85
N PHE D 287 9.05 -27.71 -1.03
CA PHE D 287 7.67 -27.33 -1.35
C PHE D 287 7.46 -25.85 -1.11
N GLU D 288 7.93 -25.32 0.05
CA GLU D 288 7.84 -23.89 0.36
C GLU D 288 8.56 -23.05 -0.71
N ALA D 289 9.68 -23.57 -1.22
CA ALA D 289 10.52 -22.87 -2.19
C ALA D 289 9.85 -22.67 -3.55
N GLN D 290 8.81 -23.45 -3.88
CA GLN D 290 8.13 -23.28 -5.16
C GLN D 290 6.72 -22.78 -4.97
N ALA D 291 6.07 -23.17 -3.87
CA ALA D 291 4.69 -22.75 -3.56
C ALA D 291 4.61 -21.27 -3.16
N ALA D 292 5.72 -20.73 -2.69
CA ALA D 292 5.74 -19.40 -2.17
C ALA D 292 7.01 -18.67 -2.57
N ARG D 293 6.95 -17.33 -2.51
CA ARG D 293 8.11 -16.49 -2.80
C ARG D 293 8.32 -15.57 -1.60
N ASP D 294 8.14 -16.11 -0.38
CA ASP D 294 8.15 -15.31 0.83
C ASP D 294 9.52 -14.64 1.06
N GLY D 295 10.62 -15.22 0.54
CA GLY D 295 11.95 -14.63 0.65
C GLY D 295 12.03 -13.31 -0.10
N LEU D 296 11.28 -13.21 -1.23
CA LEU D 296 11.24 -11.94 -1.98
C LEU D 296 10.42 -10.90 -1.23
N VAL D 297 9.32 -11.33 -0.62
CA VAL D 297 8.48 -10.42 0.17
C VAL D 297 9.28 -9.90 1.39
N GLU D 298 10.03 -10.79 2.07
CA GLU D 298 10.86 -10.40 3.22
C GLU D 298 11.92 -9.40 2.77
N ALA D 299 12.62 -9.69 1.66
CA ALA D 299 13.68 -8.79 1.16
C ALA D 299 13.10 -7.45 0.74
N SER D 300 11.94 -7.45 0.10
CA SER D 300 11.32 -6.19 -0.30
C SER D 300 10.99 -5.35 0.97
N GLY D 301 10.62 -5.99 2.08
CA GLY D 301 10.39 -5.29 3.35
C GLY D 301 11.62 -4.55 3.83
N ALA D 302 12.79 -5.18 3.67
CA ALA D 302 14.04 -4.53 4.06
C ALA D 302 14.30 -3.32 3.15
N LEU D 303 14.08 -3.47 1.83
CA LEU D 303 14.27 -2.37 0.86
C LEU D 303 13.28 -1.24 1.17
N ARG D 304 12.03 -1.60 1.53
CA ARG D 304 11.03 -0.59 1.87
C ARG D 304 11.45 0.20 3.14
N THR D 305 12.07 -0.47 4.11
CA THR D 305 12.52 0.23 5.32
C THR D 305 13.66 1.17 4.96
N ILE D 306 14.56 0.76 4.04
CA ILE D 306 15.63 1.63 3.57
C ILE D 306 15.04 2.85 2.86
N ALA D 307 14.02 2.64 2.03
CA ALA D 307 13.33 3.75 1.36
C ALA D 307 12.74 4.74 2.39
N VAL D 308 12.14 4.23 3.47
CA VAL D 308 11.60 5.05 4.55
C VAL D 308 12.75 5.86 5.21
N SER D 309 13.91 5.24 5.50
CA SER D 309 15.04 5.98 6.11
C SER D 309 15.56 7.04 5.16
N LEU D 310 15.74 6.68 3.89
CA LEU D 310 16.26 7.63 2.89
C LEU D 310 15.30 8.78 2.72
N THR D 311 13.99 8.55 2.81
CA THR D 311 13.01 9.65 2.71
C THR D 311 13.27 10.69 3.82
N LYS D 312 13.42 10.22 5.07
CA LYS D 312 13.70 11.12 6.20
C LYS D 312 15.02 11.86 6.00
N ILE D 313 16.09 11.15 5.62
CA ILE D 313 17.42 11.77 5.46
C ILE D 313 17.35 12.82 4.35
N ALA D 314 16.82 12.44 3.18
CA ALA D 314 16.74 13.37 2.03
C ALA D 314 15.85 14.58 2.34
N ASN D 315 14.70 14.38 3.02
CA ASN D 315 13.80 15.50 3.35
C ASN D 315 14.48 16.47 4.32
N ASP D 316 15.15 15.95 5.33
CA ASP D 316 15.88 16.83 6.27
C ASP D 316 16.97 17.61 5.54
N ILE D 317 17.70 16.95 4.65
CA ILE D 317 18.78 17.63 3.90
C ILE D 317 18.22 18.72 3.00
N ARG D 318 17.16 18.43 2.22
CA ARG D 318 16.64 19.50 1.36
C ARG D 318 16.02 20.64 2.20
N TRP D 319 15.43 20.35 3.38
CA TRP D 319 14.95 21.41 4.27
C TRP D 319 16.11 22.21 4.85
N MET D 320 17.19 21.55 5.27
CA MET D 320 18.32 22.29 5.82
C MET D 320 18.97 23.15 4.75
N GLY D 321 18.88 22.75 3.48
CA GLY D 321 19.45 23.51 2.37
C GLY D 321 18.54 24.56 1.77
N SER D 322 17.29 24.67 2.29
CA SER D 322 16.27 25.56 1.74
C SER D 322 16.67 27.02 1.84
N GLY D 323 16.30 27.78 0.82
CA GLY D 323 16.65 29.20 0.77
C GLY D 323 16.88 29.66 -0.64
N PRO D 324 17.84 30.57 -0.88
CA PRO D 324 18.85 31.09 0.06
C PRO D 324 18.35 31.99 1.18
N LEU D 325 17.24 32.73 0.97
CA LEU D 325 16.84 33.70 1.98
C LEU D 325 15.45 33.48 2.61
N THR D 326 14.61 32.61 2.06
CA THR D 326 13.27 32.42 2.62
C THR D 326 13.10 31.03 3.28
N GLY D 327 14.21 30.33 3.48
CA GLY D 327 14.15 28.99 4.07
C GLY D 327 14.93 28.91 5.37
N LEU D 328 15.51 27.74 5.61
CA LEU D 328 16.27 27.50 6.84
C LEU D 328 17.74 27.85 6.68
N ALA D 329 18.31 27.68 5.46
CA ALA D 329 19.70 28.01 5.12
C ALA D 329 20.71 27.52 6.19
N GLU D 330 20.56 26.27 6.64
CA GLU D 330 21.51 25.69 7.61
C GLU D 330 22.76 25.19 6.91
N ILE D 331 22.58 24.61 5.72
CA ILE D 331 23.67 24.05 4.93
C ILE D 331 23.52 24.49 3.48
N GLN D 332 24.59 24.28 2.70
CA GLN D 332 24.61 24.55 1.26
C GLN D 332 24.87 23.26 0.54
N LEU D 333 23.95 22.86 -0.36
CA LEU D 333 24.15 21.66 -1.17
C LEU D 333 25.01 21.98 -2.38
N PRO D 334 25.84 21.04 -2.89
CA PRO D 334 26.59 21.33 -4.13
C PRO D 334 25.64 21.59 -5.29
N ASP D 335 25.93 22.61 -6.12
CA ASP D 335 25.13 22.93 -7.32
C ASP D 335 25.38 21.85 -8.35
N LEU D 336 24.31 21.29 -8.92
CA LEU D 336 24.51 20.22 -9.90
C LEU D 336 24.00 20.58 -11.28
N GLN D 337 23.05 21.52 -11.36
CA GLN D 337 22.49 22.00 -12.63
C GLN D 337 21.65 23.23 -12.40
N PRO D 338 21.45 24.08 -13.44
CA PRO D 338 20.53 25.23 -13.27
C PRO D 338 19.16 24.73 -12.81
N GLY D 339 18.58 25.42 -11.86
CA GLY D 339 17.34 24.96 -11.24
C GLY D 339 16.08 25.18 -12.03
N SER D 340 15.99 26.30 -12.77
CA SER D 340 14.72 26.63 -13.41
C SER D 340 14.88 27.12 -14.84
N SER D 341 13.88 26.78 -15.68
CA SER D 341 13.85 27.25 -17.07
C SER D 341 13.38 28.72 -17.10
N ILE D 342 12.76 29.22 -16.00
CA ILE D 342 12.15 30.55 -15.95
C ILE D 342 12.75 31.44 -14.85
N MET D 343 13.08 30.90 -13.65
CA MET D 343 13.62 31.71 -12.54
C MET D 343 15.15 31.68 -12.61
N PRO D 344 15.76 32.71 -13.20
CA PRO D 344 17.22 32.68 -13.43
C PRO D 344 18.04 32.69 -12.16
N GLY D 345 19.09 31.87 -12.15
CA GLY D 345 20.01 31.71 -11.04
C GLY D 345 19.55 30.79 -9.92
N LYS D 346 18.28 30.34 -9.93
CA LYS D 346 17.76 29.45 -8.92
C LYS D 346 18.43 28.08 -9.05
N VAL D 347 18.70 27.41 -7.93
CA VAL D 347 19.33 26.08 -7.94
C VAL D 347 18.52 25.26 -6.97
N ASN D 348 18.15 24.04 -7.36
CA ASN D 348 17.28 23.18 -6.56
C ASN D 348 17.98 21.94 -5.98
N PRO D 349 17.39 21.34 -4.90
CA PRO D 349 17.98 20.10 -4.30
C PRO D 349 17.62 18.86 -5.12
N VAL D 350 18.20 18.75 -6.31
CA VAL D 350 17.80 17.69 -7.26
C VAL D 350 18.15 16.28 -6.78
N LEU D 351 19.28 16.09 -6.08
CA LEU D 351 19.61 14.72 -5.63
C LEU D 351 18.62 14.26 -4.52
N PRO D 352 18.33 15.07 -3.47
CA PRO D 352 17.28 14.68 -2.52
C PRO D 352 15.95 14.37 -3.22
N GLU D 353 15.59 15.16 -4.27
CA GLU D 353 14.34 14.88 -5.01
C GLU D 353 14.42 13.54 -5.70
N ALA D 354 15.56 13.22 -6.34
CA ALA D 354 15.66 11.89 -6.97
C ALA D 354 15.56 10.77 -5.90
N VAL D 355 16.20 10.96 -4.73
CA VAL D 355 16.14 9.98 -3.65
C VAL D 355 14.69 9.78 -3.18
N THR D 356 13.93 10.87 -2.94
CA THR D 356 12.55 10.68 -2.43
C THR D 356 11.63 10.06 -3.49
N GLN D 357 11.88 10.35 -4.79
CA GLN D 357 11.10 9.73 -5.87
C GLN D 357 11.45 8.25 -5.98
N VAL D 358 12.75 7.87 -5.83
CA VAL D 358 13.09 6.45 -5.82
C VAL D 358 12.40 5.77 -4.63
N ALA D 359 12.41 6.40 -3.47
CA ALA D 359 11.75 5.78 -2.28
C ALA D 359 10.30 5.55 -2.55
N ALA D 360 9.59 6.51 -3.19
CA ALA D 360 8.18 6.30 -3.51
C ALA D 360 8.02 5.06 -4.41
N GLN D 361 8.94 4.91 -5.40
CA GLN D 361 8.87 3.77 -6.32
C GLN D 361 9.09 2.46 -5.57
N VAL D 362 10.04 2.46 -4.61
CA VAL D 362 10.32 1.24 -3.84
C VAL D 362 9.11 0.86 -3.01
N ILE D 363 8.41 1.87 -2.42
CA ILE D 363 7.17 1.61 -1.64
C ILE D 363 6.08 0.96 -2.55
N GLY D 364 5.95 1.49 -3.75
CA GLY D 364 4.98 0.97 -4.71
C GLY D 364 5.35 -0.44 -5.15
N ASN D 365 6.63 -0.63 -5.54
CA ASN D 365 7.09 -1.97 -5.92
C ASN D 365 6.86 -2.98 -4.79
N ASP D 366 7.07 -2.53 -3.54
CA ASP D 366 6.91 -3.41 -2.37
C ASP D 366 5.46 -3.89 -2.24
N ALA D 367 4.47 -3.02 -2.50
CA ALA D 367 3.06 -3.41 -2.44
C ALA D 367 2.75 -4.46 -3.53
N ALA D 368 3.32 -4.28 -4.74
CA ALA D 368 3.11 -5.24 -5.85
C ALA D 368 3.71 -6.58 -5.47
N ILE D 369 4.93 -6.57 -4.88
CA ILE D 369 5.57 -7.82 -4.49
C ILE D 369 4.72 -8.56 -3.46
N ALA D 370 4.27 -7.86 -2.41
CA ALA D 370 3.47 -8.55 -1.37
C ALA D 370 2.19 -9.14 -1.96
N TRP D 371 1.52 -8.38 -2.85
CA TRP D 371 0.32 -8.82 -3.51
C TRP D 371 0.59 -10.15 -4.25
N GLY D 372 1.66 -10.20 -5.04
CA GLY D 372 1.98 -11.43 -5.76
C GLY D 372 2.32 -12.56 -4.81
N GLY D 373 3.06 -12.24 -3.74
CA GLY D 373 3.51 -13.25 -2.81
C GLY D 373 2.39 -13.98 -2.09
N ALA D 374 1.28 -13.28 -1.84
CA ALA D 374 0.18 -13.87 -1.09
C ALA D 374 -0.69 -14.79 -1.91
N ASN D 375 -0.61 -14.67 -3.24
CA ASN D 375 -1.59 -15.29 -4.13
C ASN D 375 -1.12 -16.51 -4.87
N GLY D 376 -0.16 -17.20 -4.27
CA GLY D 376 0.25 -18.49 -4.78
C GLY D 376 -0.88 -19.48 -4.58
N ALA D 377 -0.81 -20.62 -5.26
CA ALA D 377 -1.82 -21.66 -5.05
C ALA D 377 -1.14 -23.01 -5.12
N PHE D 378 -1.41 -23.83 -4.10
CA PHE D 378 -0.93 -25.21 -4.03
C PHE D 378 0.57 -25.29 -4.31
N GLU D 379 0.99 -26.01 -5.36
CA GLU D 379 2.43 -26.24 -5.53
C GLU D 379 3.20 -25.14 -6.24
N LEU D 380 2.54 -24.05 -6.69
CA LEU D 380 3.30 -23.03 -7.40
C LEU D 380 2.76 -21.65 -7.24
N ASN D 381 3.65 -20.69 -6.92
CA ASN D 381 3.27 -19.30 -6.95
C ASN D 381 3.52 -18.79 -8.37
N VAL D 382 2.48 -18.30 -9.05
CA VAL D 382 2.52 -17.87 -10.45
C VAL D 382 2.57 -16.33 -10.60
N TYR D 383 3.31 -15.66 -9.72
CA TYR D 383 3.51 -14.21 -9.86
C TYR D 383 5.00 -13.92 -9.97
N ILE D 384 5.83 -14.94 -10.27
CA ILE D 384 7.29 -14.79 -10.21
C ILE D 384 7.81 -13.67 -11.17
N PRO D 385 7.42 -13.60 -12.47
CA PRO D 385 8.02 -12.58 -13.34
C PRO D 385 7.71 -11.17 -12.83
N MET D 386 6.46 -10.92 -12.33
CA MET D 386 6.09 -9.62 -11.80
C MET D 386 6.90 -9.34 -10.52
N MET D 387 6.98 -10.34 -9.60
CA MET D 387 7.73 -10.12 -8.34
C MET D 387 9.19 -9.88 -8.64
N ALA D 388 9.78 -10.65 -9.58
CA ALA D 388 11.20 -10.46 -9.97
C ALA D 388 11.43 -9.06 -10.53
N ARG D 389 10.56 -8.60 -11.43
CA ARG D 389 10.72 -7.26 -12.00
C ARG D 389 10.80 -6.22 -10.88
N ASN D 390 9.85 -6.30 -9.95
CA ASN D 390 9.74 -5.29 -8.89
C ASN D 390 10.88 -5.34 -7.89
N ILE D 391 11.26 -6.52 -7.41
CA ILE D 391 12.35 -6.56 -6.43
C ILE D 391 13.69 -6.16 -7.06
N LEU D 392 13.95 -6.61 -8.29
CA LEU D 392 15.24 -6.29 -8.91
C LEU D 392 15.32 -4.79 -9.26
N GLU D 393 14.18 -4.19 -9.63
CA GLU D 393 14.17 -2.76 -9.85
C GLU D 393 14.44 -1.99 -8.54
N SER D 394 13.80 -2.40 -7.44
CA SER D 394 14.00 -1.74 -6.13
C SER D 394 15.49 -1.80 -5.75
N PHE D 395 16.13 -2.98 -5.92
CA PHE D 395 17.56 -3.10 -5.64
C PHE D 395 18.37 -2.13 -6.49
N LYS D 396 18.08 -2.08 -7.80
CA LYS D 396 18.83 -1.22 -8.74
C LYS D 396 18.66 0.25 -8.41
N LEU D 397 17.40 0.70 -8.23
CA LEU D 397 17.14 2.12 -7.94
C LEU D 397 17.84 2.55 -6.66
N LEU D 398 17.71 1.73 -5.58
CA LEU D 398 18.34 2.09 -4.30
C LEU D 398 19.86 2.13 -4.41
N THR D 399 20.44 1.16 -5.13
CA THR D 399 21.89 1.10 -5.31
C THR D 399 22.38 2.34 -6.00
N ASN D 400 21.79 2.65 -7.15
CA ASN D 400 22.26 3.78 -7.96
C ASN D 400 22.02 5.12 -7.31
N VAL D 401 20.86 5.33 -6.67
CA VAL D 401 20.60 6.62 -6.07
C VAL D 401 21.39 6.81 -4.78
N SER D 402 21.69 5.72 -4.02
CA SER D 402 22.49 5.85 -2.80
C SER D 402 23.92 6.30 -3.16
N ARG D 403 24.50 5.74 -4.24
CA ARG D 403 25.84 6.17 -4.64
C ARG D 403 25.83 7.62 -5.11
N LEU D 404 24.83 8.01 -5.90
CA LEU D 404 24.77 9.40 -6.38
C LEU D 404 24.55 10.37 -5.22
N PHE D 405 23.73 9.97 -4.27
CA PHE D 405 23.41 10.80 -3.12
C PHE D 405 24.70 11.02 -2.29
N ALA D 406 25.47 9.97 -2.08
CA ALA D 406 26.73 10.06 -1.35
C ALA D 406 27.74 10.97 -2.05
N GLN D 407 27.92 10.74 -3.36
CA GLN D 407 28.96 11.42 -4.16
C GLN D 407 28.64 12.83 -4.62
N ARG D 408 27.41 13.05 -5.06
CA ARG D 408 27.01 14.34 -5.64
C ARG D 408 26.29 15.25 -4.70
N CYS D 409 26.02 14.78 -3.50
CA CYS D 409 25.30 15.59 -2.54
C CYS D 409 26.01 15.61 -1.16
N ILE D 410 26.01 14.50 -0.44
CA ILE D 410 26.55 14.44 0.93
C ILE D 410 27.99 14.91 1.00
N ALA D 411 28.86 14.35 0.14
CA ALA D 411 30.29 14.63 0.19
C ALA D 411 30.61 16.15 0.15
N GLY D 412 29.87 16.92 -0.65
CA GLY D 412 30.13 18.34 -0.81
C GLY D 412 29.33 19.30 0.06
N LEU D 413 28.51 18.79 1.01
CA LEU D 413 27.71 19.72 1.82
C LEU D 413 28.60 20.66 2.62
N THR D 414 28.17 21.90 2.77
CA THR D 414 28.92 22.86 3.61
C THR D 414 27.96 23.42 4.64
N ALA D 415 28.44 23.62 5.87
CA ALA D 415 27.59 24.12 6.94
C ALA D 415 27.74 25.61 7.13
N ASN D 416 26.63 26.30 7.45
CA ASN D 416 26.65 27.75 7.75
C ASN D 416 26.84 27.87 9.25
N VAL D 417 28.07 27.61 9.69
CA VAL D 417 28.46 27.48 11.09
C VAL D 417 28.05 28.68 11.95
N GLU D 418 28.46 29.91 11.55
CA GLU D 418 28.17 31.11 12.34
C GLU D 418 26.67 31.36 12.50
N HIS D 419 25.90 31.17 11.40
CA HIS D 419 24.43 31.33 11.38
C HIS D 419 23.78 30.34 12.37
N LEU D 420 24.23 29.09 12.33
CA LEU D 420 23.70 28.01 13.19
C LEU D 420 23.97 28.31 14.67
N ARG D 421 25.20 28.72 15.00
CA ARG D 421 25.54 29.01 16.38
C ARG D 421 24.78 30.26 16.89
N ARG D 422 24.63 31.30 16.05
CA ARG D 422 23.94 32.54 16.46
C ARG D 422 22.50 32.26 16.84
N LEU D 423 21.78 31.44 16.02
CA LEU D 423 20.38 31.07 16.31
C LEU D 423 20.32 30.28 17.62
N ALA D 424 21.27 29.31 17.80
CA ALA D 424 21.31 28.52 19.03
C ALA D 424 21.51 29.43 20.24
N GLU D 425 22.41 30.41 20.14
CA GLU D 425 22.72 31.32 21.26
C GLU D 425 21.63 32.35 21.52
N SER D 426 20.64 32.46 20.62
CA SER D 426 19.54 33.42 20.74
C SER D 426 18.22 32.75 21.13
N SER D 427 18.27 31.43 21.34
CA SER D 427 17.09 30.63 21.61
C SER D 427 16.52 30.77 23.03
N PRO D 428 15.21 31.04 23.17
CA PRO D 428 14.59 30.99 24.50
C PRO D 428 14.75 29.63 25.20
N SER D 429 14.99 28.54 24.42
CA SER D 429 15.18 27.19 24.98
C SER D 429 16.44 27.07 25.86
N ILE D 430 17.39 28.02 25.75
CA ILE D 430 18.64 27.94 26.53
C ILE D 430 18.61 28.80 27.83
N VAL D 431 17.45 29.37 28.19
CA VAL D 431 17.36 30.19 29.42
C VAL D 431 17.22 29.32 30.67
N THR D 432 16.71 28.07 30.52
CA THR D 432 16.50 27.11 31.62
C THR D 432 17.75 27.04 32.55
N PRO D 433 19.02 26.92 32.06
CA PRO D 433 20.16 26.88 32.99
C PRO D 433 20.41 28.17 33.78
N LEU D 434 19.69 29.27 33.48
CA LEU D 434 19.81 30.52 34.24
C LEU D 434 18.91 30.51 35.49
N ASN D 435 17.84 29.69 35.49
CA ASN D 435 16.81 29.59 36.56
C ASN D 435 17.37 29.56 37.98
N SER D 436 18.42 28.74 38.23
CA SER D 436 19.00 28.61 39.57
C SER D 436 19.76 29.87 40.04
N ALA D 437 20.04 30.82 39.14
CA ALA D 437 20.74 32.05 39.50
C ALA D 437 19.81 33.27 39.55
N ILE D 438 18.91 33.44 38.56
CA ILE D 438 18.05 34.63 38.45
C ILE D 438 16.55 34.37 38.65
N GLY D 439 16.11 33.11 38.64
CA GLY D 439 14.70 32.77 38.82
C GLY D 439 13.94 32.58 37.53
N TYR D 440 12.84 31.79 37.58
CA TYR D 440 11.98 31.46 36.43
C TYR D 440 11.42 32.70 35.73
N GLU D 441 10.89 33.67 36.51
CA GLU D 441 10.28 34.91 36.03
C GLU D 441 11.28 35.78 35.26
N GLU D 442 12.49 36.00 35.79
CA GLU D 442 13.51 36.83 35.15
C GLU D 442 14.08 36.10 33.92
N ALA D 443 14.20 34.76 33.96
CA ALA D 443 14.68 33.99 32.82
C ALA D 443 13.68 34.08 31.67
N ALA D 444 12.36 34.06 31.97
CA ALA D 444 11.32 34.21 30.95
C ALA D 444 11.33 35.65 30.40
N ALA D 445 11.57 36.66 31.27
CA ALA D 445 11.71 38.06 30.87
C ALA D 445 12.92 38.24 29.93
N VAL D 446 14.05 37.54 30.23
CA VAL D 446 15.26 37.53 29.39
C VAL D 446 14.90 36.92 28.02
N ALA D 447 14.17 35.78 28.02
CA ALA D 447 13.75 35.10 26.80
C ALA D 447 12.86 36.01 25.94
N LYS D 448 11.89 36.72 26.58
CA LYS D 448 10.97 37.61 25.89
C LYS D 448 11.72 38.82 25.25
N GLN D 449 12.66 39.44 25.99
CA GLN D 449 13.43 40.57 25.49
C GLN D 449 14.40 40.16 24.37
N ALA D 450 15.08 39.00 24.50
CA ALA D 450 16.01 38.54 23.46
C ALA D 450 15.30 38.42 22.10
N LEU D 451 14.10 37.81 22.08
CA LEU D 451 13.29 37.68 20.87
C LEU D 451 12.87 39.05 20.33
N LYS D 452 12.46 39.97 21.22
CA LYS D 452 12.02 41.31 20.85
C LYS D 452 13.14 42.14 20.19
N GLU D 453 14.36 42.10 20.75
CA GLU D 453 15.51 42.88 20.28
C GLU D 453 16.41 42.12 19.28
N ARG D 454 16.06 40.86 18.94
CA ARG D 454 16.80 39.95 18.02
C ARG D 454 18.26 39.78 18.49
N LYS D 455 18.45 39.64 19.80
CA LYS D 455 19.77 39.50 20.41
C LYS D 455 19.96 38.11 20.97
N THR D 456 21.21 37.78 21.32
CA THR D 456 21.52 36.49 21.96
C THR D 456 21.02 36.54 23.40
N ILE D 457 20.82 35.36 24.04
CA ILE D 457 20.42 35.34 25.44
C ILE D 457 21.54 36.01 26.28
N ARG D 458 22.82 35.73 25.93
CA ARG D 458 23.97 36.29 26.62
C ARG D 458 23.92 37.82 26.63
N GLN D 459 23.73 38.46 25.45
CA GLN D 459 23.69 39.94 25.38
C GLN D 459 22.50 40.51 26.15
N THR D 460 21.36 39.78 26.14
CA THR D 460 20.14 40.20 26.85
C THR D 460 20.37 40.17 28.37
N VAL D 461 21.11 39.16 28.89
CA VAL D 461 21.42 39.10 30.33
C VAL D 461 22.23 40.33 30.72
N ILE D 462 23.27 40.65 29.91
CA ILE D 462 24.17 41.80 30.13
C ILE D 462 23.36 43.12 30.04
N ASP D 463 22.50 43.28 29.00
CA ASP D 463 21.69 44.47 28.78
C ASP D 463 20.71 44.74 29.92
N ARG D 464 20.20 43.69 30.59
CA ARG D 464 19.26 43.82 31.72
C ARG D 464 20.00 44.03 33.04
N GLY D 465 21.33 44.14 32.98
CA GLY D 465 22.21 44.38 34.12
C GLY D 465 22.17 43.30 35.17
N LEU D 466 22.06 42.03 34.73
CA LEU D 466 21.97 40.90 35.65
C LEU D 466 23.35 40.39 36.11
N ILE D 467 24.44 40.90 35.51
CA ILE D 467 25.80 40.51 35.90
C ILE D 467 26.15 41.22 37.21
N GLY D 468 26.60 40.44 38.20
CA GLY D 468 26.98 40.93 39.52
C GLY D 468 27.53 39.85 40.44
N ASP D 469 27.24 39.96 41.76
CA ASP D 469 27.69 39.00 42.79
C ASP D 469 26.99 37.65 42.62
N ARG D 470 25.66 37.69 42.35
CA ARG D 470 24.83 36.50 42.15
C ARG D 470 25.19 35.75 40.86
N LEU D 471 25.62 36.48 39.80
CA LEU D 471 25.96 35.88 38.51
C LEU D 471 27.12 36.61 37.80
N SER D 472 28.31 35.99 37.78
CA SER D 472 29.48 36.54 37.08
C SER D 472 29.39 36.29 35.58
N ILE D 473 30.23 36.98 34.77
CA ILE D 473 30.27 36.79 33.31
C ILE D 473 30.77 35.36 32.99
N GLU D 474 31.66 34.81 33.84
CA GLU D 474 32.21 33.46 33.69
C GLU D 474 31.14 32.42 33.94
N ASP D 475 30.31 32.61 35.01
CA ASP D 475 29.21 31.72 35.36
C ASP D 475 28.16 31.75 34.24
N LEU D 476 27.86 32.96 33.71
CA LEU D 476 26.89 33.14 32.60
C LEU D 476 27.34 32.38 31.35
N ASP D 477 28.64 32.48 30.98
CA ASP D 477 29.15 31.78 29.78
C ASP D 477 29.19 30.26 29.98
N ARG D 478 29.27 29.78 31.24
CA ARG D 478 29.20 28.35 31.54
C ARG D 478 27.76 27.88 31.43
N ARG D 479 26.83 28.65 32.02
CA ARG D 479 25.40 28.34 31.98
C ARG D 479 24.83 28.37 30.55
N LEU D 480 25.33 29.29 29.70
CA LEU D 480 24.81 29.44 28.33
C LEU D 480 25.70 28.78 27.28
N ASP D 481 26.60 27.87 27.70
CA ASP D 481 27.47 27.17 26.75
C ASP D 481 26.61 26.18 25.96
N VAL D 482 26.19 26.57 24.76
CA VAL D 482 25.28 25.78 23.93
C VAL D 482 25.91 24.45 23.46
N LEU D 483 27.23 24.42 23.20
CA LEU D 483 27.87 23.17 22.80
C LEU D 483 27.83 22.16 23.96
N ALA D 484 28.07 22.62 25.20
CA ALA D 484 27.97 21.77 26.39
C ALA D 484 26.52 21.26 26.56
N MET D 485 25.51 22.11 26.27
CA MET D 485 24.08 21.74 26.33
C MET D 485 23.74 20.63 25.35
N ALA D 486 24.41 20.60 24.19
CA ALA D 486 24.23 19.57 23.17
C ALA D 486 24.91 18.27 23.62
N LYS D 487 25.80 18.36 24.65
CA LYS D 487 26.55 17.25 25.24
C LYS D 487 27.48 16.62 24.18
#